data_6CK1
#
_entry.id   6CK1
#
_cell.length_a   89.510
_cell.length_b   96.380
_cell.length_c   175.520
_cell.angle_alpha   90.00
_cell.angle_beta   90.00
_cell.angle_gamma   90.00
#
_symmetry.space_group_name_H-M   'P 21 21 21'
#
loop_
_entity.id
_entity.type
_entity.pdbx_description
1 polymer 'A1B2F4 protein'
2 non-polymer 'ZINC ION'
3 non-polymer DI(HYDROXYETHYL)ETHER
4 water water
#
_entity_poly.entity_id   1
_entity_poly.type   'polypeptide(L)'
_entity_poly.pdbx_seq_one_letter_code
;MLRHLAGASALALTLAGAGFAQDHDHDHEDVTLYRVFVGDHEKGQVTAFDLAEPDHRWTFPTTGQVKLYSVAGGAVVAAV
QSDADTVQFIRSGISFHDHGDHRDIEVGDPAAIDASLTGPRPFHLVEHDGKVVLNYDQGGYAEILDGHALAEGKAEPGRF
PQARAHHGFVAPLGGNWLSTVASDEKVEGDASVPRLGLQAFDAEGNPAGNLATCTGIHGEAFSGAYLAAGCKEGVLTVKA
GANGSEYKLLPYPADLPQGVTTGTLLGSTGIQVFLGNYGPDGLVVIDPVDEPHYRYIKLPFRRVDFALDPAKPSTGYVLT
EDGSLHRIDLLKAEIVASAKVTEPYSMDGHWNDPRPRIAMAGDEIVVTDPNAGLVRRIATEDLSERGTVPVEGKPYNIAV
TGGSGVTH
;
_entity_poly.pdbx_strand_id   B,A,C,D
#
loop_
_chem_comp.id
_chem_comp.type
_chem_comp.name
_chem_comp.formula
PEG non-polymer DI(HYDROXYETHYL)ETHER 'C4 H10 O3'
ZN non-polymer 'ZINC ION' 'Zn 2'
#
# COMPACT_ATOMS: atom_id res chain seq x y z
N VAL A 31 19.36 36.27 13.58
CA VAL A 31 18.68 36.71 14.79
C VAL A 31 17.52 35.77 15.18
N THR A 32 17.43 35.46 16.48
CA THR A 32 16.32 34.72 17.04
C THR A 32 15.68 35.53 18.14
N LEU A 33 14.36 35.59 18.15
CA LEU A 33 13.64 36.41 19.11
C LEU A 33 12.27 35.81 19.37
N TYR A 34 12.04 35.38 20.61
CA TYR A 34 10.74 34.93 21.08
C TYR A 34 10.14 35.99 22.00
N ARG A 35 8.88 36.31 21.76
CA ARG A 35 8.15 37.29 22.57
C ARG A 35 6.97 36.60 23.22
N VAL A 36 6.91 36.62 24.56
CA VAL A 36 5.91 35.89 25.33
C VAL A 36 4.77 36.84 25.68
N PHE A 37 3.53 36.33 25.57
CA PHE A 37 2.34 37.10 25.94
C PHE A 37 1.58 36.36 27.03
N VAL A 38 1.37 37.03 28.16
CA VAL A 38 0.81 36.39 29.34
C VAL A 38 -0.41 37.17 29.80
N GLY A 39 -1.53 36.47 29.95
CA GLY A 39 -2.73 37.07 30.50
C GLY A 39 -2.86 36.83 32.00
N ASP A 40 -3.62 37.70 32.66
CA ASP A 40 -3.91 37.58 34.07
C ASP A 40 -5.14 36.72 34.30
N HIS A 41 -5.22 36.12 35.48
CA HIS A 41 -6.41 35.32 35.74
C HIS A 41 -7.65 36.18 36.01
N GLU A 42 -7.48 37.35 36.62
CA GLU A 42 -8.61 38.21 37.01
C GLU A 42 -8.68 39.47 36.17
N LYS A 43 -7.61 40.24 36.10
CA LYS A 43 -7.64 41.52 35.42
C LYS A 43 -7.53 41.35 33.90
N GLY A 44 -8.13 42.28 33.19
CA GLY A 44 -8.00 42.35 31.76
C GLY A 44 -6.67 42.95 31.37
N GLN A 45 -5.63 42.12 31.34
CA GLN A 45 -4.27 42.62 31.16
C GLN A 45 -3.42 41.54 30.49
N VAL A 46 -2.67 41.95 29.49
CA VAL A 46 -1.71 41.11 28.81
C VAL A 46 -0.34 41.72 29.01
N THR A 47 0.61 40.92 29.48
CA THR A 47 1.98 41.35 29.62
C THR A 47 2.77 40.70 28.50
N ALA A 48 3.52 41.49 27.75
CA ALA A 48 4.37 40.98 26.70
C ALA A 48 5.83 41.23 27.07
N PHE A 49 6.71 40.27 26.81
CA PHE A 49 8.13 40.51 27.09
C PHE A 49 8.97 39.65 26.17
N ASP A 50 10.13 40.18 25.83
CA ASP A 50 11.13 39.42 25.09
C ASP A 50 11.67 38.30 25.96
N LEU A 51 11.65 37.07 25.45
CA LEU A 51 12.07 35.93 26.26
C LEU A 51 13.52 36.09 26.73
N ALA A 52 14.40 36.49 25.81
CA ALA A 52 15.82 36.59 26.10
C ALA A 52 16.17 37.82 26.94
N GLU A 53 15.28 38.81 27.02
CA GLU A 53 15.49 39.94 27.94
C GLU A 53 14.17 40.41 28.52
N PRO A 54 13.73 39.77 29.60
CA PRO A 54 12.38 40.03 30.12
C PRO A 54 12.14 41.45 30.59
N ASP A 55 13.19 42.30 30.65
CA ASP A 55 12.95 43.69 30.97
C ASP A 55 12.43 44.48 29.76
N HIS A 56 12.55 43.93 28.55
CA HIS A 56 11.90 44.51 27.38
C HIS A 56 10.47 44.02 27.40
N ARG A 57 9.56 44.82 27.97
CA ARG A 57 8.20 44.35 28.18
C ARG A 57 7.20 45.47 27.99
N TRP A 58 5.94 45.09 27.76
CA TRP A 58 4.85 46.00 27.48
C TRP A 58 3.58 45.43 28.12
N THR A 59 2.62 46.31 28.43
CA THR A 59 1.38 45.90 29.07
C THR A 59 0.22 46.41 28.22
N PHE A 60 -0.81 45.57 28.06
CA PHE A 60 -1.98 45.94 27.26
C PHE A 60 -3.26 45.68 28.05
N PRO A 61 -4.14 46.65 28.16
CA PRO A 61 -5.39 46.41 28.87
C PRO A 61 -6.38 45.70 27.97
N THR A 62 -7.25 44.91 28.58
CA THR A 62 -8.32 44.25 27.84
C THR A 62 -9.60 44.38 28.64
N THR A 63 -10.71 44.05 27.99
CA THR A 63 -12.00 44.15 28.64
C THR A 63 -12.12 43.17 29.81
N GLY A 64 -11.60 41.96 29.65
CA GLY A 64 -11.70 40.94 30.69
C GLY A 64 -10.60 39.88 30.57
N GLN A 65 -10.81 38.76 31.27
CA GLN A 65 -9.84 37.65 31.31
C GLN A 65 -9.59 37.07 29.92
N VAL A 66 -8.31 36.89 29.58
CA VAL A 66 -7.93 36.55 28.21
C VAL A 66 -7.55 35.08 28.10
N LYS A 67 -7.89 34.50 26.96
CA LYS A 67 -7.31 33.29 26.42
C LYS A 67 -6.60 33.67 25.13
N LEU A 68 -5.32 33.34 25.01
CA LEU A 68 -4.43 33.91 24.03
C LEU A 68 -4.11 32.89 22.93
N TYR A 69 -4.08 33.37 21.70
CA TYR A 69 -3.76 32.53 20.54
C TYR A 69 -2.80 33.30 19.65
N SER A 70 -1.69 32.67 19.30
CA SER A 70 -0.78 33.20 18.30
C SER A 70 -1.36 32.90 16.93
N VAL A 71 -1.53 33.93 16.11
CA VAL A 71 -2.27 33.85 14.87
C VAL A 71 -1.50 34.58 13.77
N ALA A 72 -1.86 34.31 12.53
CA ALA A 72 -1.19 34.93 11.38
C ALA A 72 0.31 34.71 11.43
N GLY A 73 0.72 33.46 11.64
CA GLY A 73 2.13 33.12 11.66
C GLY A 73 2.93 33.74 12.79
N GLY A 74 2.26 34.20 13.85
CA GLY A 74 2.93 34.86 14.93
C GLY A 74 2.95 36.38 14.85
N ALA A 75 2.38 36.96 13.78
CA ALA A 75 2.34 38.42 13.69
C ALA A 75 1.29 39.04 14.60
N VAL A 76 0.30 38.28 15.02
CA VAL A 76 -0.83 38.81 15.78
C VAL A 76 -1.14 37.87 16.95
N VAL A 77 -1.47 38.44 18.11
CA VAL A 77 -2.01 37.67 19.22
C VAL A 77 -3.50 37.99 19.36
N ALA A 78 -4.34 36.96 19.33
CA ALA A 78 -5.76 37.09 19.56
C ALA A 78 -6.01 36.84 21.04
N ALA A 79 -6.76 37.73 21.67
CA ALA A 79 -7.10 37.62 23.09
C ALA A 79 -8.61 37.45 23.19
N VAL A 80 -9.08 36.20 23.17
CA VAL A 80 -10.50 35.93 23.32
C VAL A 80 -10.85 36.08 24.78
N GLN A 81 -11.92 36.83 25.06
CA GLN A 81 -12.39 37.12 26.42
C GLN A 81 -13.84 36.66 26.53
N SER A 82 -14.02 35.36 26.81
CA SER A 82 -15.36 34.76 26.74
C SER A 82 -16.30 35.39 27.76
N ASP A 83 -15.86 35.53 29.00
CA ASP A 83 -16.74 36.12 30.00
C ASP A 83 -17.06 37.57 29.68
N ALA A 84 -16.18 38.26 28.94
CA ALA A 84 -16.33 39.69 28.66
C ALA A 84 -16.87 40.00 27.25
N ASP A 85 -17.37 39.00 26.52
CA ASP A 85 -17.99 39.23 25.20
C ASP A 85 -17.10 40.02 24.25
N THR A 86 -15.79 39.81 24.32
CA THR A 86 -14.87 40.60 23.52
C THR A 86 -13.76 39.74 22.93
N VAL A 87 -13.29 40.12 21.75
CA VAL A 87 -12.05 39.58 21.24
C VAL A 87 -11.21 40.77 20.82
N GLN A 88 -10.02 40.88 21.37
CA GLN A 88 -9.08 41.92 21.01
C GLN A 88 -7.84 41.28 20.42
N PHE A 89 -7.10 42.09 19.68
CA PHE A 89 -5.91 41.66 18.99
C PHE A 89 -4.76 42.59 19.33
N ILE A 90 -3.57 42.02 19.35
CA ILE A 90 -2.35 42.74 19.60
C ILE A 90 -1.37 42.38 18.50
N ARG A 91 -0.76 43.39 17.87
CA ARG A 91 0.27 43.14 16.87
C ARG A 91 1.53 42.69 17.56
N SER A 92 2.18 41.68 16.99
CA SER A 92 3.14 40.87 17.74
C SER A 92 4.26 41.73 18.37
N GLY A 93 4.88 42.64 17.65
CA GLY A 93 4.92 42.74 16.22
C GLY A 93 6.28 42.23 15.77
N ILE A 94 6.32 40.92 15.58
CA ILE A 94 7.38 40.21 14.89
C ILE A 94 6.76 39.65 13.62
N SER A 95 7.32 39.99 12.47
CA SER A 95 6.83 39.44 11.20
C SER A 95 7.99 38.81 10.45
N PHE A 96 7.71 37.67 9.82
CA PHE A 96 8.66 36.98 8.96
C PHE A 96 8.24 37.18 7.51
N HIS A 97 9.15 37.76 6.71
CA HIS A 97 8.96 37.92 5.28
C HIS A 97 9.79 36.81 4.61
N ASP A 98 9.19 35.62 4.53
CA ASP A 98 9.82 34.47 3.90
C ASP A 98 10.34 34.91 2.53
N HIS A 99 11.46 35.63 2.57
CA HIS A 99 11.97 36.50 1.51
C HIS A 99 10.87 37.10 0.65
N HIS A 102 15.63 29.77 4.74
CA HIS A 102 15.74 31.21 4.55
C HIS A 102 14.41 31.90 4.89
N ARG A 103 14.49 33.15 5.35
CA ARG A 103 13.35 33.86 5.91
C ARG A 103 13.82 35.10 6.66
N ASP A 104 13.25 36.26 6.34
CA ASP A 104 13.66 37.52 6.95
C ASP A 104 12.77 37.82 8.16
N ILE A 105 13.38 38.36 9.21
CA ILE A 105 12.66 38.70 10.44
C ILE A 105 12.69 40.21 10.65
N GLU A 106 11.52 40.80 10.84
CA GLU A 106 11.41 42.20 11.19
C GLU A 106 10.84 42.34 12.59
N VAL A 107 11.44 43.23 13.38
CA VAL A 107 11.11 43.36 14.79
C VAL A 107 10.80 44.80 15.12
N GLY A 108 9.65 45.01 15.73
CA GLY A 108 9.31 46.30 16.31
C GLY A 108 8.52 46.04 17.58
N ASP A 109 8.16 47.12 18.26
CA ASP A 109 7.39 46.96 19.48
C ASP A 109 6.02 46.35 19.16
N PRO A 110 5.46 45.58 20.09
CA PRO A 110 4.07 45.16 19.94
C PRO A 110 3.14 46.35 20.12
N ALA A 111 1.96 46.24 19.53
CA ALA A 111 1.01 47.35 19.58
C ALA A 111 -0.41 46.82 19.51
N ALA A 112 -1.28 47.39 20.34
CA ALA A 112 -2.68 47.00 20.30
C ALA A 112 -3.28 47.34 18.94
N ILE A 113 -4.18 46.47 18.47
CA ILE A 113 -5.09 46.82 17.38
C ILE A 113 -6.34 47.41 18.01
N ASP A 114 -6.73 48.62 17.56
CA ASP A 114 -7.80 49.34 18.23
C ASP A 114 -9.17 48.74 17.89
N ALA A 115 -9.32 48.16 16.71
CA ALA A 115 -10.55 47.48 16.34
C ALA A 115 -10.66 46.12 17.07
N SER A 116 -11.79 45.89 17.69
CA SER A 116 -12.01 44.67 18.43
C SER A 116 -13.36 44.09 18.01
N LEU A 117 -13.61 42.84 18.39
CA LEU A 117 -14.87 42.18 18.14
C LEU A 117 -15.65 42.09 19.44
N THR A 118 -16.96 42.25 19.36
CA THR A 118 -17.77 42.03 20.54
C THR A 118 -18.99 41.24 20.08
N GLY A 119 -19.48 40.38 20.97
CA GLY A 119 -20.58 39.51 20.64
C GLY A 119 -20.80 38.58 21.80
N PRO A 120 -21.85 37.77 21.76
CA PRO A 120 -22.19 36.94 22.93
C PRO A 120 -21.30 35.71 23.12
N ARG A 121 -20.41 35.81 24.09
CA ARG A 121 -19.58 34.71 24.54
C ARG A 121 -18.77 34.09 23.39
N PRO A 122 -17.90 34.85 22.76
CA PRO A 122 -16.91 34.25 21.86
C PRO A 122 -16.05 33.26 22.64
N PHE A 123 -15.73 32.13 22.01
CA PHE A 123 -14.94 31.12 22.69
C PHE A 123 -13.93 30.45 21.75
N HIS A 124 -14.30 29.34 21.12
CA HIS A 124 -13.28 28.60 20.38
C HIS A 124 -12.85 29.33 19.11
N LEU A 125 -11.54 29.33 18.91
CA LEU A 125 -10.89 29.99 17.79
C LEU A 125 -10.22 28.91 16.97
N VAL A 126 -10.40 28.97 15.66
CA VAL A 126 -9.76 28.04 14.73
C VAL A 126 -9.04 28.88 13.68
N GLU A 127 -7.82 28.52 13.37
CA GLU A 127 -7.09 29.17 12.28
C GLU A 127 -6.67 28.14 11.25
N HIS A 128 -7.03 28.38 9.98
CA HIS A 128 -6.63 27.45 8.92
C HIS A 128 -6.92 28.10 7.57
N ASP A 129 -6.07 27.77 6.58
CA ASP A 129 -6.23 28.30 5.21
C ASP A 129 -6.29 29.82 5.21
N GLY A 130 -5.47 30.45 6.07
CA GLY A 130 -5.44 31.91 6.15
C GLY A 130 -6.64 32.55 6.82
N LYS A 131 -7.50 31.77 7.45
CA LYS A 131 -8.69 32.31 8.08
C LYS A 131 -8.64 32.06 9.59
N VAL A 132 -9.09 33.04 10.37
CA VAL A 132 -9.28 32.92 11.82
C VAL A 132 -10.77 33.03 12.08
N VAL A 133 -11.33 32.02 12.75
CA VAL A 133 -12.78 31.89 12.89
C VAL A 133 -13.15 31.76 14.37
N LEU A 134 -14.06 32.59 14.83
CA LEU A 134 -14.44 32.69 16.23
C LEU A 134 -15.89 32.25 16.41
N ASN A 135 -16.11 31.30 17.29
CA ASN A 135 -17.44 30.80 17.58
C ASN A 135 -18.08 31.60 18.72
N TYR A 136 -19.25 32.20 18.47
CA TYR A 136 -19.98 32.88 19.55
C TYR A 136 -20.99 31.93 20.18
N ASP A 137 -20.64 31.40 21.36
CA ASP A 137 -21.41 30.33 21.98
C ASP A 137 -22.85 30.73 22.25
N GLN A 138 -23.11 32.02 22.51
CA GLN A 138 -24.46 32.48 22.79
C GLN A 138 -25.02 33.33 21.66
N GLY A 139 -24.45 33.24 20.47
CA GLY A 139 -24.93 34.07 19.38
C GLY A 139 -25.45 33.25 18.23
N GLY A 140 -25.11 31.97 18.20
CA GLY A 140 -25.53 31.20 17.04
C GLY A 140 -24.92 31.64 15.74
N TYR A 141 -23.70 32.18 15.78
CA TYR A 141 -22.92 32.46 14.58
C TYR A 141 -21.45 32.41 14.93
N ALA A 142 -20.62 32.42 13.89
CA ALA A 142 -19.19 32.56 14.02
C ALA A 142 -18.73 33.74 13.19
N GLU A 143 -17.56 34.27 13.53
CA GLU A 143 -16.98 35.38 12.81
C GLU A 143 -15.69 34.92 12.13
N ILE A 144 -15.57 35.25 10.85
CA ILE A 144 -14.43 34.86 10.01
C ILE A 144 -13.58 36.10 9.75
N LEU A 145 -12.30 36.01 10.08
CA LEU A 145 -11.35 37.08 9.79
C LEU A 145 -10.27 36.56 8.89
N ASP A 146 -9.84 37.41 7.96
CA ASP A 146 -8.74 37.05 7.09
C ASP A 146 -7.43 37.30 7.83
N GLY A 147 -6.60 36.26 7.90
CA GLY A 147 -5.36 36.36 8.68
C GLY A 147 -4.46 37.48 8.20
N HIS A 148 -4.33 37.63 6.88
CA HIS A 148 -3.49 38.64 6.30
C HIS A 148 -3.95 40.04 6.69
N ALA A 149 -5.27 40.28 6.67
CA ALA A 149 -5.79 41.58 7.07
C ALA A 149 -5.44 41.87 8.52
N LEU A 150 -5.56 40.85 9.39
CA LEU A 150 -5.16 41.01 10.79
C LEU A 150 -3.70 41.43 10.89
N ALA A 151 -2.82 40.78 10.14
CA ALA A 151 -1.40 41.08 10.20
C ALA A 151 -1.09 42.51 9.76
N GLU A 152 -1.94 43.10 8.92
CA GLU A 152 -1.82 44.50 8.55
C GLU A 152 -2.75 45.41 9.37
N GLY A 153 -3.34 44.89 10.45
CA GLY A 153 -4.02 45.72 11.41
C GLY A 153 -5.51 45.90 11.26
N LYS A 154 -6.18 45.07 10.47
CA LYS A 154 -7.62 45.21 10.24
C LYS A 154 -8.37 44.00 10.79
N ALA A 155 -9.50 44.28 11.43
CA ALA A 155 -10.35 43.27 12.06
C ALA A 155 -11.77 43.48 11.56
N GLU A 156 -11.99 43.15 10.28
CA GLU A 156 -13.34 43.25 9.74
C GLU A 156 -13.86 41.84 9.49
N PRO A 157 -14.75 41.33 10.32
CA PRO A 157 -15.19 39.94 10.21
C PRO A 157 -16.36 39.75 9.25
N GLY A 158 -16.46 38.52 8.74
CA GLY A 158 -17.68 38.06 8.10
C GLY A 158 -18.46 37.14 9.02
N ARG A 159 -19.79 37.16 8.89
CA ARG A 159 -20.66 36.36 9.75
C ARG A 159 -21.00 35.05 9.07
N PHE A 160 -20.71 33.94 9.75
CA PHE A 160 -21.14 32.60 9.35
C PHE A 160 -22.34 32.20 10.19
N PRO A 161 -23.51 31.95 9.61
CA PRO A 161 -24.71 31.66 10.43
C PRO A 161 -24.78 30.20 10.85
N GLN A 162 -25.30 29.96 12.05
CA GLN A 162 -25.52 28.60 12.54
C GLN A 162 -26.99 28.40 12.90
N ALA A 163 -27.43 27.14 12.82
CA ALA A 163 -28.83 26.86 13.13
C ALA A 163 -29.19 27.20 14.58
N ARG A 164 -28.25 27.06 15.50
CA ARG A 164 -28.58 27.28 16.91
C ARG A 164 -27.30 27.54 17.71
N ALA A 165 -27.44 28.40 18.71
CA ALA A 165 -26.32 28.79 19.54
C ALA A 165 -25.82 27.61 20.35
N HIS A 166 -24.50 27.46 20.43
CA HIS A 166 -23.93 26.38 21.21
C HIS A 166 -22.43 26.57 21.38
N HIS A 167 -21.85 25.71 22.22
CA HIS A 167 -20.40 25.75 22.46
C HIS A 167 -19.74 24.90 21.38
N GLY A 168 -19.35 25.54 20.29
CA GLY A 168 -18.85 24.80 19.15
C GLY A 168 -17.67 25.47 18.52
N PHE A 169 -17.39 25.11 17.27
CA PHE A 169 -16.31 25.71 16.50
C PHE A 169 -16.65 25.61 15.02
N VAL A 170 -15.97 26.44 14.21
CA VAL A 170 -16.14 26.46 12.75
C VAL A 170 -14.76 26.44 12.12
N ALA A 171 -14.47 25.41 11.31
CA ALA A 171 -13.15 25.18 10.77
C ALA A 171 -13.13 25.23 9.24
N PRO A 172 -12.22 25.99 8.62
CA PRO A 172 -12.10 25.94 7.15
C PRO A 172 -11.43 24.67 6.69
N LEU A 173 -11.97 24.08 5.63
CA LEU A 173 -11.42 22.85 5.07
C LEU A 173 -11.90 22.70 3.65
N GLY A 174 -10.95 22.62 2.71
CA GLY A 174 -11.31 22.32 1.32
C GLY A 174 -12.34 23.25 0.72
N GLY A 175 -12.24 24.55 1.00
CA GLY A 175 -13.20 25.51 0.49
C GLY A 175 -14.53 25.55 1.22
N ASN A 176 -14.78 24.63 2.14
CA ASN A 176 -15.98 24.57 2.95
C ASN A 176 -15.71 25.09 4.36
N TRP A 177 -16.79 25.21 5.13
CA TRP A 177 -16.74 25.60 6.54
C TRP A 177 -17.37 24.49 7.37
N LEU A 178 -16.54 23.79 8.15
CA LEU A 178 -17.02 22.69 8.96
C LEU A 178 -17.37 23.21 10.34
N SER A 179 -18.68 23.32 10.59
CA SER A 179 -19.22 23.83 11.83
C SER A 179 -19.80 22.67 12.63
N THR A 180 -19.57 22.71 13.93
CA THR A 180 -20.33 21.88 14.84
C THR A 180 -21.82 22.24 14.75
N VAL A 181 -22.69 21.29 15.09
CA VAL A 181 -24.13 21.51 14.95
C VAL A 181 -24.83 21.04 16.22
N ALA A 182 -25.68 21.91 16.78
CA ALA A 182 -26.37 21.56 18.02
C ALA A 182 -27.61 20.71 17.75
N SER A 183 -28.10 20.07 18.81
CA SER A 183 -29.39 19.38 18.77
C SER A 183 -30.50 20.39 18.98
N ASP A 184 -31.75 19.95 18.82
CA ASP A 184 -32.91 20.74 19.21
C ASP A 184 -33.46 20.34 20.57
N GLU A 185 -32.61 19.77 21.43
CA GLU A 185 -33.04 19.43 22.78
C GLU A 185 -33.50 20.71 23.45
N LYS A 186 -33.93 20.61 24.71
CA LYS A 186 -34.23 21.81 25.48
C LYS A 186 -33.65 21.61 26.87
N VAL A 187 -33.05 22.66 27.45
CA VAL A 187 -32.77 24.00 26.91
C VAL A 187 -32.46 24.86 28.14
N SER A 192 -26.32 23.68 29.27
CA SER A 192 -25.43 23.26 28.20
C SER A 192 -26.18 22.59 27.03
N VAL A 193 -25.98 23.11 25.82
CA VAL A 193 -26.74 22.66 24.65
C VAL A 193 -26.11 21.39 24.08
N PRO A 194 -26.85 20.28 24.00
CA PRO A 194 -26.32 19.05 23.39
C PRO A 194 -26.00 19.24 21.91
N ARG A 195 -24.96 18.53 21.46
CA ARG A 195 -24.42 18.71 20.12
C ARG A 195 -24.46 17.39 19.34
N LEU A 196 -24.81 17.48 18.06
CA LEU A 196 -25.01 16.32 17.20
C LEU A 196 -23.74 15.91 16.45
N GLY A 197 -22.99 16.87 15.92
CA GLY A 197 -21.80 16.50 15.18
C GLY A 197 -21.24 17.66 14.37
N LEU A 198 -20.66 17.29 13.23
CA LEU A 198 -19.93 18.22 12.39
C LEU A 198 -20.54 18.18 10.99
N GLN A 199 -20.61 19.33 10.34
CA GLN A 199 -21.22 19.42 9.01
C GLN A 199 -20.53 20.51 8.20
N ALA A 200 -20.40 20.25 6.88
CA ALA A 200 -19.81 21.18 5.92
C ALA A 200 -20.84 22.15 5.38
N PHE A 201 -20.46 23.42 5.30
CA PHE A 201 -21.32 24.48 4.81
C PHE A 201 -20.55 25.39 3.86
N ASP A 202 -21.28 26.22 3.11
CA ASP A 202 -20.60 27.33 2.46
C ASP A 202 -20.62 28.53 3.40
N ALA A 203 -20.04 29.64 2.94
CA ALA A 203 -19.85 30.82 3.77
C ALA A 203 -21.18 31.41 4.24
N GLU A 204 -22.27 31.22 3.50
CA GLU A 204 -23.56 31.72 3.96
C GLU A 204 -24.32 30.73 4.84
N GLY A 205 -23.75 29.56 5.13
CA GLY A 205 -24.46 28.58 5.93
C GLY A 205 -25.37 27.66 5.16
N ASN A 206 -25.20 27.57 3.83
CA ASN A 206 -25.91 26.57 3.06
C ASN A 206 -25.20 25.24 3.19
N PRO A 207 -25.91 24.18 3.54
CA PRO A 207 -25.24 22.88 3.76
C PRO A 207 -24.55 22.39 2.48
N ALA A 208 -23.35 21.86 2.63
CA ALA A 208 -22.64 21.29 1.51
C ALA A 208 -22.60 19.77 1.53
N GLY A 209 -23.14 19.15 2.57
CA GLY A 209 -23.20 17.70 2.68
C GLY A 209 -23.93 17.38 3.97
N ASN A 210 -24.18 16.08 4.18
CA ASN A 210 -24.91 15.70 5.39
C ASN A 210 -24.05 15.82 6.63
N LEU A 211 -24.74 15.94 7.77
CA LEU A 211 -24.08 16.02 9.07
C LEU A 211 -23.47 14.68 9.42
N ALA A 212 -22.22 14.72 9.92
CA ALA A 212 -21.51 13.54 10.39
C ALA A 212 -21.68 13.39 11.91
N THR A 213 -22.17 12.24 12.34
CA THR A 213 -22.41 12.00 13.76
C THR A 213 -21.12 12.13 14.56
N CYS A 214 -21.17 12.96 15.61
CA CYS A 214 -20.07 13.13 16.55
C CYS A 214 -20.68 13.74 17.82
N THR A 215 -21.24 12.88 18.66
CA THR A 215 -22.07 13.33 19.77
C THR A 215 -21.28 14.11 20.81
N GLY A 216 -21.80 15.25 21.23
CA GLY A 216 -21.03 16.08 22.15
C GLY A 216 -19.74 16.58 21.56
N ILE A 217 -19.65 16.68 20.21
CA ILE A 217 -18.41 17.03 19.53
C ILE A 217 -17.66 18.12 20.30
N HIS A 218 -16.38 17.87 20.58
CA HIS A 218 -15.60 18.81 21.35
C HIS A 218 -14.13 18.58 21.07
N GLY A 219 -13.39 19.67 20.91
CA GLY A 219 -11.98 19.62 20.60
C GLY A 219 -11.72 19.46 19.11
N GLU A 220 -10.68 20.14 18.63
CA GLU A 220 -10.37 20.04 17.21
C GLU A 220 -8.93 20.44 17.00
N ALA A 221 -8.35 19.89 15.95
CA ALA A 221 -7.02 20.26 15.53
C ALA A 221 -6.82 19.76 14.10
N PHE A 222 -5.82 20.35 13.43
CA PHE A 222 -5.36 19.92 12.11
C PHE A 222 -3.97 19.31 12.22
N SER A 223 -3.71 18.28 11.43
CA SER A 223 -2.35 17.79 11.20
C SER A 223 -2.29 17.12 9.83
N GLY A 224 -1.31 17.48 9.02
CA GLY A 224 -1.21 16.88 7.70
C GLY A 224 -2.47 17.14 6.91
N ALA A 225 -3.07 16.07 6.38
CA ALA A 225 -4.25 16.22 5.54
C ALA A 225 -5.55 16.24 6.32
N TYR A 226 -5.47 16.19 7.65
CA TYR A 226 -6.62 15.83 8.46
C TYR A 226 -7.03 16.96 9.39
N LEU A 227 -8.33 17.11 9.53
CA LEU A 227 -8.97 17.70 10.69
C LEU A 227 -9.47 16.56 11.57
N ALA A 228 -9.33 16.73 12.88
CA ALA A 228 -9.80 15.77 13.86
C ALA A 228 -10.60 16.50 14.93
N ALA A 229 -11.63 15.82 15.44
CA ALA A 229 -12.51 16.36 16.47
C ALA A 229 -12.92 15.24 17.41
N GLY A 230 -13.10 15.57 18.69
CA GLY A 230 -13.46 14.56 19.69
C GLY A 230 -14.96 14.32 19.78
N CYS A 231 -15.34 13.05 19.96
CA CYS A 231 -16.75 12.66 20.03
C CYS A 231 -16.98 11.69 21.19
N LYS A 232 -18.25 11.49 21.54
CA LYS A 232 -18.57 10.41 22.48
C LYS A 232 -18.17 9.07 21.89
N GLU A 233 -18.34 8.90 20.58
CA GLU A 233 -18.09 7.60 19.97
C GLU A 233 -16.62 7.37 19.64
N GLY A 234 -15.81 8.41 19.66
CA GLY A 234 -14.44 8.31 19.18
C GLY A 234 -13.99 9.66 18.65
N VAL A 235 -13.08 9.63 17.68
CA VAL A 235 -12.53 10.84 17.08
C VAL A 235 -12.89 10.87 15.61
N LEU A 236 -13.58 11.93 15.21
CA LEU A 236 -13.98 12.14 13.84
C LEU A 236 -12.81 12.78 13.10
N THR A 237 -12.44 12.19 11.97
CA THR A 237 -11.45 12.76 11.08
C THR A 237 -12.12 13.15 9.77
N VAL A 238 -11.62 14.21 9.16
CA VAL A 238 -12.14 14.69 7.90
C VAL A 238 -10.99 15.19 7.05
N LYS A 239 -11.00 14.79 5.77
CA LYS A 239 -10.03 15.17 4.75
C LYS A 239 -10.73 15.95 3.65
N ALA A 240 -10.03 16.91 3.06
CA ALA A 240 -10.57 17.56 1.87
C ALA A 240 -10.49 16.56 0.72
N GLY A 241 -11.65 16.24 0.13
CA GLY A 241 -11.73 15.28 -0.95
C GLY A 241 -12.13 15.92 -2.28
N ALA A 242 -12.07 15.10 -3.32
CA ALA A 242 -12.43 15.59 -4.65
C ALA A 242 -13.91 15.95 -4.73
N ASN A 243 -14.78 15.14 -4.12
CA ASN A 243 -16.20 15.41 -4.11
C ASN A 243 -16.68 16.04 -2.81
N GLY A 244 -15.79 16.69 -2.07
CA GLY A 244 -16.12 17.33 -0.80
C GLY A 244 -15.47 16.66 0.40
N SER A 245 -16.01 16.97 1.57
CA SER A 245 -15.40 16.51 2.82
C SER A 245 -15.52 14.99 2.92
N GLU A 246 -14.41 14.33 3.26
CA GLU A 246 -14.39 12.89 3.46
C GLU A 246 -14.26 12.61 4.95
N TYR A 247 -15.31 12.05 5.53
CA TYR A 247 -15.36 11.78 6.96
C TYR A 247 -14.97 10.34 7.28
N LYS A 248 -14.29 10.16 8.40
CA LYS A 248 -14.07 8.81 8.92
C LYS A 248 -13.97 8.89 10.43
N LEU A 249 -14.90 8.21 11.11
CA LEU A 249 -14.85 8.11 12.56
C LEU A 249 -13.87 7.00 12.93
N LEU A 250 -12.98 7.29 13.89
CA LEU A 250 -12.20 6.26 14.55
C LEU A 250 -12.84 5.97 15.91
N PRO A 251 -13.62 4.91 16.05
CA PRO A 251 -14.24 4.60 17.34
C PRO A 251 -13.19 4.21 18.37
N TYR A 252 -13.43 4.57 19.62
CA TYR A 252 -12.50 4.21 20.67
C TYR A 252 -12.38 2.69 20.75
N PRO A 253 -11.17 2.14 20.75
CA PRO A 253 -11.03 0.67 20.90
C PRO A 253 -11.54 0.23 22.27
N ALA A 254 -12.07 -0.99 22.32
CA ALA A 254 -12.57 -1.52 23.58
C ALA A 254 -11.46 -1.71 24.63
N ASP A 255 -10.20 -1.86 24.19
CA ASP A 255 -9.08 -2.02 25.13
C ASP A 255 -8.79 -0.74 25.92
N LEU A 256 -9.32 0.40 25.47
CA LEU A 256 -9.13 1.70 26.09
C LEU A 256 -10.02 1.82 27.31
N PRO A 257 -9.60 2.61 28.31
CA PRO A 257 -10.46 2.86 29.47
C PRO A 257 -11.87 3.29 29.07
N GLN A 258 -12.85 2.87 29.86
CA GLN A 258 -14.25 3.08 29.51
C GLN A 258 -14.82 4.31 30.22
N GLY A 259 -15.89 4.86 29.63
CA GLY A 259 -16.63 5.96 30.20
C GLY A 259 -15.99 7.32 30.03
N VAL A 260 -14.94 7.42 29.23
CA VAL A 260 -14.16 8.63 29.11
C VAL A 260 -13.94 8.93 27.64
N THR A 261 -13.58 10.19 27.32
CA THR A 261 -13.52 10.61 25.92
C THR A 261 -12.31 11.51 25.66
N THR A 262 -12.03 11.69 24.37
CA THR A 262 -11.11 12.70 23.88
C THR A 262 -11.90 13.98 23.63
N GLY A 263 -11.55 15.05 24.35
CA GLY A 263 -12.24 16.30 24.13
C GLY A 263 -11.31 17.48 23.86
N THR A 264 -10.00 17.24 23.86
CA THR A 264 -8.98 18.25 23.59
C THR A 264 -7.93 17.64 22.68
N LEU A 265 -7.61 18.32 21.58
CA LEU A 265 -6.72 17.79 20.55
C LEU A 265 -5.66 18.78 20.17
N LEU A 266 -4.45 18.30 19.98
CA LEU A 266 -3.36 19.06 19.38
C LEU A 266 -2.89 18.31 18.13
N GLY A 267 -2.56 19.06 17.07
CA GLY A 267 -2.07 18.45 15.85
C GLY A 267 -0.63 18.84 15.52
N SER A 268 0.24 17.90 15.18
CA SER A 268 1.60 18.25 14.82
C SER A 268 1.66 19.00 13.49
N THR A 269 2.55 20.00 13.42
CA THR A 269 2.85 20.72 12.18
C THR A 269 4.01 20.12 11.37
N GLY A 270 4.79 19.19 11.94
CA GLY A 270 5.93 18.62 11.24
C GLY A 270 5.75 17.17 10.81
N ILE A 271 4.78 16.50 11.43
CA ILE A 271 4.38 15.14 11.09
C ILE A 271 2.87 15.08 11.21
N GLN A 272 2.29 14.01 10.71
CA GLN A 272 0.84 13.84 10.66
C GLN A 272 0.39 12.98 11.84
N VAL A 273 0.10 13.61 12.97
CA VAL A 273 -0.25 12.91 14.20
C VAL A 273 -0.97 13.90 15.10
N PHE A 274 -1.88 13.38 15.92
CA PHE A 274 -2.60 14.15 16.90
C PHE A 274 -2.29 13.62 18.29
N LEU A 275 -2.30 14.52 19.26
CA LEU A 275 -2.22 14.20 20.68
C LEU A 275 -3.53 14.65 21.30
N GLY A 276 -4.26 13.73 21.90
CA GLY A 276 -5.50 14.12 22.53
C GLY A 276 -5.44 13.72 23.99
N ASN A 277 -6.25 14.35 24.82
CA ASN A 277 -6.49 13.73 26.10
C ASN A 277 -7.35 12.47 25.89
N TYR A 278 -7.41 11.65 26.91
CA TYR A 278 -8.40 10.59 26.93
C TYR A 278 -8.76 10.40 28.39
N GLY A 279 -9.86 11.02 28.81
CA GLY A 279 -10.15 11.14 30.22
C GLY A 279 -9.23 12.16 30.88
N PRO A 280 -9.46 12.46 32.17
CA PRO A 280 -8.64 13.50 32.82
C PRO A 280 -7.20 13.09 33.07
N ASP A 281 -6.91 11.78 33.07
CA ASP A 281 -5.59 11.30 33.43
C ASP A 281 -4.94 10.46 32.33
N GLY A 282 -5.35 10.62 31.08
CA GLY A 282 -4.74 9.87 30.01
C GLY A 282 -4.50 10.71 28.78
N LEU A 283 -3.61 10.22 27.94
CA LEU A 283 -3.34 10.78 26.63
C LEU A 283 -3.54 9.70 25.57
N VAL A 284 -3.86 10.10 24.35
CA VAL A 284 -3.79 9.19 23.22
C VAL A 284 -3.00 9.85 22.11
N VAL A 285 -2.01 9.13 21.58
CA VAL A 285 -1.38 9.49 20.32
C VAL A 285 -2.24 8.89 19.22
N ILE A 286 -2.71 9.73 18.30
CA ILE A 286 -3.72 9.34 17.32
C ILE A 286 -3.12 9.37 15.92
N ASP A 287 -3.11 8.21 15.27
CA ASP A 287 -2.71 8.10 13.87
C ASP A 287 -3.96 8.10 13.02
N PRO A 288 -4.20 9.14 12.23
CA PRO A 288 -5.43 9.20 11.43
C PRO A 288 -5.46 8.19 10.27
N VAL A 289 -4.35 7.59 9.91
CA VAL A 289 -4.35 6.73 8.71
C VAL A 289 -4.50 5.26 9.09
N ASP A 290 -3.55 4.71 9.85
CA ASP A 290 -3.40 3.28 10.05
C ASP A 290 -3.75 2.84 11.47
N GLU A 291 -4.09 1.53 11.63
CA GLU A 291 -4.15 0.91 12.95
C GLU A 291 -2.72 0.62 13.43
N PRO A 292 -2.48 0.73 14.73
CA PRO A 292 -3.57 1.15 15.63
C PRO A 292 -3.78 2.67 15.56
N HIS A 293 -5.04 3.12 15.55
CA HIS A 293 -5.28 4.56 15.47
C HIS A 293 -4.96 5.26 16.79
N TYR A 294 -5.07 4.54 17.91
CA TYR A 294 -4.89 5.10 19.23
C TYR A 294 -3.75 4.37 19.90
N ARG A 295 -2.90 5.12 20.58
CA ARG A 295 -1.98 4.52 21.54
C ARG A 295 -2.10 5.29 22.85
N TYR A 296 -2.48 4.59 23.90
CA TYR A 296 -2.81 5.22 25.17
C TYR A 296 -1.55 5.50 25.99
N ILE A 297 -1.55 6.63 26.69
CA ILE A 297 -0.51 6.96 27.67
C ILE A 297 -1.21 7.28 28.99
N LYS A 298 -0.91 6.52 30.03
CA LYS A 298 -1.45 6.80 31.35
C LYS A 298 -0.62 7.89 32.02
N LEU A 299 -1.28 8.97 32.47
CA LEU A 299 -0.57 10.00 33.22
C LEU A 299 -0.53 9.62 34.69
N PRO A 300 0.50 10.00 35.44
CA PRO A 300 0.53 9.66 36.87
C PRO A 300 -0.40 10.50 37.71
N PHE A 301 -0.73 11.70 37.27
CA PHE A 301 -1.75 12.52 37.91
C PHE A 301 -2.56 13.19 36.81
N ARG A 302 -3.61 13.88 37.17
CA ARG A 302 -4.47 14.44 36.14
C ARG A 302 -3.78 15.58 35.39
N ARG A 303 -4.20 15.76 34.14
CA ARG A 303 -3.56 16.66 33.20
C ARG A 303 -3.95 18.10 33.44
N VAL A 304 -2.98 19.00 33.47
CA VAL A 304 -3.25 20.45 33.55
C VAL A 304 -3.24 21.10 32.16
N ASP A 305 -2.26 20.78 31.32
CA ASP A 305 -2.05 21.44 30.04
C ASP A 305 -1.06 20.61 29.23
N PHE A 306 -1.02 20.84 27.91
CA PHE A 306 0.00 20.18 27.09
C PHE A 306 0.25 20.99 25.83
N ALA A 307 1.32 20.65 25.13
CA ALA A 307 1.74 21.36 23.91
C ALA A 307 2.68 20.47 23.12
N LEU A 308 2.73 20.70 21.81
CA LEU A 308 3.63 20.00 20.91
C LEU A 308 4.84 20.88 20.60
N ASP A 309 5.96 20.25 20.35
CA ASP A 309 7.17 21.01 20.09
C ASP A 309 7.34 21.21 18.59
N PRO A 310 7.07 22.41 18.05
CA PRO A 310 7.23 22.61 16.61
C PRO A 310 8.66 22.49 16.15
N ALA A 311 9.62 22.78 17.02
CA ALA A 311 11.02 22.62 16.66
C ALA A 311 11.47 21.17 16.67
N LYS A 312 10.78 20.30 17.42
CA LYS A 312 11.13 18.88 17.47
C LYS A 312 9.83 18.12 17.34
N PRO A 313 9.33 17.91 16.11
CA PRO A 313 7.93 17.48 15.94
C PRO A 313 7.65 16.07 16.42
N SER A 314 8.64 15.31 16.83
CA SER A 314 8.31 13.99 17.34
C SER A 314 8.17 13.99 18.86
N THR A 315 8.08 15.16 19.48
CA THR A 315 8.03 15.28 20.93
C THR A 315 6.94 16.27 21.32
N GLY A 316 6.35 16.06 22.49
CA GLY A 316 5.42 17.00 23.08
C GLY A 316 5.66 17.11 24.57
N TYR A 317 4.86 17.94 25.22
CA TYR A 317 5.01 18.15 26.66
C TYR A 317 3.66 18.17 27.34
N VAL A 318 3.59 17.56 28.52
CA VAL A 318 2.36 17.55 29.30
C VAL A 318 2.71 17.90 30.75
N LEU A 319 1.91 18.80 31.32
CA LEU A 319 2.02 19.19 32.71
C LEU A 319 0.87 18.52 33.47
N THR A 320 1.20 17.84 34.57
CA THR A 320 0.22 17.18 35.42
C THR A 320 0.07 17.95 36.73
N GLU A 321 -1.02 17.64 37.43
CA GLU A 321 -1.49 18.46 38.55
C GLU A 321 -0.56 18.43 39.75
N ASP A 322 0.40 17.51 39.79
CA ASP A 322 1.42 17.56 40.84
C ASP A 322 2.46 18.63 40.58
N GLY A 323 2.39 19.32 39.45
CA GLY A 323 3.39 20.30 39.07
C GLY A 323 4.55 19.76 38.27
N SER A 324 4.49 18.49 37.83
CA SER A 324 5.52 17.91 36.99
C SER A 324 5.24 18.15 35.50
N LEU A 325 6.30 18.48 34.78
CA LEU A 325 6.30 18.53 33.32
C LEU A 325 6.94 17.26 32.76
N HIS A 326 6.27 16.63 31.79
CA HIS A 326 6.75 15.40 31.18
C HIS A 326 6.97 15.59 29.67
N ARG A 327 8.09 15.07 29.17
CA ARG A 327 8.33 15.01 27.73
C ARG A 327 7.69 13.76 27.14
N ILE A 328 6.90 13.96 26.08
CA ILE A 328 6.23 12.87 25.36
C ILE A 328 6.98 12.57 24.08
N ASP A 329 7.35 11.30 23.91
CA ASP A 329 7.83 10.78 22.63
C ASP A 329 6.60 10.34 21.85
N LEU A 330 6.22 11.12 20.83
CA LEU A 330 5.00 10.82 20.08
C LEU A 330 5.16 9.58 19.22
N LEU A 331 6.37 9.29 18.77
CA LEU A 331 6.58 8.13 17.90
C LEU A 331 6.47 6.85 18.70
N LYS A 332 7.06 6.85 19.90
CA LYS A 332 6.95 5.70 20.77
C LYS A 332 5.70 5.76 21.63
N ALA A 333 4.99 6.89 21.66
CA ALA A 333 3.82 7.07 22.52
C ALA A 333 4.15 6.75 23.97
N GLU A 334 5.16 7.44 24.51
CA GLU A 334 5.48 7.25 25.92
C GLU A 334 6.12 8.50 26.50
N ILE A 335 5.99 8.63 27.83
CA ILE A 335 6.71 9.64 28.59
C ILE A 335 8.15 9.21 28.76
N VAL A 336 9.08 10.10 28.46
CA VAL A 336 10.49 9.74 28.52
C VAL A 336 11.29 10.54 29.53
N ALA A 337 10.71 11.58 30.15
CA ALA A 337 11.42 12.34 31.17
C ALA A 337 10.40 13.17 31.92
N SER A 338 10.68 13.43 33.18
CA SER A 338 9.79 14.19 34.02
C SER A 338 10.62 15.06 34.95
N ALA A 339 10.06 16.21 35.30
CA ALA A 339 10.67 17.07 36.31
C ALA A 339 9.58 17.91 36.95
N LYS A 340 9.77 18.19 38.23
CA LYS A 340 8.86 19.07 38.96
C LYS A 340 9.16 20.52 38.60
N VAL A 341 8.14 21.28 38.18
CA VAL A 341 8.39 22.66 37.78
C VAL A 341 7.55 23.64 38.60
N THR A 342 6.36 23.23 39.04
CA THR A 342 5.54 24.06 39.94
C THR A 342 5.11 23.26 41.16
N GLU A 343 4.55 23.96 42.16
CA GLU A 343 3.81 23.31 43.21
C GLU A 343 2.55 22.67 42.61
N PRO A 344 1.90 21.74 43.33
CA PRO A 344 0.68 21.13 42.78
C PRO A 344 -0.42 22.16 42.58
N TYR A 345 -1.26 21.88 41.57
CA TYR A 345 -2.48 22.64 41.26
C TYR A 345 -3.56 21.61 40.93
N SER A 346 -4.34 21.23 41.95
CA SER A 346 -5.29 20.14 41.81
C SER A 346 -6.26 20.40 40.67
N MET A 347 -6.60 19.34 39.94
CA MET A 347 -7.63 19.48 38.93
C MET A 347 -9.04 19.38 39.51
N ASP A 348 -9.18 19.26 40.83
CA ASP A 348 -10.51 19.31 41.43
C ASP A 348 -11.09 20.70 41.24
N GLY A 349 -12.41 20.75 41.13
CA GLY A 349 -13.05 22.06 41.08
C GLY A 349 -13.33 22.53 39.68
N HIS A 350 -13.39 23.85 39.50
CA HIS A 350 -13.80 24.41 38.23
C HIS A 350 -12.64 24.40 37.23
N TRP A 351 -12.98 24.16 35.96
CA TRP A 351 -11.98 24.02 34.90
C TRP A 351 -11.20 25.31 34.66
N ASN A 352 -11.79 26.47 34.97
CA ASN A 352 -11.16 27.77 34.70
C ASN A 352 -10.53 28.40 35.94
N ASP A 353 -10.30 27.63 37.01
CA ASP A 353 -9.57 28.18 38.16
C ASP A 353 -8.15 28.51 37.75
N PRO A 354 -7.44 29.32 38.54
CA PRO A 354 -6.06 29.69 38.17
C PRO A 354 -5.13 28.49 38.22
N ARG A 355 -4.54 28.13 37.08
CA ARG A 355 -3.62 27.00 36.99
C ARG A 355 -2.55 27.31 35.97
N PRO A 356 -1.42 26.62 36.05
CA PRO A 356 -0.37 26.84 35.04
C PRO A 356 -0.86 26.56 33.63
N ARG A 357 -0.25 27.29 32.69
CA ARG A 357 -0.40 27.09 31.26
C ARG A 357 1.00 27.05 30.64
N ILE A 358 1.18 26.27 29.56
CA ILE A 358 2.50 26.09 28.98
C ILE A 358 2.50 26.47 27.49
N ALA A 359 3.67 26.84 26.99
CA ALA A 359 3.81 27.12 25.57
C ALA A 359 5.27 26.99 25.22
N MET A 360 5.55 26.76 23.94
CA MET A 360 6.91 26.51 23.47
C MET A 360 7.54 27.80 22.97
N ALA A 361 8.83 27.96 23.23
CA ALA A 361 9.63 29.09 22.71
C ALA A 361 11.01 28.56 22.36
N GLY A 362 11.16 28.01 21.16
CA GLY A 362 12.47 27.53 20.74
C GLY A 362 12.92 26.32 21.54
N ASP A 363 14.06 26.41 22.23
CA ASP A 363 14.50 25.32 23.09
C ASP A 363 14.02 25.47 24.54
N GLU A 364 12.98 26.27 24.79
CA GLU A 364 12.42 26.38 26.14
C GLU A 364 10.92 26.14 26.10
N ILE A 365 10.41 25.67 27.24
CA ILE A 365 9.00 25.72 27.58
C ILE A 365 8.82 26.84 28.59
N VAL A 366 7.83 27.70 28.36
CA VAL A 366 7.43 28.72 29.34
C VAL A 366 6.19 28.21 30.05
N VAL A 367 6.18 28.30 31.37
CA VAL A 367 5.12 27.76 32.22
C VAL A 367 4.64 28.89 33.14
N THR A 368 3.36 29.25 33.05
CA THR A 368 2.83 30.21 34.01
C THR A 368 2.63 29.54 35.37
N ASP A 369 2.75 30.34 36.41
CA ASP A 369 2.63 29.87 37.79
C ASP A 369 1.79 30.90 38.51
N PRO A 370 0.45 30.82 38.39
CA PRO A 370 -0.37 31.95 38.86
C PRO A 370 -0.08 32.31 40.30
N ASN A 371 0.06 31.32 41.20
CA ASN A 371 0.29 31.65 42.60
C ASN A 371 1.65 32.27 42.86
N ALA A 372 2.69 31.90 42.11
CA ALA A 372 3.99 32.51 42.35
C ALA A 372 4.14 33.87 41.66
N GLY A 373 3.19 34.23 40.80
CA GLY A 373 3.32 35.44 40.02
C GLY A 373 4.39 35.40 38.95
N LEU A 374 4.65 34.23 38.35
CA LEU A 374 5.79 34.09 37.45
C LEU A 374 5.49 33.27 36.19
N VAL A 375 6.35 33.51 35.20
CA VAL A 375 6.51 32.62 34.06
C VAL A 375 7.86 31.94 34.28
N ARG A 376 7.86 30.62 34.32
CA ARG A 376 9.09 29.87 34.50
C ARG A 376 9.59 29.40 33.14
N ARG A 377 10.89 29.42 32.95
CA ARG A 377 11.52 29.01 31.71
C ARG A 377 12.16 27.67 31.94
N ILE A 378 11.73 26.66 31.19
CA ILE A 378 12.24 25.30 31.32
C ILE A 378 12.94 24.90 30.02
N ALA A 379 14.17 24.39 30.12
CA ALA A 379 14.90 23.95 28.95
C ALA A 379 14.35 22.63 28.43
N THR A 380 14.05 22.57 27.13
CA THR A 380 13.51 21.33 26.58
C THR A 380 14.54 20.21 26.61
N GLU A 381 15.81 20.56 26.52
CA GLU A 381 16.85 19.54 26.44
C GLU A 381 16.87 18.65 27.68
N ASP A 382 16.71 19.23 28.87
CA ASP A 382 16.88 18.47 30.10
C ASP A 382 15.89 18.84 31.19
N LEU A 383 14.89 19.67 30.88
CA LEU A 383 13.80 20.05 31.78
C LEU A 383 14.27 20.81 33.04
N SER A 384 15.50 21.36 33.04
CA SER A 384 15.96 22.24 34.11
C SER A 384 15.35 23.63 33.99
N GLU A 385 15.26 24.34 35.13
CA GLU A 385 14.72 25.69 35.16
C GLU A 385 15.80 26.69 34.76
N ARG A 386 15.62 27.35 33.61
CA ARG A 386 16.59 28.31 33.12
C ARG A 386 16.40 29.71 33.72
N GLY A 387 15.30 29.98 34.40
CA GLY A 387 15.08 31.29 34.99
C GLY A 387 13.59 31.50 35.16
N THR A 388 13.27 32.65 35.75
CA THR A 388 11.88 33.06 35.94
C THR A 388 11.71 34.48 35.44
N VAL A 389 10.47 34.83 35.15
CA VAL A 389 10.15 36.16 34.68
C VAL A 389 9.04 36.64 35.60
N PRO A 390 9.33 37.62 36.45
CA PRO A 390 8.30 38.14 37.36
C PRO A 390 7.31 38.96 36.55
N VAL A 391 6.04 38.70 36.82
CA VAL A 391 4.94 39.37 36.12
C VAL A 391 3.92 39.81 37.17
N GLU A 392 3.29 40.95 36.91
CA GLU A 392 2.27 41.43 37.84
C GLU A 392 1.06 40.52 37.81
N GLY A 393 0.48 40.28 38.98
CA GLY A 393 -0.81 39.64 39.10
C GLY A 393 -0.74 38.13 39.22
N LYS A 394 -1.71 37.44 38.63
CA LYS A 394 -1.79 35.98 38.62
C LYS A 394 -1.71 35.52 37.17
N PRO A 395 -0.50 35.34 36.62
CA PRO A 395 -0.38 34.95 35.21
C PRO A 395 -1.08 33.63 34.94
N TYR A 396 -1.83 33.59 33.85
CA TYR A 396 -2.68 32.44 33.56
C TYR A 396 -2.42 31.94 32.14
N ASN A 397 -3.21 32.38 31.18
CA ASN A 397 -3.00 31.92 29.81
C ASN A 397 -1.76 32.58 29.21
N ILE A 398 -1.18 31.90 28.23
CA ILE A 398 0.12 32.27 27.66
C ILE A 398 0.15 31.88 26.19
N ALA A 399 0.85 32.68 25.38
CA ALA A 399 1.11 32.37 23.98
C ALA A 399 2.45 32.97 23.59
N VAL A 400 3.09 32.38 22.57
CA VAL A 400 4.43 32.75 22.15
C VAL A 400 4.42 33.12 20.67
N THR A 401 5.14 34.17 20.33
CA THR A 401 5.34 34.59 18.95
C THR A 401 6.83 34.69 18.69
N GLY A 402 7.17 34.79 17.42
CA GLY A 402 8.55 34.95 17.03
C GLY A 402 9.17 33.66 16.55
N GLY A 403 10.49 33.64 16.56
CA GLY A 403 11.26 32.55 16.03
C GLY A 403 12.59 33.08 15.53
N SER A 404 13.16 32.38 14.57
CA SER A 404 14.47 32.71 14.03
C SER A 404 14.39 33.12 12.57
N GLY A 405 15.20 34.12 12.20
CA GLY A 405 15.25 34.61 10.85
C GLY A 405 16.55 35.34 10.59
N VAL A 406 16.67 35.89 9.38
CA VAL A 406 17.90 36.55 8.98
C VAL A 406 17.64 38.04 8.88
N THR A 407 18.64 38.82 9.26
CA THR A 407 18.64 40.27 9.12
C THR A 407 19.84 40.68 8.26
N HIS A 408 19.80 41.92 7.77
CA HIS A 408 20.82 42.42 6.86
C HIS A 408 21.19 43.87 7.14
N HIS B 28 20.66 -27.64 -16.69
CA HIS B 28 20.78 -26.19 -16.65
C HIS B 28 19.87 -25.56 -15.62
N GLU B 29 20.45 -24.70 -14.78
CA GLU B 29 19.69 -23.99 -13.76
C GLU B 29 19.83 -22.49 -13.95
N ASP B 30 18.71 -21.79 -13.86
CA ASP B 30 18.73 -20.41 -13.40
C ASP B 30 19.15 -20.42 -11.94
N VAL B 31 20.21 -19.70 -11.63
CA VAL B 31 20.64 -19.52 -10.26
C VAL B 31 20.42 -18.05 -9.89
N THR B 32 19.72 -17.82 -8.77
CA THR B 32 19.66 -16.49 -8.17
C THR B 32 20.42 -16.50 -6.85
N LEU B 33 21.22 -15.44 -6.63
CA LEU B 33 22.05 -15.35 -5.44
C LEU B 33 22.32 -13.89 -5.12
N TYR B 34 21.76 -13.38 -4.03
CA TYR B 34 22.04 -12.03 -3.58
C TYR B 34 22.96 -12.09 -2.37
N ARG B 35 23.98 -11.24 -2.38
CA ARG B 35 24.91 -11.15 -1.28
C ARG B 35 24.80 -9.74 -0.70
N VAL B 36 24.47 -9.65 0.59
CA VAL B 36 24.20 -8.39 1.28
C VAL B 36 25.45 -7.98 2.04
N PHE B 37 25.78 -6.69 2.00
CA PHE B 37 26.94 -6.14 2.70
C PHE B 37 26.47 -5.07 3.67
N VAL B 38 26.81 -5.22 4.97
CA VAL B 38 26.29 -4.34 6.02
C VAL B 38 27.44 -3.71 6.78
N GLY B 39 27.43 -2.39 6.87
CA GLY B 39 28.41 -1.70 7.67
C GLY B 39 27.91 -1.47 9.09
N ASP B 40 28.83 -1.31 10.02
CA ASP B 40 28.45 -1.02 11.40
C ASP B 40 28.35 0.49 11.59
N HIS B 41 27.55 0.90 12.57
CA HIS B 41 27.45 2.34 12.81
C HIS B 41 28.72 2.89 13.44
N GLU B 42 29.42 2.10 14.26
CA GLU B 42 30.62 2.53 14.98
C GLU B 42 31.88 1.83 14.50
N LYS B 43 31.87 0.51 14.45
CA LYS B 43 33.06 -0.27 14.15
C LYS B 43 33.43 -0.17 12.67
N GLY B 44 34.74 -0.27 12.41
CA GLY B 44 35.31 -0.39 11.07
C GLY B 44 35.20 -1.83 10.61
N GLN B 45 34.03 -2.16 10.08
CA GLN B 45 33.62 -3.54 9.85
C GLN B 45 32.57 -3.61 8.76
N VAL B 46 32.74 -4.53 7.81
CA VAL B 46 31.69 -4.87 6.86
C VAL B 46 31.35 -6.35 7.02
N THR B 47 30.08 -6.64 7.20
CA THR B 47 29.56 -8.00 7.23
C THR B 47 28.84 -8.31 5.94
N ALA B 48 29.22 -9.43 5.32
CA ALA B 48 28.58 -9.90 4.10
C ALA B 48 27.95 -11.26 4.34
N PHE B 49 26.77 -11.47 3.78
CA PHE B 49 26.14 -12.77 3.90
C PHE B 49 25.26 -13.06 2.68
N ASP B 50 25.18 -14.34 2.33
CA ASP B 50 24.22 -14.77 1.31
C ASP B 50 22.82 -14.57 1.85
N LEU B 51 22.00 -13.84 1.10
CA LEU B 51 20.67 -13.47 1.58
C LEU B 51 19.85 -14.71 1.93
N ALA B 52 19.83 -15.68 1.01
CA ALA B 52 19.06 -16.90 1.17
C ALA B 52 19.73 -17.90 2.09
N GLU B 53 21.00 -17.70 2.44
CA GLU B 53 21.69 -18.62 3.34
C GLU B 53 22.62 -17.84 4.28
N PRO B 54 22.06 -17.19 5.30
CA PRO B 54 22.84 -16.21 6.07
C PRO B 54 23.99 -16.79 6.89
N ASP B 55 24.07 -18.11 7.06
CA ASP B 55 25.23 -18.67 7.74
C ASP B 55 26.46 -18.66 6.85
N HIS B 56 26.28 -18.51 5.54
CA HIS B 56 27.39 -18.25 4.63
C HIS B 56 27.66 -16.76 4.74
N ARG B 57 28.61 -16.39 5.61
CA ARG B 57 28.87 -14.99 5.87
C ARG B 57 30.37 -14.79 6.09
N TRP B 58 30.79 -13.54 5.93
CA TRP B 58 32.19 -13.14 6.02
C TRP B 58 32.22 -11.75 6.63
N THR B 59 33.34 -11.42 7.24
CA THR B 59 33.55 -10.12 7.87
C THR B 59 34.83 -9.50 7.34
N PHE B 60 34.78 -8.22 7.00
CA PHE B 60 35.96 -7.54 6.49
C PHE B 60 36.22 -6.31 7.37
N PRO B 61 37.44 -6.17 7.89
CA PRO B 61 37.74 -5.00 8.72
C PRO B 61 38.03 -3.80 7.83
N THR B 62 37.66 -2.63 8.33
CA THR B 62 37.92 -1.35 7.69
C THR B 62 38.44 -0.38 8.74
N THR B 63 38.96 0.75 8.28
CA THR B 63 39.50 1.75 9.19
C THR B 63 38.43 2.40 10.05
N GLY B 64 37.27 2.73 9.47
CA GLY B 64 36.22 3.43 10.19
C GLY B 64 34.83 3.20 9.63
N GLN B 65 33.85 4.03 10.02
CA GLN B 65 32.47 3.79 9.61
C GLN B 65 32.34 3.81 8.09
N VAL B 66 31.64 2.81 7.53
CA VAL B 66 31.58 2.65 6.09
C VAL B 66 30.26 3.18 5.54
N LYS B 67 30.32 3.78 4.37
CA LYS B 67 29.18 4.01 3.48
C LYS B 67 29.43 3.14 2.24
N LEU B 68 28.45 2.29 1.88
CA LEU B 68 28.69 1.20 0.94
C LEU B 68 28.01 1.44 -0.40
N TYR B 69 28.71 1.08 -1.48
CA TYR B 69 28.20 1.18 -2.85
C TYR B 69 28.53 -0.08 -3.64
N SER B 70 27.52 -0.64 -4.28
CA SER B 70 27.75 -1.70 -5.26
C SER B 70 28.17 -1.09 -6.60
N VAL B 71 29.32 -1.51 -7.11
CA VAL B 71 29.90 -0.93 -8.33
C VAL B 71 30.39 -2.06 -9.23
N ALA B 72 30.67 -1.72 -10.48
CA ALA B 72 31.12 -2.70 -11.46
C ALA B 72 30.13 -3.85 -11.55
N GLY B 73 28.85 -3.51 -11.73
CA GLY B 73 27.83 -4.52 -11.90
C GLY B 73 27.63 -5.43 -10.71
N GLY B 74 28.09 -5.01 -9.53
CA GLY B 74 27.98 -5.84 -8.36
C GLY B 74 29.20 -6.70 -8.07
N ALA B 75 30.24 -6.61 -8.90
CA ALA B 75 31.46 -7.36 -8.64
C ALA B 75 32.25 -6.77 -7.48
N VAL B 76 32.03 -5.49 -7.18
CA VAL B 76 32.85 -4.78 -6.20
C VAL B 76 31.95 -3.96 -5.30
N VAL B 77 32.25 -3.99 -4.02
CA VAL B 77 31.63 -3.11 -3.04
C VAL B 77 32.68 -2.07 -2.66
N ALA B 78 32.32 -0.80 -2.77
CA ALA B 78 33.18 0.29 -2.31
C ALA B 78 32.73 0.66 -0.91
N ALA B 79 33.68 0.76 0.00
CA ALA B 79 33.41 1.10 1.39
C ALA B 79 34.06 2.47 1.62
N VAL B 80 33.29 3.53 1.40
CA VAL B 80 33.78 4.89 1.64
C VAL B 80 33.70 5.18 3.13
N GLN B 81 34.81 5.65 3.67
CA GLN B 81 34.92 5.96 5.10
C GLN B 81 35.35 7.43 5.17
N SER B 82 34.36 8.33 5.12
CA SER B 82 34.66 9.73 4.96
C SER B 82 35.46 10.28 6.13
N ASP B 83 34.97 10.07 7.36
CA ASP B 83 35.65 10.63 8.53
C ASP B 83 37.06 10.09 8.68
N ALA B 84 37.33 8.88 8.19
CA ALA B 84 38.62 8.25 8.35
C ALA B 84 39.48 8.36 7.09
N ASP B 85 39.10 9.23 6.17
CA ASP B 85 39.89 9.62 4.99
C ASP B 85 40.35 8.45 4.11
N THR B 86 39.54 7.39 3.98
CA THR B 86 39.92 6.30 3.07
C THR B 86 38.71 5.66 2.39
N VAL B 87 38.99 5.02 1.25
CA VAL B 87 38.05 4.18 0.54
C VAL B 87 38.69 2.81 0.36
N GLN B 88 37.99 1.75 0.78
CA GLN B 88 38.42 0.39 0.53
C GLN B 88 37.42 -0.33 -0.36
N PHE B 89 37.88 -1.41 -0.98
CA PHE B 89 37.09 -2.19 -1.92
C PHE B 89 37.08 -3.64 -1.49
N ILE B 90 35.96 -4.30 -1.76
CA ILE B 90 35.77 -5.72 -1.52
C ILE B 90 35.21 -6.34 -2.79
N ARG B 91 35.84 -7.42 -3.23
CA ARG B 91 35.32 -8.21 -4.34
C ARG B 91 34.14 -9.04 -3.88
N SER B 92 33.10 -9.07 -4.71
CA SER B 92 31.76 -9.47 -4.28
C SER B 92 31.71 -10.89 -3.68
N GLY B 93 32.28 -11.90 -4.34
CA GLY B 93 32.60 -11.95 -5.73
C GLY B 93 31.55 -12.81 -6.43
N ILE B 94 30.48 -12.10 -6.80
CA ILE B 94 29.49 -12.56 -7.75
C ILE B 94 29.66 -11.68 -8.97
N SER B 95 29.88 -12.28 -10.14
CA SER B 95 30.04 -11.57 -11.38
C SER B 95 29.12 -12.17 -12.44
N PHE B 96 28.61 -11.33 -13.33
CA PHE B 96 27.83 -11.79 -14.47
C PHE B 96 28.59 -11.56 -15.78
N HIS B 97 28.49 -12.53 -16.68
CA HIS B 97 29.19 -12.48 -17.97
C HIS B 97 28.28 -12.91 -19.10
N ASP B 98 28.28 -12.13 -20.18
CA ASP B 98 27.49 -12.45 -21.38
C ASP B 98 28.21 -13.51 -22.19
N HIS B 99 27.67 -14.73 -22.21
CA HIS B 99 28.28 -15.82 -22.97
C HIS B 99 28.37 -15.48 -24.46
N GLY B 100 27.23 -15.18 -25.10
CA GLY B 100 25.95 -15.16 -24.41
C GLY B 100 24.73 -14.75 -25.21
N ASP B 101 23.87 -15.73 -25.45
CA ASP B 101 22.46 -15.48 -25.73
C ASP B 101 21.70 -15.10 -24.48
N HIS B 102 22.51 -14.99 -23.42
CA HIS B 102 22.04 -14.91 -22.04
C HIS B 102 23.13 -14.38 -21.11
N ARG B 103 22.96 -14.64 -19.81
CA ARG B 103 23.79 -14.06 -18.75
C ARG B 103 24.36 -15.18 -17.90
N ASP B 104 25.69 -15.28 -17.85
CA ASP B 104 26.34 -16.24 -16.95
C ASP B 104 26.62 -15.60 -15.60
N ILE B 105 26.43 -16.38 -14.53
CA ILE B 105 26.72 -15.94 -13.18
C ILE B 105 27.88 -16.78 -12.66
N GLU B 106 28.90 -16.11 -12.13
CA GLU B 106 30.04 -16.76 -11.49
C GLU B 106 30.03 -16.40 -10.01
N VAL B 107 30.18 -17.41 -9.14
CA VAL B 107 30.04 -17.23 -7.71
C VAL B 107 31.28 -17.78 -6.99
N GLY B 108 31.90 -16.93 -6.19
CA GLY B 108 32.95 -17.34 -5.27
C GLY B 108 32.83 -16.55 -3.97
N ASP B 109 33.70 -16.86 -3.04
CA ASP B 109 33.71 -16.12 -1.79
C ASP B 109 34.10 -14.66 -2.07
N PRO B 110 33.60 -13.73 -1.26
CA PRO B 110 34.07 -12.34 -1.36
C PRO B 110 35.51 -12.29 -0.89
N ALA B 111 36.20 -11.22 -1.27
CA ALA B 111 37.59 -11.08 -0.87
C ALA B 111 37.99 -9.62 -0.89
N ALA B 112 38.72 -9.21 0.13
CA ALA B 112 39.21 -7.83 0.17
C ALA B 112 40.14 -7.55 -0.99
N ILE B 113 40.09 -6.32 -1.48
CA ILE B 113 41.16 -5.78 -2.30
C ILE B 113 42.12 -5.05 -1.36
N ASP B 114 43.41 -5.42 -1.42
CA ASP B 114 44.39 -4.86 -0.48
C ASP B 114 44.71 -3.40 -0.79
N ALA B 115 44.59 -3.01 -2.07
CA ALA B 115 44.82 -1.65 -2.55
C ALA B 115 43.68 -0.69 -2.17
N SER B 116 44.00 0.30 -1.34
N SER B 116 44.00 0.32 -1.39
CA SER B 116 43.07 1.36 -0.99
CA SER B 116 43.05 1.36 -1.03
C SER B 116 43.06 2.47 -2.06
C SER B 116 43.08 2.49 -2.05
N LEU B 117 42.17 3.44 -1.87
CA LEU B 117 42.37 4.83 -2.27
C LEU B 117 42.57 5.62 -0.99
N THR B 118 43.41 6.65 -1.04
CA THR B 118 43.71 7.42 0.15
C THR B 118 43.63 8.92 -0.13
N GLY B 119 43.11 9.67 0.85
CA GLY B 119 42.86 11.09 0.67
C GLY B 119 42.06 11.73 1.80
N PRO B 120 41.88 13.08 1.71
CA PRO B 120 41.15 13.84 2.75
C PRO B 120 39.65 13.86 2.52
N ARG B 121 38.92 13.07 3.32
CA ARG B 121 37.47 13.06 3.33
C ARG B 121 36.85 12.83 1.94
N PRO B 122 37.11 11.69 1.30
CA PRO B 122 36.32 11.31 0.13
C PRO B 122 34.86 11.18 0.55
N PHE B 123 33.94 11.55 -0.35
CA PHE B 123 32.54 11.48 0.06
C PHE B 123 31.64 10.92 -1.04
N HIS B 124 31.11 11.78 -1.90
N HIS B 124 31.10 11.79 -1.90
CA HIS B 124 30.16 11.33 -2.91
CA HIS B 124 30.17 11.32 -2.90
C HIS B 124 30.86 10.52 -4.00
C HIS B 124 30.87 10.51 -3.97
N LEU B 125 30.23 9.42 -4.39
CA LEU B 125 30.72 8.50 -5.39
C LEU B 125 29.75 8.46 -6.56
N VAL B 126 30.27 8.56 -7.78
CA VAL B 126 29.43 8.49 -8.98
C VAL B 126 29.96 7.38 -9.88
N GLU B 127 29.05 6.53 -10.36
CA GLU B 127 29.41 5.50 -11.32
C GLU B 127 28.57 5.65 -12.58
N HIS B 128 29.25 5.73 -13.74
CA HIS B 128 28.59 5.89 -15.04
C HIS B 128 29.63 5.70 -16.15
N ASP B 129 29.18 5.18 -17.30
CA ASP B 129 30.06 4.99 -18.45
C ASP B 129 31.31 4.20 -18.07
N GLY B 130 31.14 3.21 -17.18
CA GLY B 130 32.22 2.34 -16.75
C GLY B 130 33.24 2.93 -15.82
N LYS B 131 33.00 4.11 -15.26
CA LYS B 131 33.95 4.77 -14.38
C LYS B 131 33.33 4.97 -13.01
N VAL B 132 34.15 4.82 -11.98
CA VAL B 132 33.80 5.12 -10.59
C VAL B 132 34.58 6.36 -10.17
N VAL B 133 33.88 7.38 -9.67
CA VAL B 133 34.50 8.68 -9.40
C VAL B 133 34.24 9.12 -7.96
N LEU B 134 35.29 9.43 -7.23
CA LEU B 134 35.22 9.79 -5.82
C LEU B 134 35.66 11.23 -5.60
N ASN B 135 34.82 12.00 -4.92
CA ASN B 135 35.11 13.38 -4.57
C ASN B 135 35.76 13.46 -3.19
N TYR B 136 36.91 14.14 -3.11
CA TYR B 136 37.57 14.42 -1.83
C TYR B 136 37.16 15.82 -1.36
N ASP B 137 36.29 15.87 -0.35
CA ASP B 137 35.69 17.14 0.04
C ASP B 137 36.71 18.14 0.54
N GLN B 138 37.76 17.66 1.20
CA GLN B 138 38.79 18.52 1.74
C GLN B 138 40.05 18.50 0.89
N GLY B 139 39.95 18.07 -0.36
CA GLY B 139 41.11 17.98 -1.21
C GLY B 139 41.11 18.74 -2.51
N GLY B 140 39.94 19.18 -2.98
CA GLY B 140 39.91 19.85 -4.26
C GLY B 140 40.29 18.99 -5.45
N TYR B 141 40.02 17.68 -5.38
CA TYR B 141 40.18 16.81 -6.53
C TYR B 141 39.23 15.62 -6.36
N ALA B 142 39.06 14.87 -7.44
CA ALA B 142 38.37 13.60 -7.41
C ALA B 142 39.27 12.54 -8.05
N GLU B 143 39.02 11.28 -7.72
CA GLU B 143 39.79 10.16 -8.25
C GLU B 143 38.90 9.33 -9.17
N ILE B 144 39.42 8.99 -10.34
CA ILE B 144 38.71 8.24 -11.37
C ILE B 144 39.26 6.82 -11.38
N LEU B 145 38.39 5.83 -11.18
CA LEU B 145 38.79 4.43 -11.30
C LEU B 145 38.00 3.76 -12.41
N ASP B 146 38.65 2.88 -13.13
CA ASP B 146 38.01 2.11 -14.17
C ASP B 146 37.23 0.96 -13.55
N GLY B 147 35.94 0.85 -13.90
CA GLY B 147 35.12 -0.17 -13.28
C GLY B 147 35.66 -1.58 -13.50
N HIS B 148 36.00 -1.89 -14.75
CA HIS B 148 36.50 -3.22 -15.06
C HIS B 148 37.81 -3.52 -14.33
N ALA B 149 38.70 -2.52 -14.20
CA ALA B 149 39.95 -2.73 -13.49
C ALA B 149 39.70 -3.04 -12.02
N LEU B 150 38.74 -2.37 -11.39
CA LEU B 150 38.37 -2.72 -10.02
C LEU B 150 37.92 -4.16 -9.93
N ALA B 151 37.07 -4.59 -10.86
CA ALA B 151 36.53 -5.93 -10.77
C ALA B 151 37.62 -6.97 -10.91
N GLU B 152 38.70 -6.64 -11.62
CA GLU B 152 39.86 -7.51 -11.70
C GLU B 152 40.89 -7.19 -10.61
N GLY B 153 40.50 -6.38 -9.61
CA GLY B 153 41.26 -6.27 -8.38
C GLY B 153 42.27 -5.16 -8.32
N LYS B 154 42.21 -4.19 -9.22
CA LYS B 154 43.18 -3.11 -9.25
C LYS B 154 42.50 -1.80 -8.87
N ALA B 155 43.14 -1.02 -7.99
CA ALA B 155 42.58 0.24 -7.51
C ALA B 155 43.66 1.34 -7.57
N GLU B 156 44.10 1.71 -8.77
CA GLU B 156 44.99 2.87 -8.90
C GLU B 156 44.32 3.97 -9.71
N PRO B 157 43.94 5.07 -9.06
CA PRO B 157 43.11 6.09 -9.70
C PRO B 157 43.90 7.08 -10.54
N GLY B 158 43.18 7.70 -11.47
CA GLY B 158 43.63 8.92 -12.13
C GLY B 158 42.96 10.13 -11.50
N ARG B 159 43.72 11.22 -11.36
CA ARG B 159 43.30 12.39 -10.63
C ARG B 159 42.55 13.37 -11.52
N PHE B 160 41.52 14.01 -10.96
CA PHE B 160 40.82 15.08 -11.65
C PHE B 160 40.87 16.34 -10.80
N PRO B 161 41.52 17.40 -11.28
CA PRO B 161 41.70 18.58 -10.43
C PRO B 161 40.47 19.48 -10.46
N GLN B 162 40.18 20.08 -9.32
CA GLN B 162 39.11 21.06 -9.20
C GLN B 162 39.68 22.40 -8.74
N ALA B 163 39.00 23.47 -9.15
CA ALA B 163 39.45 24.80 -8.77
C ALA B 163 39.45 24.98 -7.26
N ARG B 164 38.57 24.29 -6.54
CA ARG B 164 38.50 24.51 -5.10
C ARG B 164 37.84 23.32 -4.41
N ALA B 165 38.29 23.06 -3.19
CA ALA B 165 37.72 22.00 -2.36
C ALA B 165 36.31 22.35 -1.91
N HIS B 166 35.43 21.36 -1.93
CA HIS B 166 34.04 21.54 -1.52
C HIS B 166 33.38 20.16 -1.42
N HIS B 167 32.15 20.14 -0.93
CA HIS B 167 31.37 18.90 -0.86
C HIS B 167 30.65 18.74 -2.19
N GLY B 168 31.30 18.06 -3.14
CA GLY B 168 30.76 17.98 -4.48
C GLY B 168 30.84 16.60 -5.11
N PHE B 169 30.73 16.54 -6.43
CA PHE B 169 30.81 15.26 -7.12
C PHE B 169 31.34 15.49 -8.52
N VAL B 170 31.81 14.42 -9.13
CA VAL B 170 32.26 14.48 -10.51
C VAL B 170 31.66 13.31 -11.26
N ALA B 171 30.90 13.59 -12.30
CA ALA B 171 30.14 12.57 -13.01
C ALA B 171 30.63 12.45 -14.45
N PRO B 172 30.88 11.25 -14.94
CA PRO B 172 31.15 11.08 -16.36
C PRO B 172 29.87 11.23 -17.17
N LEU B 173 29.98 11.94 -18.29
CA LEU B 173 28.82 12.15 -19.17
C LEU B 173 29.29 12.62 -20.55
N GLY B 174 28.85 11.91 -21.59
CA GLY B 174 29.14 12.33 -22.96
C GLY B 174 30.60 12.53 -23.22
N GLY B 175 31.46 11.68 -22.65
CA GLY B 175 32.89 11.77 -22.81
C GLY B 175 33.56 12.84 -21.98
N ASN B 176 32.80 13.71 -21.32
CA ASN B 176 33.32 14.78 -20.47
C ASN B 176 33.21 14.40 -19.00
N TRP B 177 33.73 15.27 -18.15
CA TRP B 177 33.64 15.09 -16.71
C TRP B 177 32.89 16.28 -16.13
N LEU B 178 31.67 16.04 -15.66
CA LEU B 178 30.81 17.10 -15.17
C LEU B 178 31.01 17.23 -13.67
N SER B 179 31.71 18.29 -13.26
CA SER B 179 32.06 18.53 -11.88
C SER B 179 31.24 19.69 -11.31
N THR B 180 30.89 19.55 -10.05
CA THR B 180 30.44 20.67 -9.25
C THR B 180 31.57 21.70 -9.14
N VAL B 181 31.17 22.95 -8.90
CA VAL B 181 32.09 24.10 -8.87
C VAL B 181 31.75 24.98 -7.66
N ALA B 182 32.76 25.30 -6.85
CA ALA B 182 32.55 26.15 -5.69
C ALA B 182 32.69 27.64 -6.04
N SER B 183 32.17 28.49 -5.14
CA SER B 183 32.36 29.95 -5.18
C SER B 183 33.69 30.34 -4.54
N ASP B 184 33.99 31.66 -4.58
CA ASP B 184 35.12 32.27 -3.85
C ASP B 184 34.65 32.98 -2.58
N GLU B 185 34.68 32.31 -1.43
CA GLU B 185 34.33 33.01 -0.18
C GLU B 185 35.29 32.83 1.01
N SER B 192 30.92 25.56 5.65
CA SER B 192 30.65 24.82 4.41
C SER B 192 30.66 25.73 3.18
N VAL B 193 31.42 25.32 2.18
CA VAL B 193 31.77 26.12 0.99
C VAL B 193 30.59 26.25 0.04
N PRO B 194 30.15 27.48 -0.26
CA PRO B 194 29.07 27.65 -1.25
C PRO B 194 29.48 27.20 -2.64
N ARG B 195 28.50 26.64 -3.37
CA ARG B 195 28.69 26.02 -4.68
C ARG B 195 27.86 26.73 -5.74
N LEU B 196 28.41 26.88 -6.93
CA LEU B 196 27.74 27.68 -7.96
C LEU B 196 26.90 26.87 -8.94
N GLY B 197 27.40 25.72 -9.36
CA GLY B 197 26.67 24.94 -10.34
C GLY B 197 27.51 23.78 -10.84
N LEU B 198 27.31 23.45 -12.11
CA LEU B 198 27.89 22.27 -12.73
C LEU B 198 28.55 22.65 -14.04
N GLN B 199 29.66 21.98 -14.37
CA GLN B 199 30.37 22.33 -15.59
C GLN B 199 31.05 21.10 -16.20
N ALA B 200 31.06 21.04 -17.54
CA ALA B 200 31.71 19.95 -18.27
C ALA B 200 33.19 20.27 -18.49
N PHE B 201 34.06 19.30 -18.22
CA PHE B 201 35.51 19.44 -18.33
C PHE B 201 36.13 18.28 -19.10
N ASP B 202 37.41 18.48 -19.45
CA ASP B 202 38.28 17.42 -19.95
C ASP B 202 39.00 16.73 -18.78
N ALA B 203 39.84 15.74 -19.12
CA ALA B 203 40.49 14.91 -18.11
C ALA B 203 41.47 15.71 -17.27
N GLU B 204 42.02 16.79 -17.82
CA GLU B 204 42.98 17.66 -17.12
C GLU B 204 42.32 18.74 -16.28
N GLY B 205 40.99 18.80 -16.27
CA GLY B 205 40.30 19.84 -15.53
C GLY B 205 40.16 21.13 -16.29
N ASN B 206 40.36 21.10 -17.60
CA ASN B 206 40.12 22.26 -18.46
C ASN B 206 38.65 22.31 -18.86
N PRO B 207 37.99 23.46 -18.77
CA PRO B 207 36.56 23.53 -19.08
C PRO B 207 36.24 23.15 -20.53
N ALA B 208 35.19 22.35 -20.68
CA ALA B 208 34.65 21.94 -21.98
C ALA B 208 33.34 22.65 -22.31
N GLY B 209 32.85 23.50 -21.43
CA GLY B 209 31.64 24.25 -21.65
C GLY B 209 31.44 25.21 -20.51
N ASN B 210 30.42 26.05 -20.64
CA ASN B 210 30.15 27.04 -19.61
C ASN B 210 29.55 26.41 -18.36
N LEU B 211 29.69 27.13 -17.26
CA LEU B 211 29.11 26.71 -16.00
C LEU B 211 27.60 26.77 -16.09
N ALA B 212 26.94 25.69 -15.71
CA ALA B 212 25.48 25.69 -15.64
C ALA B 212 25.08 26.06 -14.21
N THR B 213 24.34 27.16 -14.08
CA THR B 213 23.96 27.61 -12.75
C THR B 213 23.14 26.55 -12.04
N CYS B 214 23.55 26.19 -10.83
CA CYS B 214 22.83 25.27 -9.96
C CYS B 214 23.29 25.52 -8.53
N THR B 215 22.72 26.53 -7.88
CA THR B 215 23.23 27.02 -6.60
C THR B 215 23.09 25.96 -5.53
N GLY B 216 24.16 25.75 -4.78
CA GLY B 216 24.17 24.73 -3.75
C GLY B 216 24.02 23.33 -4.27
N ILE B 217 24.37 23.10 -5.54
CA ILE B 217 24.17 21.84 -6.23
C ILE B 217 24.43 20.70 -5.27
N HIS B 218 23.52 19.74 -5.22
CA HIS B 218 23.66 18.64 -4.25
C HIS B 218 22.77 17.50 -4.70
N GLY B 219 23.31 16.28 -4.66
CA GLY B 219 22.59 15.10 -5.08
C GLY B 219 22.61 14.92 -6.58
N GLU B 220 22.70 13.68 -7.06
CA GLU B 220 22.73 13.45 -8.49
C GLU B 220 22.25 12.04 -8.77
N ALA B 221 21.73 11.82 -9.98
CA ALA B 221 21.39 10.46 -10.40
C ALA B 221 21.19 10.46 -11.90
N PHE B 222 21.23 9.27 -12.48
CA PHE B 222 20.99 9.06 -13.91
C PHE B 222 19.69 8.29 -14.13
N SER B 223 18.95 8.65 -15.18
CA SER B 223 17.82 7.86 -15.64
C SER B 223 17.56 8.10 -17.13
N GLY B 224 17.41 7.01 -17.89
CA GLY B 224 17.20 7.16 -19.31
C GLY B 224 18.34 7.94 -19.91
N ALA B 225 18.02 9.05 -20.58
CA ALA B 225 19.04 9.88 -21.23
C ALA B 225 19.61 10.96 -20.32
N TYR B 226 19.20 11.03 -19.06
CA TYR B 226 19.39 12.24 -18.28
C TYR B 226 20.30 12.06 -17.07
N LEU B 227 21.10 13.07 -16.83
CA LEU B 227 21.67 13.33 -15.53
C LEU B 227 20.82 14.40 -14.89
N ALA B 228 20.56 14.26 -13.59
CA ALA B 228 19.82 15.24 -12.81
C ALA B 228 20.61 15.57 -11.55
N ALA B 229 20.54 16.83 -11.10
CA ALA B 229 21.17 17.27 -9.86
C ALA B 229 20.26 18.28 -9.18
N GLY B 230 20.25 18.27 -7.84
CA GLY B 230 19.41 19.17 -7.08
C GLY B 230 20.07 20.52 -6.86
N CYS B 231 19.26 21.59 -6.95
CA CYS B 231 19.73 22.96 -6.84
C CYS B 231 18.80 23.74 -5.91
N LYS B 232 19.26 24.93 -5.53
CA LYS B 232 18.39 25.86 -4.82
C LYS B 232 17.19 26.28 -5.68
N GLU B 233 17.39 26.47 -6.97
CA GLU B 233 16.34 26.99 -7.84
C GLU B 233 15.44 25.90 -8.43
N GLY B 234 15.78 24.65 -8.30
CA GLY B 234 15.07 23.58 -8.99
C GLY B 234 16.02 22.41 -9.17
N VAL B 235 15.78 21.63 -10.22
CA VAL B 235 16.61 20.47 -10.54
C VAL B 235 17.22 20.67 -11.93
N LEU B 236 18.53 20.55 -12.01
CA LEU B 236 19.24 20.68 -13.28
C LEU B 236 19.28 19.32 -14.00
N THR B 237 18.91 19.31 -15.28
CA THR B 237 19.07 18.12 -16.11
C THR B 237 20.10 18.36 -17.20
N VAL B 238 20.86 17.34 -17.55
CA VAL B 238 21.78 17.44 -18.65
C VAL B 238 21.73 16.13 -19.41
N LYS B 239 21.59 16.21 -20.74
CA LYS B 239 21.58 15.04 -21.62
C LYS B 239 22.72 15.15 -22.62
N ALA B 240 23.28 14.00 -23.00
CA ALA B 240 24.38 14.01 -23.97
C ALA B 240 23.84 14.40 -25.36
N GLY B 241 24.29 15.55 -25.88
CA GLY B 241 23.85 16.09 -27.14
C GLY B 241 24.95 16.09 -28.21
N ALA B 242 24.54 16.43 -29.43
CA ALA B 242 25.49 16.40 -30.56
C ALA B 242 26.57 17.46 -30.41
N ASN B 243 26.21 18.64 -29.93
CA ASN B 243 27.14 19.74 -29.69
C ASN B 243 27.62 19.77 -28.25
N GLY B 244 27.54 18.64 -27.58
CA GLY B 244 27.92 18.50 -26.19
C GLY B 244 26.71 18.27 -25.31
N SER B 245 26.91 18.51 -24.02
CA SER B 245 25.86 18.30 -23.05
C SER B 245 24.76 19.35 -23.21
N GLU B 246 23.51 18.92 -23.10
CA GLU B 246 22.35 19.82 -23.17
C GLU B 246 21.81 20.00 -21.75
N TYR B 247 21.93 21.24 -21.23
CA TYR B 247 21.51 21.60 -19.88
C TYR B 247 20.10 22.18 -19.91
N LYS B 248 19.30 21.84 -18.91
CA LYS B 248 17.98 22.46 -18.75
C LYS B 248 17.61 22.44 -17.28
N LEU B 249 17.34 23.62 -16.72
CA LEU B 249 16.91 23.72 -15.33
C LEU B 249 15.40 23.49 -15.27
N LEU B 250 14.97 22.65 -14.32
CA LEU B 250 13.55 22.49 -14.07
C LEU B 250 13.22 23.29 -12.81
N PRO B 251 12.65 24.48 -12.93
CA PRO B 251 12.42 25.31 -11.73
C PRO B 251 11.34 24.71 -10.84
N TYR B 252 11.57 24.82 -9.52
CA TYR B 252 10.60 24.34 -8.54
C TYR B 252 9.31 25.12 -8.70
N PRO B 253 8.17 24.46 -8.82
CA PRO B 253 6.90 25.19 -8.90
C PRO B 253 6.61 25.96 -7.62
N ALA B 254 5.88 27.07 -7.80
CA ALA B 254 5.45 27.91 -6.70
C ALA B 254 4.55 27.14 -5.75
N ASP B 255 3.90 26.06 -6.22
CA ASP B 255 3.07 25.20 -5.38
C ASP B 255 3.84 24.46 -4.32
N LEU B 256 5.15 24.32 -4.48
CA LEU B 256 5.87 23.46 -3.56
C LEU B 256 6.09 24.16 -2.23
N PRO B 257 6.13 23.40 -1.13
CA PRO B 257 6.45 24.02 0.16
C PRO B 257 7.70 24.86 0.00
N GLN B 258 7.73 26.01 0.67
CA GLN B 258 8.82 26.97 0.48
C GLN B 258 9.93 26.78 1.50
N GLY B 259 11.11 27.26 1.14
CA GLY B 259 12.26 27.19 2.02
C GLY B 259 12.95 25.83 2.07
N VAL B 260 12.59 24.89 1.20
CA VAL B 260 13.20 23.56 1.20
C VAL B 260 13.48 23.14 -0.23
N THR B 261 14.38 22.18 -0.41
CA THR B 261 14.86 21.83 -1.74
C THR B 261 15.02 20.32 -1.87
N THR B 262 15.26 19.89 -3.11
CA THR B 262 15.69 18.53 -3.44
C THR B 262 17.20 18.45 -3.32
N GLY B 263 17.68 17.56 -2.46
CA GLY B 263 19.10 17.36 -2.31
C GLY B 263 19.51 15.91 -2.43
N THR B 264 18.56 14.99 -2.60
CA THR B 264 18.88 13.58 -2.80
C THR B 264 17.99 13.02 -3.90
N LEU B 265 18.61 12.37 -4.89
CA LEU B 265 17.93 11.89 -6.10
C LEU B 265 18.25 10.43 -6.37
N LEU B 266 17.22 9.69 -6.79
CA LEU B 266 17.31 8.36 -7.38
C LEU B 266 16.75 8.37 -8.79
N GLY B 267 17.40 7.63 -9.70
CA GLY B 267 16.95 7.52 -11.08
C GLY B 267 16.54 6.10 -11.44
N SER B 268 15.39 5.92 -12.06
CA SER B 268 15.01 4.55 -12.41
C SER B 268 15.91 4.01 -13.53
N THR B 269 16.27 2.73 -13.42
CA THR B 269 16.96 2.02 -14.49
C THR B 269 16.00 1.37 -15.48
N GLY B 270 14.71 1.39 -15.18
CA GLY B 270 13.67 0.74 -15.97
C GLY B 270 12.84 1.70 -16.80
N ILE B 271 12.36 2.75 -16.17
CA ILE B 271 11.68 3.84 -16.88
C ILE B 271 12.47 5.12 -16.67
N GLN B 272 12.11 6.16 -17.43
CA GLN B 272 12.85 7.41 -17.40
C GLN B 272 12.19 8.37 -16.42
N VAL B 273 12.63 8.30 -15.16
CA VAL B 273 12.00 9.09 -14.10
C VAL B 273 12.98 9.19 -12.93
N PHE B 274 12.89 10.27 -12.19
CA PHE B 274 13.64 10.47 -10.97
C PHE B 274 12.70 10.59 -9.79
N LEU B 275 13.19 10.15 -8.64
CA LEU B 275 12.55 10.38 -7.36
C LEU B 275 13.53 11.17 -6.50
N GLY B 276 13.11 12.33 -6.02
CA GLY B 276 13.95 13.11 -5.14
C GLY B 276 13.23 13.33 -3.81
N ASN B 277 13.96 13.64 -2.75
CA ASN B 277 13.28 14.24 -1.61
C ASN B 277 12.90 15.67 -1.96
N TYR B 278 12.01 16.25 -1.15
CA TYR B 278 11.73 17.69 -1.21
C TYR B 278 11.40 18.08 0.24
N GLY B 279 12.42 18.54 0.97
CA GLY B 279 12.28 18.71 2.40
C GLY B 279 12.34 17.38 3.12
N PRO B 280 12.34 17.40 4.46
CA PRO B 280 12.46 16.15 5.22
C PRO B 280 11.22 15.30 5.18
N ASP B 281 10.08 15.89 4.82
CA ASP B 281 8.83 15.15 4.89
C ASP B 281 8.13 15.10 3.54
N GLY B 282 8.89 15.25 2.45
CA GLY B 282 8.30 15.21 1.12
C GLY B 282 9.18 14.48 0.13
N LEU B 283 8.54 14.07 -0.97
CA LEU B 283 9.18 13.50 -2.15
C LEU B 283 8.70 14.27 -3.38
N VAL B 284 9.51 14.27 -4.45
CA VAL B 284 9.00 14.67 -5.76
C VAL B 284 9.35 13.59 -6.77
N VAL B 285 8.35 13.17 -7.54
CA VAL B 285 8.55 12.37 -8.74
C VAL B 285 8.84 13.35 -9.87
N ILE B 286 10.01 13.21 -10.51
CA ILE B 286 10.51 14.22 -11.44
C ILE B 286 10.54 13.62 -12.85
N ASP B 287 9.77 14.21 -13.76
CA ASP B 287 9.80 13.86 -15.17
C ASP B 287 10.77 14.80 -15.85
N PRO B 288 11.90 14.32 -16.37
CA PRO B 288 12.87 15.25 -16.99
C PRO B 288 12.39 15.82 -18.31
N VAL B 289 11.38 15.22 -18.93
CA VAL B 289 10.98 15.58 -20.30
C VAL B 289 9.87 16.62 -20.33
N ASP B 290 8.70 16.26 -19.82
CA ASP B 290 7.45 17.00 -20.02
C ASP B 290 6.97 17.66 -18.73
N GLU B 291 6.09 18.66 -18.93
CA GLU B 291 5.31 19.19 -17.82
C GLU B 291 4.18 18.21 -17.48
N PRO B 292 3.81 18.08 -16.19
CA PRO B 292 4.48 18.76 -15.06
C PRO B 292 5.79 18.07 -14.67
N HIS B 293 6.84 18.86 -14.44
CA HIS B 293 8.12 18.25 -14.12
C HIS B 293 8.14 17.64 -12.72
N TYR B 294 7.27 18.11 -11.82
CA TYR B 294 7.26 17.67 -10.43
C TYR B 294 5.87 17.19 -10.05
N ARG B 295 5.79 16.07 -9.34
CA ARG B 295 4.56 15.69 -8.63
C ARG B 295 4.92 15.40 -7.19
N TYR B 296 4.36 16.18 -6.28
CA TYR B 296 4.76 16.16 -4.88
C TYR B 296 4.02 15.06 -4.12
N ILE B 297 4.73 14.37 -3.24
CA ILE B 297 4.11 13.38 -2.35
C ILE B 297 4.43 13.81 -0.92
N LYS B 298 3.37 14.06 -0.13
CA LYS B 298 3.54 14.41 1.27
C LYS B 298 3.73 13.14 2.10
N LEU B 299 4.82 13.04 2.84
CA LEU B 299 5.02 11.90 3.72
C LEU B 299 4.39 12.19 5.09
N PRO B 300 3.81 11.18 5.72
CA PRO B 300 3.17 11.40 7.02
C PRO B 300 4.15 11.55 8.19
N PHE B 301 5.37 11.03 8.07
CA PHE B 301 6.43 11.26 9.02
C PHE B 301 7.69 11.51 8.18
N ARG B 302 8.76 11.96 8.84
CA ARG B 302 9.94 12.39 8.12
C ARG B 302 10.71 11.20 7.55
N ARG B 303 11.42 11.45 6.44
CA ARG B 303 12.02 10.38 5.67
C ARG B 303 13.30 9.88 6.33
N VAL B 304 13.46 8.57 6.42
CA VAL B 304 14.72 7.98 6.87
C VAL B 304 15.59 7.52 5.70
N ASP B 305 15.01 6.86 4.70
CA ASP B 305 15.77 6.35 3.57
C ASP B 305 14.78 5.99 2.46
N PHE B 306 15.30 5.80 1.23
CA PHE B 306 14.43 5.31 0.17
C PHE B 306 15.26 4.60 -0.91
N ALA B 307 14.57 3.91 -1.81
CA ALA B 307 15.18 3.12 -2.87
C ALA B 307 14.12 2.88 -3.93
N LEU B 308 14.59 2.68 -5.17
CA LEU B 308 13.74 2.33 -6.29
C LEU B 308 13.85 0.84 -6.54
N ASP B 309 12.74 0.23 -7.03
CA ASP B 309 12.73 -1.20 -7.27
C ASP B 309 13.04 -1.49 -8.74
N PRO B 310 14.25 -1.92 -9.08
CA PRO B 310 14.52 -2.22 -10.50
C PRO B 310 13.74 -3.40 -11.02
N ALA B 311 13.34 -4.35 -10.16
CA ALA B 311 12.52 -5.47 -10.65
C ALA B 311 11.09 -5.03 -10.92
N LYS B 312 10.65 -3.93 -10.32
CA LYS B 312 9.30 -3.41 -10.52
C LYS B 312 9.42 -1.91 -10.72
N PRO B 313 9.92 -1.50 -11.89
CA PRO B 313 10.40 -0.10 -12.03
C PRO B 313 9.33 0.99 -11.90
N SER B 314 8.03 0.66 -11.85
CA SER B 314 7.08 1.74 -11.59
C SER B 314 6.89 1.97 -10.09
N THR B 315 7.70 1.34 -9.25
CA THR B 315 7.53 1.42 -7.81
C THR B 315 8.87 1.72 -7.13
N GLY B 316 8.77 2.36 -5.97
CA GLY B 316 9.88 2.51 -5.07
C GLY B 316 9.39 2.33 -3.64
N TYR B 317 10.31 2.49 -2.69
CA TYR B 317 10.02 2.32 -1.27
C TYR B 317 10.66 3.46 -0.50
N VAL B 318 9.94 3.97 0.50
CA VAL B 318 10.44 4.99 1.41
C VAL B 318 10.16 4.55 2.84
N LEU B 319 11.18 4.62 3.70
CA LEU B 319 11.06 4.32 5.12
C LEU B 319 10.96 5.62 5.88
N THR B 320 9.96 5.72 6.75
CA THR B 320 9.79 6.93 7.54
C THR B 320 10.05 6.69 9.02
N GLU B 321 10.18 7.79 9.78
CA GLU B 321 10.76 7.74 11.13
C GLU B 321 9.86 7.02 12.14
N ASP B 322 8.59 6.80 11.84
CA ASP B 322 7.74 5.93 12.67
C ASP B 322 8.04 4.45 12.46
N GLY B 323 8.97 4.07 11.59
CA GLY B 323 9.24 2.67 11.34
C GLY B 323 8.40 2.05 10.24
N SER B 324 7.64 2.86 9.50
CA SER B 324 6.83 2.35 8.40
C SER B 324 7.61 2.39 7.08
N LEU B 325 7.47 1.32 6.30
CA LEU B 325 7.93 1.28 4.93
C LEU B 325 6.71 1.47 4.03
N HIS B 326 6.81 2.41 3.09
CA HIS B 326 5.72 2.69 2.15
C HIS B 326 6.17 2.35 0.73
N ARG B 327 5.27 1.72 -0.02
CA ARG B 327 5.47 1.53 -1.44
C ARG B 327 5.05 2.79 -2.17
N ILE B 328 5.92 3.27 -3.06
CA ILE B 328 5.67 4.46 -3.88
C ILE B 328 5.26 4.02 -5.28
N ASP B 329 4.09 4.49 -5.72
CA ASP B 329 3.69 4.39 -7.12
C ASP B 329 4.26 5.60 -7.83
N LEU B 330 5.33 5.38 -8.61
CA LEU B 330 5.99 6.48 -9.32
C LEU B 330 5.14 7.03 -10.46
N LEU B 331 4.27 6.19 -11.05
CA LEU B 331 3.48 6.65 -12.20
C LEU B 331 2.38 7.60 -11.77
N LYS B 332 1.66 7.26 -10.70
CA LYS B 332 0.65 8.15 -10.13
C LYS B 332 1.21 9.09 -9.07
N ALA B 333 2.44 8.90 -8.62
CA ALA B 333 3.03 9.74 -7.59
C ALA B 333 2.17 9.75 -6.33
N GLU B 334 1.98 8.57 -5.74
CA GLU B 334 1.28 8.46 -4.47
C GLU B 334 1.83 7.26 -3.70
N ILE B 335 1.65 7.29 -2.35
CA ILE B 335 1.88 6.15 -1.47
C ILE B 335 0.71 5.17 -1.60
N VAL B 336 1.01 3.90 -1.83
CA VAL B 336 -0.03 2.91 -2.11
C VAL B 336 -0.10 1.76 -1.11
N ALA B 337 0.86 1.61 -0.21
CA ALA B 337 0.77 0.56 0.79
C ALA B 337 1.84 0.88 1.80
N SER B 338 1.60 0.48 3.07
CA SER B 338 2.57 0.74 4.13
C SER B 338 2.48 -0.37 5.16
N ALA B 339 3.58 -0.57 5.88
CA ALA B 339 3.60 -1.54 6.98
C ALA B 339 4.71 -1.11 7.91
N LYS B 340 4.51 -1.34 9.21
CA LYS B 340 5.55 -1.03 10.18
C LYS B 340 6.60 -2.13 10.13
N VAL B 341 7.87 -1.79 9.92
CA VAL B 341 8.90 -2.80 9.78
C VAL B 341 9.99 -2.67 10.82
N THR B 342 10.20 -1.48 11.37
CA THR B 342 11.07 -1.32 12.53
C THR B 342 10.31 -0.50 13.58
N GLU B 343 10.93 -0.42 14.75
CA GLU B 343 10.57 0.54 15.77
C GLU B 343 10.88 1.95 15.25
N PRO B 344 10.28 2.98 15.84
CA PRO B 344 10.55 4.35 15.36
C PRO B 344 12.00 4.77 15.55
N TYR B 345 12.47 5.61 14.63
CA TYR B 345 13.80 6.20 14.69
C TYR B 345 13.61 7.68 14.40
N SER B 346 13.44 8.48 15.47
CA SER B 346 13.13 9.90 15.32
C SER B 346 14.16 10.59 14.44
N MET B 347 13.69 11.48 13.57
CA MET B 347 14.59 12.27 12.76
C MET B 347 15.07 13.50 13.49
N ASP B 348 14.68 13.69 14.75
CA ASP B 348 15.34 14.71 15.53
C ASP B 348 16.75 14.25 15.89
N GLY B 349 17.70 15.19 15.96
CA GLY B 349 19.10 14.88 16.21
C GLY B 349 19.96 14.94 14.96
N HIS B 350 21.09 14.25 15.01
CA HIS B 350 22.08 14.33 13.94
C HIS B 350 21.77 13.39 12.77
N TRP B 351 22.09 13.85 11.56
CA TRP B 351 21.74 13.08 10.35
C TRP B 351 22.42 11.70 10.33
N ASN B 352 23.58 11.56 10.99
CA ASN B 352 24.32 10.31 10.94
C ASN B 352 24.14 9.44 12.20
N ASP B 353 23.12 9.72 13.03
CA ASP B 353 22.83 8.85 14.16
C ASP B 353 22.41 7.46 13.68
N PRO B 354 22.49 6.44 14.53
CA PRO B 354 22.14 5.10 14.05
C PRO B 354 20.67 5.05 13.65
N ARG B 355 20.41 4.84 12.37
CA ARG B 355 19.05 4.72 11.84
C ARG B 355 19.07 3.68 10.73
N PRO B 356 17.92 3.07 10.42
CA PRO B 356 17.87 2.08 9.34
C PRO B 356 18.30 2.63 7.98
N ARG B 357 18.81 1.71 7.14
CA ARG B 357 19.09 1.92 5.72
C ARG B 357 18.47 0.74 4.98
N ILE B 358 18.02 1.00 3.75
CA ILE B 358 17.36 -0.03 2.96
C ILE B 358 18.09 -0.19 1.64
N ALA B 359 17.95 -1.39 1.07
CA ALA B 359 18.45 -1.70 -0.28
C ALA B 359 17.56 -2.81 -0.85
N MET B 360 17.52 -2.90 -2.18
CA MET B 360 16.69 -3.87 -2.85
C MET B 360 17.50 -5.13 -3.13
N ALA B 361 16.84 -6.30 -3.04
CA ALA B 361 17.43 -7.59 -3.40
C ALA B 361 16.34 -8.42 -4.09
N GLY B 362 16.10 -8.12 -5.36
CA GLY B 362 15.09 -8.89 -6.08
C GLY B 362 13.69 -8.66 -5.53
N ASP B 363 13.02 -9.72 -5.09
CA ASP B 363 11.66 -9.56 -4.58
C ASP B 363 11.61 -9.25 -3.07
N GLU B 364 12.72 -8.76 -2.49
CA GLU B 364 12.78 -8.32 -1.09
C GLU B 364 13.43 -6.95 -0.96
N ILE B 365 13.03 -6.21 0.07
CA ILE B 365 13.81 -5.07 0.59
C ILE B 365 14.53 -5.57 1.82
N VAL B 366 15.83 -5.30 1.95
CA VAL B 366 16.57 -5.57 3.18
C VAL B 366 16.68 -4.27 3.95
N VAL B 367 16.36 -4.33 5.24
CA VAL B 367 16.31 -3.16 6.13
C VAL B 367 17.22 -3.42 7.32
N THR B 368 18.23 -2.57 7.49
CA THR B 368 19.05 -2.68 8.69
C THR B 368 18.27 -2.09 9.87
N ASP B 369 18.49 -2.66 11.03
CA ASP B 369 17.78 -2.26 12.25
C ASP B 369 18.85 -2.14 13.32
N PRO B 370 19.52 -0.99 13.39
CA PRO B 370 20.72 -0.90 14.24
C PRO B 370 20.46 -1.26 15.70
N ASN B 371 19.39 -0.73 16.31
CA ASN B 371 19.15 -1.03 17.71
C ASN B 371 18.85 -2.51 17.95
N ALA B 372 18.24 -3.20 16.99
CA ALA B 372 17.87 -4.60 17.16
C ALA B 372 18.98 -5.58 16.83
N GLY B 373 20.09 -5.12 16.26
CA GLY B 373 21.16 -6.02 15.86
C GLY B 373 20.80 -6.92 14.69
N LEU B 374 19.95 -6.46 13.78
CA LEU B 374 19.62 -7.37 12.70
C LEU B 374 19.32 -6.61 11.41
N VAL B 375 19.27 -7.39 10.33
CA VAL B 375 18.74 -6.95 9.04
C VAL B 375 17.40 -7.64 8.83
N ARG B 376 16.37 -6.87 8.48
CA ARG B 376 15.04 -7.43 8.23
C ARG B 376 14.77 -7.59 6.74
N ARG B 377 14.11 -8.69 6.40
CA ARG B 377 13.77 -9.03 5.03
C ARG B 377 12.28 -8.84 4.80
N ILE B 378 11.93 -7.90 3.92
CA ILE B 378 10.57 -7.50 3.63
C ILE B 378 10.21 -7.88 2.19
N ALA B 379 9.09 -8.58 2.01
CA ALA B 379 8.65 -8.97 0.68
C ALA B 379 8.13 -7.76 -0.09
N THR B 380 8.58 -7.58 -1.34
CA THR B 380 8.01 -6.45 -2.09
C THR B 380 6.55 -6.71 -2.45
N GLU B 381 6.15 -7.97 -2.57
CA GLU B 381 4.77 -8.28 -2.94
C GLU B 381 3.77 -7.71 -1.93
N ASP B 382 4.04 -7.87 -0.63
CA ASP B 382 3.03 -7.47 0.34
C ASP B 382 3.60 -6.86 1.60
N LEU B 383 4.89 -6.53 1.64
CA LEU B 383 5.50 -5.88 2.79
C LEU B 383 5.48 -6.75 4.04
N SER B 384 5.25 -8.05 3.90
CA SER B 384 5.39 -8.92 5.05
C SER B 384 6.87 -9.14 5.35
N GLU B 385 7.17 -9.43 6.61
CA GLU B 385 8.53 -9.72 7.03
C GLU B 385 8.80 -11.20 6.82
N ARG B 386 9.70 -11.53 5.91
CA ARG B 386 9.95 -12.95 5.64
C ARG B 386 10.90 -13.55 6.67
N GLY B 387 11.61 -12.71 7.41
CA GLY B 387 12.64 -13.20 8.31
C GLY B 387 13.61 -12.07 8.58
N THR B 388 14.54 -12.37 9.46
CA THR B 388 15.58 -11.47 9.90
C THR B 388 16.90 -12.22 9.93
N VAL B 389 17.99 -11.46 9.88
CA VAL B 389 19.34 -12.01 9.85
C VAL B 389 20.13 -11.30 10.93
N PRO B 390 20.64 -11.99 11.95
CA PRO B 390 21.40 -11.31 13.00
C PRO B 390 22.75 -10.84 12.48
N VAL B 391 23.08 -9.60 12.80
CA VAL B 391 24.38 -9.02 12.50
C VAL B 391 24.83 -8.34 13.78
N GLU B 392 26.07 -8.62 14.20
CA GLU B 392 26.56 -8.09 15.46
C GLU B 392 26.77 -6.58 15.37
N GLY B 393 26.51 -5.90 16.48
CA GLY B 393 26.84 -4.50 16.59
C GLY B 393 25.66 -3.65 16.24
N LYS B 394 25.89 -2.52 15.57
CA LYS B 394 24.79 -1.66 15.14
C LYS B 394 24.81 -1.59 13.63
N PRO B 395 24.20 -2.56 12.96
CA PRO B 395 24.24 -2.58 11.48
C PRO B 395 23.64 -1.29 10.95
N TYR B 396 24.34 -0.67 10.01
CA TYR B 396 23.94 0.67 9.62
C TYR B 396 23.76 0.72 8.11
N ASN B 397 24.80 1.14 7.38
CA ASN B 397 24.70 1.22 5.93
C ASN B 397 24.68 -0.17 5.30
N ILE B 398 24.09 -0.25 4.11
CA ILE B 398 23.85 -1.54 3.46
C ILE B 398 23.94 -1.38 1.94
N ALA B 399 24.44 -2.42 1.28
CA ALA B 399 24.44 -2.47 -0.18
C ALA B 399 24.30 -3.93 -0.58
N VAL B 400 23.80 -4.16 -1.79
CA VAL B 400 23.46 -5.50 -2.25
C VAL B 400 24.16 -5.77 -3.57
N THR B 401 24.67 -6.98 -3.72
CA THR B 401 25.30 -7.47 -4.94
C THR B 401 24.59 -8.75 -5.36
N GLY B 402 24.85 -9.17 -6.59
CA GLY B 402 24.30 -10.42 -7.10
C GLY B 402 23.06 -10.22 -7.95
N GLY B 403 22.31 -11.29 -8.11
CA GLY B 403 21.12 -11.32 -8.93
C GLY B 403 20.90 -12.72 -9.49
N SER B 404 20.27 -12.76 -10.68
CA SER B 404 19.94 -14.01 -11.36
C SER B 404 20.78 -14.19 -12.62
N GLY B 405 21.18 -15.43 -12.86
CA GLY B 405 21.98 -15.79 -14.01
C GLY B 405 21.90 -17.28 -14.28
N VAL B 406 22.71 -17.72 -15.24
CA VAL B 406 22.74 -19.11 -15.68
C VAL B 406 24.07 -19.74 -15.30
N THR B 407 24.06 -21.05 -15.09
CA THR B 407 25.26 -21.84 -14.83
C THR B 407 25.48 -22.79 -16.01
N HIS B 408 26.17 -23.91 -15.76
CA HIS B 408 26.62 -24.87 -16.79
C HIS B 408 27.29 -26.05 -16.12
N THR C 32 -18.43 7.21 -44.98
CA THR C 32 -17.71 6.15 -44.25
C THR C 32 -18.34 5.76 -42.90
N LEU C 33 -18.05 4.53 -42.49
CA LEU C 33 -18.68 3.98 -41.29
C LEU C 33 -17.69 3.03 -40.62
N TYR C 34 -17.26 3.43 -39.44
CA TYR C 34 -16.46 2.58 -38.57
C TYR C 34 -17.37 2.15 -37.44
N ARG C 35 -17.34 0.87 -37.12
CA ARG C 35 -18.12 0.32 -36.02
C ARG C 35 -17.16 -0.25 -34.99
N VAL C 36 -17.21 0.27 -33.76
CA VAL C 36 -16.25 -0.11 -32.74
C VAL C 36 -16.84 -1.25 -31.92
N PHE C 37 -16.02 -2.27 -31.64
CA PHE C 37 -16.42 -3.40 -30.83
C PHE C 37 -15.54 -3.44 -29.59
N VAL C 38 -16.17 -3.34 -28.41
CA VAL C 38 -15.45 -3.17 -27.15
C VAL C 38 -15.84 -4.29 -26.20
N GLY C 39 -14.83 -4.99 -25.69
CA GLY C 39 -15.05 -6.01 -24.69
C GLY C 39 -14.92 -5.48 -23.26
N ASP C 40 -15.49 -6.23 -22.31
CA ASP C 40 -15.33 -5.93 -20.89
C ASP C 40 -14.20 -6.74 -20.28
N HIS C 41 -13.60 -6.21 -19.21
CA HIS C 41 -12.53 -6.97 -18.56
C HIS C 41 -13.04 -8.19 -17.81
N GLU C 42 -14.25 -8.13 -17.22
CA GLU C 42 -14.81 -9.23 -16.42
C GLU C 42 -16.02 -9.91 -17.07
N LYS C 43 -17.05 -9.16 -17.43
CA LYS C 43 -18.27 -9.76 -17.92
C LYS C 43 -18.10 -10.25 -19.36
N GLY C 44 -18.81 -11.32 -19.69
CA GLY C 44 -18.86 -11.80 -21.06
C GLY C 44 -19.80 -10.95 -21.90
N GLN C 45 -19.30 -9.82 -22.40
CA GLN C 45 -20.14 -8.83 -23.05
C GLN C 45 -19.34 -8.10 -24.12
N VAL C 46 -19.91 -7.94 -25.29
CA VAL C 46 -19.32 -7.13 -26.34
C VAL C 46 -20.26 -5.97 -26.66
N THR C 47 -19.74 -4.76 -26.59
CA THR C 47 -20.49 -3.56 -26.96
C THR C 47 -20.02 -3.05 -28.31
N ALA C 48 -20.96 -2.83 -29.22
CA ALA C 48 -20.66 -2.30 -30.54
C ALA C 48 -21.36 -0.96 -30.71
N PHE C 49 -20.67 -0.01 -31.35
CA PHE C 49 -21.29 1.27 -31.60
C PHE C 49 -20.67 1.88 -32.85
N ASP C 50 -21.49 2.60 -33.59
CA ASP C 50 -21.01 3.40 -34.71
C ASP C 50 -20.14 4.53 -34.19
N LEU C 51 -18.90 4.60 -34.66
CA LEU C 51 -17.97 5.59 -34.14
C LEU C 51 -18.55 6.99 -34.27
N ALA C 52 -19.12 7.31 -35.44
CA ALA C 52 -19.63 8.65 -35.70
C ALA C 52 -20.96 8.94 -35.02
N GLU C 53 -21.67 7.94 -34.51
CA GLU C 53 -22.91 8.17 -33.77
C GLU C 53 -23.01 7.13 -32.67
N PRO C 54 -22.30 7.34 -31.56
CA PRO C 54 -22.18 6.29 -30.55
C PRO C 54 -23.50 5.93 -29.88
N ASP C 55 -24.56 6.70 -30.13
CA ASP C 55 -25.90 6.36 -29.63
C ASP C 55 -26.53 5.22 -30.40
N HIS C 56 -26.03 4.92 -31.60
CA HIS C 56 -26.34 3.70 -32.35
C HIS C 56 -25.48 2.60 -31.79
N ARG C 57 -26.02 1.79 -30.89
CA ARG C 57 -25.19 0.84 -30.16
C ARG C 57 -25.94 -0.46 -29.98
N TRP C 58 -25.17 -1.51 -29.70
CA TRP C 58 -25.68 -2.86 -29.53
C TRP C 58 -24.86 -3.57 -28.47
N THR C 59 -25.44 -4.62 -27.89
CA THR C 59 -24.79 -5.46 -26.89
C THR C 59 -24.94 -6.90 -27.32
N PHE C 60 -23.88 -7.69 -27.16
CA PHE C 60 -23.90 -9.08 -27.53
C PHE C 60 -23.34 -9.87 -26.35
N PRO C 61 -24.01 -10.93 -25.93
CA PRO C 61 -23.51 -11.72 -24.81
C PRO C 61 -22.48 -12.75 -25.27
N THR C 62 -21.51 -13.01 -24.40
CA THR C 62 -20.51 -14.04 -24.67
C THR C 62 -20.31 -14.85 -23.41
N THR C 63 -19.67 -16.01 -23.55
CA THR C 63 -19.43 -16.87 -22.40
C THR C 63 -18.48 -16.21 -21.40
N GLY C 64 -17.44 -15.55 -21.89
CA GLY C 64 -16.46 -14.95 -20.98
C GLY C 64 -15.71 -13.76 -21.54
N GLN C 65 -14.58 -13.41 -20.90
CA GLN C 65 -13.77 -12.27 -21.34
C GLN C 65 -13.30 -12.46 -22.77
N VAL C 66 -13.49 -11.44 -23.61
CA VAL C 66 -13.23 -11.54 -25.05
C VAL C 66 -11.92 -10.85 -25.41
N LYS C 67 -11.20 -11.46 -26.36
CA LYS C 67 -10.20 -10.79 -27.16
C LYS C 67 -10.71 -10.79 -28.59
N LEU C 68 -10.78 -9.60 -29.20
CA LEU C 68 -11.55 -9.36 -30.40
C LEU C 68 -10.64 -9.17 -31.61
N TYR C 69 -11.04 -9.76 -32.74
CA TYR C 69 -10.32 -9.68 -34.01
C TYR C 69 -11.29 -9.38 -35.14
N SER C 70 -11.01 -8.34 -35.92
CA SER C 70 -11.76 -8.09 -37.14
C SER C 70 -11.27 -9.04 -38.22
N VAL C 71 -12.19 -9.82 -38.80
CA VAL C 71 -11.81 -10.90 -39.71
C VAL C 71 -12.70 -10.87 -40.94
N ALA C 72 -12.27 -11.58 -41.99
CA ALA C 72 -13.00 -11.66 -43.25
C ALA C 72 -13.31 -10.26 -43.76
N GLY C 73 -12.27 -9.44 -43.83
CA GLY C 73 -12.43 -8.10 -44.34
C GLY C 73 -13.27 -7.19 -43.48
N GLY C 74 -13.47 -7.52 -42.20
CA GLY C 74 -14.30 -6.70 -41.34
C GLY C 74 -15.76 -7.10 -41.30
N ALA C 75 -16.17 -8.13 -42.06
CA ALA C 75 -17.55 -8.61 -42.01
C ALA C 75 -17.83 -9.37 -40.72
N VAL C 76 -16.81 -9.86 -40.04
CA VAL C 76 -16.99 -10.68 -38.85
C VAL C 76 -16.00 -10.21 -37.81
N VAL C 77 -16.47 -10.13 -36.56
CA VAL C 77 -15.63 -9.94 -35.38
C VAL C 77 -15.55 -11.29 -34.66
N ALA C 78 -14.34 -11.76 -34.42
CA ALA C 78 -14.13 -12.99 -33.66
C ALA C 78 -13.83 -12.62 -32.22
N ALA C 79 -14.53 -13.27 -31.29
CA ALA C 79 -14.39 -13.03 -29.86
C ALA C 79 -13.81 -14.30 -29.25
N VAL C 80 -12.49 -14.36 -29.17
CA VAL C 80 -11.80 -15.49 -28.55
C VAL C 80 -11.85 -15.30 -27.05
N GLN C 81 -12.26 -16.33 -26.32
CA GLN C 81 -12.40 -16.28 -24.87
C GLN C 81 -11.55 -17.41 -24.29
N SER C 82 -10.27 -17.11 -24.07
CA SER C 82 -9.28 -18.12 -23.71
C SER C 82 -9.62 -18.76 -22.37
N ASP C 83 -9.90 -17.94 -21.36
CA ASP C 83 -10.19 -18.49 -20.05
C ASP C 83 -11.44 -19.37 -20.08
N ALA C 84 -12.36 -19.12 -21.02
CA ALA C 84 -13.64 -19.83 -21.07
C ALA C 84 -13.70 -20.93 -22.12
N ASP C 85 -12.58 -21.30 -22.73
CA ASP C 85 -12.56 -22.41 -23.68
C ASP C 85 -13.59 -22.22 -24.79
N THR C 86 -13.80 -20.97 -25.22
CA THR C 86 -14.87 -20.68 -26.17
C THR C 86 -14.41 -19.66 -27.21
N VAL C 87 -14.96 -19.77 -28.43
CA VAL C 87 -14.84 -18.76 -29.46
C VAL C 87 -16.23 -18.51 -30.07
N GLN C 88 -16.66 -17.25 -30.07
CA GLN C 88 -17.92 -16.85 -30.68
C GLN C 88 -17.69 -15.79 -31.74
N PHE C 89 -18.68 -15.61 -32.62
CA PHE C 89 -18.58 -14.69 -33.75
C PHE C 89 -19.78 -13.75 -33.81
N ILE C 90 -19.53 -12.54 -34.28
CA ILE C 90 -20.53 -11.50 -34.44
C ILE C 90 -20.39 -10.88 -35.84
N ARG C 91 -21.49 -10.82 -36.60
CA ARG C 91 -21.49 -10.11 -37.89
C ARG C 91 -21.53 -8.60 -37.71
N SER C 92 -20.68 -7.88 -38.47
CA SER C 92 -20.36 -6.49 -38.15
C SER C 92 -21.59 -5.57 -38.23
N GLY C 93 -22.46 -5.72 -39.23
CA GLY C 93 -22.30 -6.43 -40.46
C GLY C 93 -22.09 -5.34 -41.49
N ILE C 94 -20.82 -5.03 -41.67
CA ILE C 94 -20.35 -4.22 -42.78
C ILE C 94 -19.66 -5.17 -43.74
N SER C 95 -20.08 -5.16 -45.00
CA SER C 95 -19.44 -5.95 -46.02
C SER C 95 -19.05 -5.03 -47.17
N PHE C 96 -17.84 -5.21 -47.69
CA PHE C 96 -17.37 -4.46 -48.85
C PHE C 96 -17.29 -5.35 -50.07
N ASP C 104 -17.98 -1.20 -53.22
CA ASP C 104 -19.23 -0.85 -52.52
C ASP C 104 -19.32 -1.40 -51.11
N ILE C 105 -19.94 -0.62 -50.22
CA ILE C 105 -20.14 -0.98 -48.82
C ILE C 105 -21.63 -1.18 -48.58
N GLU C 106 -21.98 -2.30 -47.95
CA GLU C 106 -23.34 -2.58 -47.52
C GLU C 106 -23.37 -2.60 -45.99
N VAL C 107 -24.37 -1.93 -45.42
CA VAL C 107 -24.43 -1.70 -43.98
C VAL C 107 -25.76 -2.18 -43.43
N GLY C 108 -25.70 -3.00 -42.39
CA GLY C 108 -26.86 -3.31 -41.59
C GLY C 108 -26.42 -3.41 -40.14
N ASP C 109 -27.41 -3.66 -39.28
CA ASP C 109 -27.10 -3.83 -37.87
C ASP C 109 -26.23 -5.07 -37.67
N PRO C 110 -25.36 -5.06 -36.65
CA PRO C 110 -24.62 -6.27 -36.32
C PRO C 110 -25.56 -7.36 -35.84
N ALA C 111 -25.09 -8.59 -35.89
CA ALA C 111 -25.91 -9.70 -35.45
C ALA C 111 -25.00 -10.83 -35.02
N ALA C 112 -25.34 -11.45 -33.90
CA ALA C 112 -24.55 -12.59 -33.44
C ALA C 112 -24.66 -13.73 -34.44
N ILE C 113 -23.56 -14.44 -34.63
CA ILE C 113 -23.58 -15.75 -35.27
C ILE C 113 -23.72 -16.78 -34.16
N ASP C 114 -24.77 -17.60 -34.23
CA ASP C 114 -25.02 -18.52 -33.14
C ASP C 114 -24.09 -19.73 -33.16
N ALA C 115 -23.56 -20.10 -34.30
CA ALA C 115 -22.57 -21.16 -34.32
C ALA C 115 -21.33 -20.69 -33.59
N SER C 116 -20.88 -21.48 -32.62
CA SER C 116 -19.76 -21.09 -31.80
C SER C 116 -18.72 -22.21 -31.86
N LEU C 117 -17.67 -22.05 -31.06
CA LEU C 117 -16.58 -23.01 -31.02
C LEU C 117 -16.20 -23.19 -29.56
N THR C 118 -15.86 -24.41 -29.20
CA THR C 118 -15.45 -24.72 -27.83
C THR C 118 -14.25 -25.64 -27.88
N GLY C 119 -13.34 -25.45 -26.94
CA GLY C 119 -12.13 -26.22 -26.93
C GLY C 119 -11.21 -25.71 -25.86
N PRO C 120 -10.15 -26.41 -25.63
CA PRO C 120 -9.27 -26.08 -24.50
C PRO C 120 -8.33 -24.90 -24.77
N ARG C 121 -8.73 -23.75 -24.25
CA ARG C 121 -7.95 -22.52 -24.27
C ARG C 121 -7.54 -22.11 -25.68
N PRO C 122 -8.50 -21.83 -26.56
CA PRO C 122 -8.15 -21.18 -27.83
C PRO C 122 -7.52 -19.84 -27.52
N PHE C 123 -6.47 -19.51 -28.27
CA PHE C 123 -5.80 -18.25 -27.98
C PHE C 123 -5.45 -17.49 -29.25
N HIS C 124 -4.31 -17.80 -29.87
N HIS C 124 -4.29 -17.77 -29.86
CA HIS C 124 -3.84 -16.94 -30.95
CA HIS C 124 -3.81 -16.95 -30.95
C HIS C 124 -4.54 -17.24 -32.26
C HIS C 124 -4.56 -17.23 -32.24
N LEU C 125 -4.98 -16.16 -32.90
CA LEU C 125 -5.75 -16.21 -34.14
C LEU C 125 -4.91 -15.60 -35.25
N VAL C 126 -4.79 -16.30 -36.37
CA VAL C 126 -4.07 -15.79 -37.53
C VAL C 126 -4.98 -15.85 -38.73
N GLU C 127 -5.06 -14.76 -39.47
CA GLU C 127 -5.83 -14.74 -40.71
C GLU C 127 -4.91 -14.39 -41.88
N HIS C 128 -4.92 -15.24 -42.90
CA HIS C 128 -4.13 -15.07 -44.11
C HIS C 128 -4.65 -16.01 -45.18
N ASP C 129 -4.57 -15.55 -46.44
CA ASP C 129 -4.99 -16.33 -47.62
C ASP C 129 -6.45 -16.79 -47.50
N GLY C 130 -7.31 -15.90 -46.99
CA GLY C 130 -8.71 -16.23 -46.84
C GLY C 130 -9.03 -17.19 -45.72
N LYS C 131 -8.08 -17.50 -44.81
CA LYS C 131 -8.30 -18.48 -43.76
C LYS C 131 -8.09 -17.86 -42.38
N VAL C 132 -8.94 -18.25 -41.43
CA VAL C 132 -8.82 -17.89 -40.02
C VAL C 132 -8.44 -19.16 -39.27
N VAL C 133 -7.35 -19.10 -38.50
CA VAL C 133 -6.77 -20.28 -37.87
C VAL C 133 -6.62 -20.00 -36.38
N LEU C 134 -7.17 -20.89 -35.55
CA LEU C 134 -7.23 -20.69 -34.11
C LEU C 134 -6.42 -21.75 -33.39
N ASN C 135 -5.49 -21.31 -32.54
CA ASN C 135 -4.66 -22.23 -31.78
C ASN C 135 -5.33 -22.59 -30.46
N TYR C 136 -5.50 -23.88 -30.21
CA TYR C 136 -6.00 -24.39 -28.93
C TYR C 136 -4.81 -24.78 -28.06
N ASP C 137 -4.47 -23.89 -27.11
CA ASP C 137 -3.24 -24.03 -26.34
C ASP C 137 -3.21 -25.30 -25.50
N GLN C 138 -4.37 -25.71 -24.97
CA GLN C 138 -4.41 -26.91 -24.13
C GLN C 138 -5.01 -28.10 -24.86
N GLY C 139 -5.08 -28.04 -26.18
CA GLY C 139 -5.66 -29.13 -26.94
C GLY C 139 -4.66 -29.77 -27.90
N GLY C 140 -3.56 -29.08 -28.20
CA GLY C 140 -2.63 -29.62 -29.18
C GLY C 140 -3.18 -29.70 -30.59
N TYR C 141 -4.06 -28.78 -30.97
CA TYR C 141 -4.53 -28.71 -32.34
C TYR C 141 -4.94 -27.29 -32.64
N ALA C 142 -5.13 -26.99 -33.92
CA ALA C 142 -5.69 -25.71 -34.34
C ALA C 142 -6.92 -25.94 -35.21
N GLU C 143 -7.77 -24.91 -35.27
CA GLU C 143 -8.99 -24.96 -36.07
C GLU C 143 -8.90 -23.97 -37.23
N ILE C 144 -9.20 -24.44 -38.44
CA ILE C 144 -9.12 -23.67 -39.67
C ILE C 144 -10.53 -23.34 -40.11
N LEU C 145 -10.83 -22.06 -40.24
CA LEU C 145 -12.12 -21.59 -40.73
C LEU C 145 -11.93 -20.89 -42.05
N ASP C 146 -12.88 -21.10 -42.96
CA ASP C 146 -12.87 -20.37 -44.21
C ASP C 146 -13.49 -18.99 -44.00
N GLY C 147 -12.76 -17.95 -44.38
CA GLY C 147 -13.25 -16.59 -44.15
C GLY C 147 -14.58 -16.30 -44.83
N HIS C 148 -14.72 -16.69 -46.10
CA HIS C 148 -15.99 -16.43 -46.78
C HIS C 148 -17.12 -17.17 -46.10
N ALA C 149 -16.85 -18.41 -45.66
CA ALA C 149 -17.86 -19.20 -44.97
C ALA C 149 -18.30 -18.50 -43.69
N LEU C 150 -17.34 -17.96 -42.93
CA LEU C 150 -17.67 -17.15 -41.76
C LEU C 150 -18.55 -15.97 -42.13
N ALA C 151 -18.21 -15.28 -43.22
CA ALA C 151 -18.96 -14.10 -43.63
C ALA C 151 -20.41 -14.44 -43.94
N GLU C 152 -20.70 -15.67 -44.35
CA GLU C 152 -22.08 -16.08 -44.50
C GLU C 152 -22.63 -16.76 -43.26
N GLY C 153 -21.93 -16.69 -42.13
CA GLY C 153 -22.50 -17.11 -40.88
C GLY C 153 -22.24 -18.55 -40.52
N LYS C 154 -21.28 -19.18 -41.19
CA LYS C 154 -20.94 -20.58 -40.96
C LYS C 154 -19.57 -20.68 -40.34
N ALA C 155 -19.45 -21.49 -39.28
CA ALA C 155 -18.22 -21.66 -38.54
C ALA C 155 -17.97 -23.16 -38.34
N GLU C 156 -17.71 -23.87 -39.42
CA GLU C 156 -17.39 -25.29 -39.31
C GLU C 156 -15.93 -25.50 -39.62
N PRO C 157 -15.11 -25.73 -38.61
CA PRO C 157 -13.65 -25.77 -38.81
C PRO C 157 -13.15 -27.15 -39.18
N GLY C 158 -11.99 -27.13 -39.84
CA GLY C 158 -11.17 -28.31 -40.02
C GLY C 158 -10.08 -28.28 -38.97
N ARG C 159 -9.76 -29.46 -38.44
CA ARG C 159 -8.85 -29.57 -37.32
C ARG C 159 -7.46 -29.86 -37.85
N PHE C 160 -6.51 -29.03 -37.44
CA PHE C 160 -5.10 -29.19 -37.79
C PHE C 160 -4.38 -29.80 -36.60
N PRO C 161 -3.79 -30.98 -36.71
CA PRO C 161 -3.18 -31.61 -35.54
C PRO C 161 -1.79 -31.08 -35.27
N GLN C 162 -1.45 -30.97 -33.98
CA GLN C 162 -0.10 -30.62 -33.56
C GLN C 162 0.49 -31.74 -32.74
N ALA C 163 1.81 -31.91 -32.85
CA ALA C 163 2.47 -32.99 -32.11
C ALA C 163 2.32 -32.83 -30.59
N ARG C 164 2.19 -31.61 -30.09
CA ARG C 164 2.09 -31.43 -28.64
C ARG C 164 1.36 -30.11 -28.35
N ALA C 165 0.54 -30.10 -27.30
CA ALA C 165 -0.17 -28.88 -26.94
C ALA C 165 0.80 -27.82 -26.42
N HIS C 166 0.59 -26.57 -26.81
CA HIS C 166 1.48 -25.49 -26.35
C HIS C 166 0.89 -24.14 -26.74
N HIS C 167 1.55 -23.08 -26.30
CA HIS C 167 1.10 -21.73 -26.59
C HIS C 167 1.71 -21.31 -27.92
N GLY C 168 0.98 -21.57 -29.01
CA GLY C 168 1.53 -21.36 -30.33
C GLY C 168 0.59 -20.69 -31.31
N PHE C 169 0.89 -20.85 -32.59
CA PHE C 169 0.03 -20.30 -33.63
C PHE C 169 0.23 -21.12 -34.89
N VAL C 170 -0.69 -20.98 -35.82
CA VAL C 170 -0.58 -21.65 -37.11
C VAL C 170 -0.92 -20.64 -38.20
N ALA C 171 0.02 -20.43 -39.12
CA ALA C 171 -0.17 -19.39 -40.11
C ALA C 171 -0.26 -19.99 -41.51
N PRO C 172 -1.30 -19.67 -42.28
CA PRO C 172 -1.34 -20.11 -43.67
C PRO C 172 -0.35 -19.30 -44.49
N LEU C 173 0.42 -20.01 -45.32
CA LEU C 173 1.41 -19.37 -46.17
C LEU C 173 1.79 -20.34 -47.26
N GLY C 174 1.66 -19.91 -48.52
CA GLY C 174 2.10 -20.70 -49.65
C GLY C 174 1.48 -22.07 -49.71
N GLY C 175 0.20 -22.19 -49.37
CA GLY C 175 -0.51 -23.45 -49.40
C GLY C 175 -0.23 -24.38 -48.23
N ASN C 176 0.71 -24.06 -47.37
CA ASN C 176 1.00 -24.86 -46.19
C ASN C 176 0.43 -24.19 -44.94
N TRP C 177 0.56 -24.88 -43.81
CA TRP C 177 0.15 -24.39 -42.51
C TRP C 177 1.41 -24.38 -41.66
N LEU C 178 1.90 -23.17 -41.36
CA LEU C 178 3.17 -22.97 -40.66
C LEU C 178 2.86 -22.88 -39.18
N SER C 179 3.16 -23.95 -38.47
CA SER C 179 2.84 -24.07 -37.05
C SER C 179 4.10 -23.91 -36.21
N THR C 180 3.94 -23.23 -35.09
CA THR C 180 4.92 -23.35 -34.03
C THR C 180 5.02 -24.81 -33.59
N VAL C 181 6.21 -25.18 -33.12
CA VAL C 181 6.55 -26.56 -32.77
C VAL C 181 7.18 -26.54 -31.38
N ALA C 182 6.58 -27.29 -30.45
CA ALA C 182 7.09 -27.31 -29.10
C ALA C 182 8.19 -28.36 -28.98
N SER C 183 8.95 -28.28 -27.90
CA SER C 183 9.91 -29.32 -27.59
C SER C 183 9.19 -30.51 -26.93
N ASP C 184 9.82 -31.67 -26.96
CA ASP C 184 9.39 -32.78 -26.10
C ASP C 184 10.41 -32.78 -24.96
N GLU C 185 10.09 -31.99 -23.95
CA GLU C 185 10.90 -31.81 -22.76
C GLU C 185 9.90 -31.34 -21.72
N LYS C 186 9.94 -31.90 -20.53
CA LYS C 186 8.74 -31.92 -19.70
C LYS C 186 8.82 -30.98 -18.51
N VAL C 187 7.64 -30.57 -18.05
CA VAL C 187 7.42 -30.07 -16.68
C VAL C 187 6.01 -30.39 -16.24
N SER C 192 4.58 -24.40 -18.57
CA SER C 192 4.94 -23.66 -19.79
C SER C 192 5.90 -24.42 -20.72
N VAL C 193 5.41 -24.84 -21.89
CA VAL C 193 6.13 -25.72 -22.82
C VAL C 193 7.19 -24.95 -23.62
N PRO C 194 8.46 -25.34 -23.57
CA PRO C 194 9.45 -24.69 -24.43
C PRO C 194 9.10 -24.95 -25.89
N ARG C 195 9.41 -23.97 -26.75
CA ARG C 195 9.09 -24.02 -28.18
C ARG C 195 10.36 -23.95 -29.01
N LEU C 196 10.43 -24.81 -30.03
CA LEU C 196 11.66 -24.97 -30.80
C LEU C 196 11.72 -24.04 -31.99
N GLY C 197 10.61 -23.87 -32.69
CA GLY C 197 10.61 -23.03 -33.88
C GLY C 197 9.32 -23.14 -34.65
N LEU C 198 9.43 -22.98 -35.97
CA LEU C 198 8.30 -22.90 -36.88
C LEU C 198 8.49 -23.91 -37.99
N GLN C 199 7.42 -24.54 -38.42
CA GLN C 199 7.55 -25.58 -39.43
C GLN C 199 6.30 -25.60 -40.29
N ALA C 200 6.50 -25.85 -41.58
CA ALA C 200 5.41 -25.94 -42.53
C ALA C 200 4.84 -27.36 -42.52
N PHE C 201 3.52 -27.46 -42.49
CA PHE C 201 2.82 -28.73 -42.50
C PHE C 201 1.70 -28.70 -43.54
N ASP C 202 1.26 -29.90 -43.95
CA ASP C 202 0.09 -30.06 -44.79
C ASP C 202 -1.18 -30.11 -43.92
N ALA C 203 -2.34 -30.28 -44.57
CA ALA C 203 -3.62 -30.20 -43.85
C ALA C 203 -3.79 -31.29 -42.79
N GLU C 204 -3.16 -32.44 -42.99
CA GLU C 204 -3.23 -33.53 -42.02
C GLU C 204 -2.16 -33.44 -40.92
N GLY C 205 -1.35 -32.37 -40.92
CA GLY C 205 -0.38 -32.17 -39.87
C GLY C 205 0.93 -32.90 -40.03
N ASN C 206 1.22 -33.43 -41.21
CA ASN C 206 2.46 -34.05 -41.68
C ASN C 206 3.40 -32.97 -42.26
N PRO C 207 4.70 -33.09 -42.02
CA PRO C 207 5.62 -32.01 -42.43
C PRO C 207 5.61 -31.75 -43.93
N ALA C 208 5.57 -30.47 -44.29
CA ALA C 208 5.70 -30.04 -45.67
C ALA C 208 7.03 -29.33 -45.91
N GLY C 209 7.84 -29.18 -44.87
CA GLY C 209 9.17 -28.60 -44.97
C GLY C 209 9.87 -28.81 -43.65
N ASN C 210 11.15 -28.46 -43.61
CA ASN C 210 11.97 -28.68 -42.42
C ASN C 210 11.65 -27.64 -41.33
N LEU C 211 11.97 -28.00 -40.08
CA LEU C 211 11.80 -27.08 -38.96
C LEU C 211 12.79 -25.93 -39.01
N ALA C 212 12.29 -24.69 -38.96
CA ALA C 212 13.17 -23.52 -38.90
C ALA C 212 13.34 -23.11 -37.44
N THR C 213 14.59 -23.10 -36.98
CA THR C 213 14.88 -22.78 -35.59
C THR C 213 14.41 -21.37 -35.26
N CYS C 214 13.62 -21.27 -34.18
CA CYS C 214 13.15 -20.00 -33.65
C CYS C 214 12.76 -20.27 -32.18
N THR C 215 13.77 -20.23 -31.31
CA THR C 215 13.60 -20.67 -29.94
C THR C 215 12.66 -19.75 -29.19
N GLY C 216 11.68 -20.36 -28.51
CA GLY C 216 10.65 -19.60 -27.82
C GLY C 216 9.72 -18.82 -28.75
N ILE C 217 9.61 -19.24 -30.01
CA ILE C 217 8.87 -18.51 -31.04
C ILE C 217 7.61 -17.90 -30.47
N HIS C 218 7.41 -16.61 -30.74
CA HIS C 218 6.27 -15.92 -30.19
C HIS C 218 6.04 -14.64 -31.00
N GLY C 219 4.78 -14.37 -31.31
CA GLY C 219 4.43 -13.21 -32.10
C GLY C 219 4.58 -13.45 -33.59
N GLU C 220 3.68 -12.89 -34.39
CA GLU C 220 3.73 -13.06 -35.83
C GLU C 220 2.99 -11.92 -36.50
N ALA C 221 3.37 -11.64 -37.75
CA ALA C 221 2.68 -10.64 -38.57
C ALA C 221 3.06 -10.84 -40.04
N PHE C 222 2.22 -10.33 -40.94
CA PHE C 222 2.47 -10.32 -42.39
C PHE C 222 2.67 -8.90 -42.87
N SER C 223 3.57 -8.72 -43.85
CA SER C 223 3.70 -7.44 -44.55
C SER C 223 4.30 -7.71 -45.93
N GLY C 224 3.70 -7.17 -46.98
CA GLY C 224 4.22 -7.45 -48.31
C GLY C 224 4.25 -8.96 -48.53
N ALA C 225 5.40 -9.48 -48.94
CA ALA C 225 5.54 -10.90 -49.24
C ALA C 225 5.92 -11.74 -48.02
N TYR C 226 6.04 -11.13 -46.85
CA TYR C 226 6.72 -11.73 -45.71
C TYR C 226 5.79 -12.01 -44.53
N LEU C 227 6.02 -13.17 -43.93
CA LEU C 227 5.63 -13.47 -42.55
C LEU C 227 6.84 -13.29 -41.66
N ALA C 228 6.65 -12.73 -40.46
CA ALA C 228 7.71 -12.56 -39.47
C ALA C 228 7.20 -13.13 -38.16
N ALA C 229 8.13 -13.67 -37.37
CA ALA C 229 7.84 -14.25 -36.05
C ALA C 229 9.01 -13.95 -35.13
N GLY C 230 8.71 -13.74 -33.85
CA GLY C 230 9.75 -13.37 -32.90
C GLY C 230 10.45 -14.61 -32.34
N CYS C 231 11.76 -14.51 -32.18
CA CYS C 231 12.56 -15.60 -31.63
C CYS C 231 13.52 -15.06 -30.59
N LYS C 232 14.08 -15.99 -29.83
CA LYS C 232 15.18 -15.67 -28.93
C LYS C 232 16.40 -15.19 -29.71
N GLU C 233 16.63 -15.75 -30.89
CA GLU C 233 17.82 -15.43 -31.65
C GLU C 233 17.66 -14.19 -32.52
N GLY C 234 16.46 -13.72 -32.72
CA GLY C 234 16.17 -12.68 -33.68
C GLY C 234 14.73 -12.82 -34.15
N VAL C 235 14.50 -12.39 -35.40
CA VAL C 235 13.18 -12.43 -36.00
C VAL C 235 13.27 -13.31 -37.24
N LEU C 236 12.46 -14.36 -37.28
CA LEU C 236 12.43 -15.30 -38.39
C LEU C 236 11.47 -14.76 -39.46
N THR C 237 11.95 -14.70 -40.71
CA THR C 237 11.12 -14.31 -41.84
C THR C 237 10.95 -15.47 -42.82
N VAL C 238 9.75 -15.53 -43.42
CA VAL C 238 9.43 -16.48 -44.47
C VAL C 238 8.81 -15.65 -45.59
N LYS C 239 9.34 -15.79 -46.80
CA LYS C 239 8.81 -15.03 -47.92
C LYS C 239 8.07 -15.99 -48.83
N ALA C 240 6.83 -15.65 -49.16
CA ALA C 240 6.12 -16.41 -50.18
C ALA C 240 6.63 -15.87 -51.49
N GLY C 241 7.51 -16.62 -52.15
CA GLY C 241 8.16 -16.15 -53.36
C GLY C 241 7.69 -16.92 -54.59
N ALA C 242 8.13 -16.42 -55.75
CA ALA C 242 7.76 -17.07 -57.00
C ALA C 242 8.31 -18.49 -57.05
N ASN C 243 9.49 -18.69 -56.46
CA ASN C 243 10.09 -20.02 -56.43
C ASN C 243 9.83 -20.77 -55.13
N GLY C 244 8.80 -20.36 -54.36
CA GLY C 244 8.39 -21.02 -53.13
C GLY C 244 8.77 -20.21 -51.90
N SER C 245 8.68 -20.88 -50.75
CA SER C 245 8.99 -20.25 -49.46
C SER C 245 10.49 -20.09 -49.22
N GLU C 246 10.90 -18.91 -48.79
CA GLU C 246 12.28 -18.59 -48.44
C GLU C 246 12.37 -18.30 -46.94
N TYR C 247 13.14 -19.09 -46.21
CA TYR C 247 13.32 -18.88 -44.77
C TYR C 247 14.61 -18.12 -44.51
N LYS C 248 14.55 -17.09 -43.67
CA LYS C 248 15.76 -16.36 -43.26
C LYS C 248 15.59 -15.79 -41.87
N LEU C 249 16.46 -16.18 -40.94
CA LEU C 249 16.45 -15.58 -39.61
C LEU C 249 17.22 -14.27 -39.64
N LEU C 250 16.63 -13.20 -39.09
CA LEU C 250 17.40 -11.98 -38.91
C LEU C 250 17.87 -11.89 -37.47
N PRO C 251 19.12 -12.25 -37.18
CA PRO C 251 19.58 -12.24 -35.79
C PRO C 251 19.68 -10.82 -35.24
N TYR C 252 19.37 -10.69 -33.95
CA TYR C 252 19.40 -9.39 -33.30
C TYR C 252 20.82 -8.83 -33.38
N PRO C 253 21.01 -7.61 -33.85
CA PRO C 253 22.35 -7.03 -33.89
C PRO C 253 22.95 -6.85 -32.50
N ALA C 254 24.28 -6.90 -32.43
CA ALA C 254 24.93 -6.72 -31.14
C ALA C 254 24.64 -5.34 -30.54
N ASP C 255 24.31 -4.33 -31.37
CA ASP C 255 23.99 -2.99 -30.86
C ASP C 255 22.66 -2.93 -30.08
N LEU C 256 21.80 -3.93 -30.17
CA LEU C 256 20.53 -3.88 -29.48
C LEU C 256 20.71 -4.22 -27.99
N PRO C 257 19.86 -3.69 -27.11
CA PRO C 257 19.92 -4.08 -25.70
C PRO C 257 19.91 -5.60 -25.53
N GLN C 258 20.64 -6.07 -24.54
CA GLN C 258 20.88 -7.49 -24.34
C GLN C 258 19.82 -8.11 -23.43
N GLY C 259 19.62 -9.41 -23.57
CA GLY C 259 18.70 -10.12 -22.69
C GLY C 259 17.23 -9.95 -22.98
N VAL C 260 16.85 -9.35 -24.11
CA VAL C 260 15.45 -9.08 -24.39
C VAL C 260 15.15 -9.45 -25.84
N THR C 261 13.86 -9.62 -26.15
CA THR C 261 13.50 -10.16 -27.44
C THR C 261 12.30 -9.43 -28.03
N THR C 262 12.08 -9.70 -29.31
CA THR C 262 10.84 -9.33 -29.98
C THR C 262 9.86 -10.49 -29.81
N GLY C 263 8.70 -10.19 -29.24
CA GLY C 263 7.65 -11.18 -29.06
C GLY C 263 6.27 -10.76 -29.54
N THR C 264 6.14 -9.54 -30.06
CA THR C 264 4.89 -9.05 -30.61
C THR C 264 5.17 -8.28 -31.89
N LEU C 265 4.48 -8.62 -32.98
CA LEU C 265 4.77 -8.03 -34.29
C LEU C 265 3.52 -7.49 -34.97
N LEU C 266 3.67 -6.32 -35.60
CA LEU C 266 2.71 -5.77 -36.55
C LEU C 266 3.35 -5.54 -37.90
N GLY C 267 2.57 -5.76 -38.96
CA GLY C 267 3.03 -5.59 -40.33
C GLY C 267 2.28 -4.45 -40.99
N SER C 268 3.04 -3.55 -41.61
CA SER C 268 2.45 -2.45 -42.34
C SER C 268 1.70 -3.00 -43.55
N THR C 269 0.55 -2.39 -43.85
CA THR C 269 -0.22 -2.73 -45.05
C THR C 269 0.20 -1.94 -46.28
N GLY C 270 1.04 -0.92 -46.11
CA GLY C 270 1.41 -0.01 -47.19
C GLY C 270 2.82 -0.18 -47.72
N ILE C 271 3.76 -0.20 -46.79
CA ILE C 271 5.16 -0.49 -47.07
C ILE C 271 5.47 -1.86 -46.47
N GLN C 272 6.58 -2.45 -46.91
CA GLN C 272 6.98 -3.78 -46.48
C GLN C 272 7.91 -3.66 -45.28
N VAL C 273 7.31 -3.61 -44.09
CA VAL C 273 8.05 -3.32 -42.87
C VAL C 273 7.23 -3.80 -41.68
N PHE C 274 7.92 -4.23 -40.63
CA PHE C 274 7.28 -4.67 -39.40
C PHE C 274 7.66 -3.74 -38.26
N LEU C 275 6.75 -3.61 -37.31
CA LEU C 275 7.02 -2.98 -36.03
C LEU C 275 6.94 -4.07 -34.98
N GLY C 276 8.01 -4.25 -34.25
CA GLY C 276 7.97 -5.26 -33.21
C GLY C 276 8.26 -4.59 -31.89
N ASN C 277 7.88 -5.22 -30.77
CA ASN C 277 8.48 -4.75 -29.54
C ASN C 277 9.93 -5.25 -29.50
N TYR C 278 10.69 -4.69 -28.58
CA TYR C 278 12.02 -5.23 -28.26
C TYR C 278 12.24 -4.96 -26.77
N GLY C 279 11.88 -5.94 -25.93
CA GLY C 279 11.78 -5.71 -24.51
C GLY C 279 10.57 -4.88 -24.19
N PRO C 280 10.27 -4.66 -22.90
CA PRO C 280 9.07 -3.88 -22.54
C PRO C 280 9.18 -2.41 -22.85
N ASP C 281 10.38 -1.87 -22.99
CA ASP C 281 10.56 -0.43 -23.15
C ASP C 281 11.24 -0.07 -24.46
N GLY C 282 11.12 -0.94 -25.48
CA GLY C 282 11.70 -0.65 -26.77
C GLY C 282 10.82 -1.18 -27.91
N LEU C 283 11.05 -0.59 -29.09
CA LEU C 283 10.52 -1.03 -30.36
C LEU C 283 11.65 -1.21 -31.37
N VAL C 284 11.39 -2.07 -32.35
CA VAL C 284 12.26 -2.19 -33.52
C VAL C 284 11.42 -2.06 -34.78
N VAL C 285 11.86 -1.20 -35.70
CA VAL C 285 11.33 -1.16 -37.05
C VAL C 285 12.15 -2.12 -37.88
N ILE C 286 11.50 -3.11 -38.48
CA ILE C 286 12.20 -4.23 -39.09
C ILE C 286 12.00 -4.18 -40.61
N ASP C 287 13.10 -4.06 -41.35
CA ASP C 287 13.09 -4.20 -42.80
C ASP C 287 13.50 -5.62 -43.12
N PRO C 288 12.63 -6.47 -43.66
CA PRO C 288 13.01 -7.86 -43.90
C PRO C 288 13.99 -8.05 -45.05
N VAL C 289 14.21 -7.05 -45.91
CA VAL C 289 14.98 -7.24 -47.14
C VAL C 289 16.45 -6.88 -46.93
N ASP C 290 16.72 -5.61 -46.63
CA ASP C 290 18.07 -5.07 -46.63
C ASP C 290 18.58 -4.78 -45.23
N GLU C 291 19.91 -4.77 -45.13
CA GLU C 291 20.62 -4.29 -43.95
C GLU C 291 20.59 -2.77 -43.92
N PRO C 292 20.51 -2.17 -42.74
CA PRO C 292 20.35 -2.86 -41.46
C PRO C 292 18.90 -3.32 -41.29
N HIS C 293 18.68 -4.52 -40.78
CA HIS C 293 17.32 -5.05 -40.65
C HIS C 293 16.53 -4.39 -39.51
N TYR C 294 17.23 -3.84 -38.50
CA TYR C 294 16.61 -3.31 -37.29
C TYR C 294 16.96 -1.84 -37.06
N ARG C 295 15.95 -1.05 -36.72
CA ARG C 295 16.17 0.29 -36.17
C ARG C 295 15.42 0.38 -34.85
N TYR C 296 16.17 0.61 -33.77
CA TYR C 296 15.65 0.56 -32.41
C TYR C 296 15.03 1.89 -31.99
N ILE C 297 13.95 1.84 -31.24
CA ILE C 297 13.35 3.02 -30.64
C ILE C 297 13.21 2.76 -29.15
N LYS C 298 13.85 3.61 -28.33
CA LYS C 298 13.74 3.53 -26.87
C LYS C 298 12.46 4.20 -26.37
N LEU C 299 11.64 3.47 -25.59
CA LEU C 299 10.50 4.15 -24.97
C LEU C 299 10.87 4.66 -23.57
N PRO C 300 10.33 5.81 -23.15
CA PRO C 300 10.61 6.31 -21.79
C PRO C 300 9.82 5.61 -20.68
N PHE C 301 8.68 5.00 -21.00
CA PHE C 301 7.91 4.16 -20.10
C PHE C 301 7.56 2.90 -20.86
N ARG C 302 7.13 1.87 -20.14
CA ARG C 302 6.94 0.58 -20.78
C ARG C 302 5.65 0.58 -21.63
N ARG C 303 5.62 -0.28 -22.65
CA ARG C 303 4.56 -0.32 -23.63
C ARG C 303 3.32 -1.03 -23.08
N VAL C 304 2.15 -0.42 -23.26
CA VAL C 304 0.89 -1.05 -22.91
C VAL C 304 0.24 -1.72 -24.11
N ASP C 305 0.27 -1.06 -25.27
CA ASP C 305 -0.35 -1.54 -26.49
C ASP C 305 0.21 -0.72 -27.66
N PHE C 306 0.03 -1.25 -28.88
CA PHE C 306 0.35 -0.45 -30.06
C PHE C 306 -0.44 -0.97 -31.27
N ALA C 307 -0.40 -0.18 -32.35
CA ALA C 307 -1.12 -0.41 -33.60
C ALA C 307 -0.46 0.37 -34.72
N LEU C 308 -0.66 -0.11 -35.95
CA LEU C 308 -0.24 0.58 -37.16
C LEU C 308 -1.45 1.20 -37.85
N ASP C 309 -1.22 2.33 -38.50
CA ASP C 309 -2.34 3.06 -39.08
C ASP C 309 -2.54 2.64 -40.54
N PRO C 310 -3.57 1.83 -40.85
CA PRO C 310 -3.79 1.45 -42.26
C PRO C 310 -4.17 2.62 -43.13
N ALA C 311 -4.74 3.70 -42.60
CA ALA C 311 -4.97 4.85 -43.45
C ALA C 311 -3.69 5.67 -43.70
N LYS C 312 -2.68 5.57 -42.81
CA LYS C 312 -1.40 6.27 -42.99
C LYS C 312 -0.30 5.25 -42.76
N PRO C 313 0.01 4.44 -43.78
CA PRO C 313 0.84 3.25 -43.58
C PRO C 313 2.29 3.53 -43.18
N SER C 314 2.77 4.77 -43.18
CA SER C 314 4.13 4.95 -42.70
C SER C 314 4.12 5.38 -41.23
N THR C 315 2.99 5.21 -40.54
CA THR C 315 2.87 5.62 -39.16
C THR C 315 2.11 4.59 -38.33
N GLY C 316 2.46 4.56 -37.05
CA GLY C 316 1.76 3.80 -36.04
C GLY C 316 1.67 4.60 -34.75
N TYR C 317 1.12 3.94 -33.73
CA TYR C 317 0.92 4.53 -32.40
C TYR C 317 1.29 3.54 -31.32
N VAL C 318 1.90 4.04 -30.23
CA VAL C 318 2.23 3.22 -29.08
C VAL C 318 1.75 3.93 -27.82
N LEU C 319 1.05 3.20 -26.95
CA LEU C 319 0.60 3.72 -25.67
C LEU C 319 1.50 3.15 -24.57
N THR C 320 2.04 4.02 -23.73
CA THR C 320 2.93 3.60 -22.65
C THR C 320 2.26 3.85 -21.29
N GLU C 321 2.87 3.26 -20.26
CA GLU C 321 2.25 3.08 -18.95
C GLU C 321 2.02 4.38 -18.21
N ASP C 322 2.65 5.50 -18.62
CA ASP C 322 2.34 6.81 -18.07
C ASP C 322 1.05 7.40 -18.65
N GLY C 323 0.39 6.70 -19.57
CA GLY C 323 -0.82 7.20 -20.20
C GLY C 323 -0.60 8.00 -21.47
N SER C 324 0.62 8.06 -21.98
CA SER C 324 0.93 8.79 -23.20
C SER C 324 0.78 7.89 -24.43
N LEU C 325 0.14 8.43 -25.46
CA LEU C 325 0.09 7.87 -26.80
C LEU C 325 1.14 8.60 -27.63
N HIS C 326 1.97 7.83 -28.33
CA HIS C 326 3.05 8.35 -29.14
C HIS C 326 2.81 8.00 -30.61
N ARG C 327 3.06 8.94 -31.49
CA ARG C 327 3.08 8.63 -32.91
C ARG C 327 4.46 8.14 -33.32
N ILE C 328 4.48 6.98 -33.99
CA ILE C 328 5.68 6.36 -34.53
C ILE C 328 5.74 6.71 -36.01
N ASP C 329 6.84 7.33 -36.44
CA ASP C 329 7.18 7.50 -37.84
C ASP C 329 8.09 6.34 -38.27
N LEU C 330 7.53 5.40 -39.04
CA LEU C 330 8.28 4.21 -39.46
C LEU C 330 9.40 4.57 -40.44
N LEU C 331 9.26 5.67 -41.19
CA LEU C 331 10.31 6.12 -42.10
C LEU C 331 11.51 6.67 -41.34
N LYS C 332 11.28 7.47 -40.30
CA LYS C 332 12.40 7.97 -39.49
C LYS C 332 12.79 7.00 -38.38
N ALA C 333 11.95 6.01 -38.07
CA ALA C 333 12.13 5.09 -36.95
C ALA C 333 12.31 5.87 -35.65
N GLU C 334 11.35 6.75 -35.37
CA GLU C 334 11.37 7.46 -34.11
C GLU C 334 9.94 7.85 -33.70
N ILE C 335 9.79 8.11 -32.40
CA ILE C 335 8.59 8.77 -31.87
C ILE C 335 8.65 10.23 -32.27
N VAL C 336 7.59 10.73 -32.88
CA VAL C 336 7.59 12.08 -33.42
C VAL C 336 6.58 12.99 -32.76
N ALA C 337 5.72 12.49 -31.89
CA ALA C 337 4.73 13.29 -31.16
C ALA C 337 4.10 12.42 -30.08
N SER C 338 3.67 13.06 -28.99
CA SER C 338 3.03 12.34 -27.88
C SER C 338 2.01 13.25 -27.21
N ALA C 339 1.05 12.61 -26.52
CA ALA C 339 0.07 13.29 -25.70
C ALA C 339 -0.45 12.31 -24.66
N LYS C 340 -0.76 12.82 -23.47
CA LYS C 340 -1.37 11.97 -22.45
C LYS C 340 -2.84 11.78 -22.77
N VAL C 341 -3.28 10.52 -22.83
CA VAL C 341 -4.68 10.24 -23.18
C VAL C 341 -5.42 9.46 -22.10
N THR C 342 -4.73 8.71 -21.24
CA THR C 342 -5.37 8.07 -20.10
C THR C 342 -4.56 8.37 -18.86
N GLU C 343 -5.11 7.99 -17.72
CA GLU C 343 -4.32 7.92 -16.52
C GLU C 343 -3.28 6.81 -16.66
N PRO C 344 -2.24 6.84 -15.82
CA PRO C 344 -1.22 5.78 -15.88
C PRO C 344 -1.80 4.42 -15.55
N TYR C 345 -1.21 3.38 -16.17
CA TYR C 345 -1.55 1.98 -15.92
C TYR C 345 -0.23 1.21 -15.87
N SER C 346 0.27 0.97 -14.67
CA SER C 346 1.58 0.32 -14.50
C SER C 346 1.67 -1.02 -15.24
N MET C 347 2.81 -1.27 -15.86
CA MET C 347 3.02 -2.56 -16.50
C MET C 347 3.55 -3.63 -15.54
N ASP C 348 3.82 -3.26 -14.29
CA ASP C 348 4.05 -4.25 -13.24
C ASP C 348 2.73 -4.94 -12.88
N GLY C 349 2.83 -6.19 -12.48
CA GLY C 349 1.67 -7.02 -12.20
C GLY C 349 1.45 -8.04 -13.29
N HIS C 350 0.20 -8.51 -13.41
CA HIS C 350 -0.13 -9.61 -14.31
C HIS C 350 -0.50 -9.11 -15.71
N TRP C 351 -0.09 -9.87 -16.73
CA TRP C 351 -0.19 -9.38 -18.11
C TRP C 351 -1.62 -9.09 -18.51
N ASN C 352 -2.59 -9.80 -17.94
CA ASN C 352 -3.98 -9.65 -18.34
C ASN C 352 -4.79 -8.79 -17.36
N ASP C 353 -4.13 -7.97 -16.55
CA ASP C 353 -4.83 -7.01 -15.70
C ASP C 353 -5.54 -5.96 -16.56
N PRO C 354 -6.53 -5.25 -15.98
CA PRO C 354 -7.27 -4.26 -16.78
C PRO C 354 -6.39 -3.09 -17.19
N ARG C 355 -6.15 -2.92 -18.50
CA ARG C 355 -5.34 -1.83 -19.01
C ARG C 355 -5.90 -1.38 -20.36
N PRO C 356 -5.63 -0.15 -20.78
CA PRO C 356 -6.13 0.34 -22.07
C PRO C 356 -5.70 -0.53 -23.24
N ARG C 357 -6.56 -0.58 -24.25
CA ARG C 357 -6.28 -1.20 -25.55
C ARG C 357 -6.61 -0.21 -26.65
N ILE C 358 -5.90 -0.32 -27.78
CA ILE C 358 -6.08 0.64 -28.86
C ILE C 358 -6.43 -0.06 -30.17
N ALA C 359 -7.09 0.71 -31.03
CA ALA C 359 -7.43 0.30 -32.38
C ALA C 359 -7.60 1.56 -33.20
N MET C 360 -7.44 1.40 -34.51
CA MET C 360 -7.52 2.49 -35.47
C MET C 360 -8.91 2.53 -36.09
N ALA C 361 -9.42 3.73 -36.30
CA ALA C 361 -10.70 3.88 -36.99
C ALA C 361 -10.63 5.17 -37.80
N GLY C 362 -10.12 5.08 -39.03
CA GLY C 362 -10.06 6.22 -39.91
C GLY C 362 -9.06 7.25 -39.42
N ASP C 363 -9.48 8.50 -39.27
CA ASP C 363 -8.61 9.55 -38.76
C ASP C 363 -8.64 9.64 -37.24
N GLU C 364 -9.03 8.56 -36.57
CA GLU C 364 -9.01 8.54 -35.11
C GLU C 364 -8.36 7.28 -34.58
N ILE C 365 -7.77 7.40 -33.37
CA ILE C 365 -7.44 6.23 -32.55
C ILE C 365 -8.51 6.10 -31.48
N VAL C 366 -9.04 4.89 -31.29
CA VAL C 366 -9.95 4.61 -30.19
C VAL C 366 -9.16 3.89 -29.12
N VAL C 367 -9.27 4.38 -27.89
CA VAL C 367 -8.53 3.89 -26.74
C VAL C 367 -9.53 3.58 -25.63
N THR C 368 -9.57 2.33 -25.20
CA THR C 368 -10.37 1.98 -24.04
C THR C 368 -9.67 2.43 -22.78
N ASP C 369 -10.48 2.78 -21.77
CA ASP C 369 -9.99 3.28 -20.50
C ASP C 369 -10.81 2.55 -19.44
N PRO C 370 -10.37 1.34 -19.05
CA PRO C 370 -11.22 0.50 -18.19
C PRO C 370 -11.63 1.15 -16.88
N ASN C 371 -10.71 1.82 -16.18
CA ASN C 371 -11.10 2.44 -14.91
C ASN C 371 -12.08 3.58 -15.12
N ALA C 372 -11.98 4.28 -16.25
CA ALA C 372 -12.90 5.37 -16.51
C ALA C 372 -14.23 4.90 -17.08
N GLY C 373 -14.38 3.62 -17.39
CA GLY C 373 -15.61 3.16 -18.00
C GLY C 373 -15.91 3.74 -19.36
N LEU C 374 -14.89 4.14 -20.13
CA LEU C 374 -15.20 4.79 -21.40
C LEU C 374 -14.16 4.45 -22.45
N VAL C 375 -14.53 4.73 -23.71
CA VAL C 375 -13.65 4.68 -24.88
C VAL C 375 -13.32 6.11 -25.28
N ARG C 376 -12.03 6.41 -25.41
CA ARG C 376 -11.60 7.75 -25.83
C ARG C 376 -11.25 7.76 -27.30
N ARG C 377 -11.63 8.83 -27.99
CA ARG C 377 -11.36 9.02 -29.41
C ARG C 377 -10.30 10.10 -29.56
N ILE C 378 -9.18 9.74 -30.18
CA ILE C 378 -8.03 10.62 -30.35
C ILE C 378 -7.82 10.86 -31.84
N ALA C 379 -7.62 12.13 -32.21
CA ALA C 379 -7.36 12.46 -33.60
C ALA C 379 -5.94 12.08 -33.99
N THR C 380 -5.81 11.36 -35.11
CA THR C 380 -4.47 11.03 -35.58
C THR C 380 -3.72 12.26 -36.06
N GLU C 381 -4.43 13.29 -36.53
CA GLU C 381 -3.75 14.46 -37.08
C GLU C 381 -2.82 15.11 -36.06
N ASP C 382 -3.32 15.33 -34.85
CA ASP C 382 -2.54 16.07 -33.87
C ASP C 382 -2.72 15.53 -32.46
N LEU C 383 -3.36 14.36 -32.31
CA LEU C 383 -3.52 13.70 -31.03
C LEU C 383 -4.43 14.46 -30.08
N SER C 384 -5.26 15.37 -30.60
CA SER C 384 -6.22 16.04 -29.74
C SER C 384 -7.38 15.08 -29.42
N GLU C 385 -8.01 15.29 -28.27
CA GLU C 385 -9.11 14.43 -27.86
C GLU C 385 -10.39 14.97 -28.49
N ARG C 386 -10.99 14.20 -29.38
CA ARG C 386 -12.21 14.60 -30.06
C ARG C 386 -13.49 14.19 -29.35
N GLY C 387 -13.42 13.36 -28.34
CA GLY C 387 -14.62 12.95 -27.65
C GLY C 387 -14.43 11.63 -26.94
N THR C 388 -15.42 11.28 -26.13
CA THR C 388 -15.41 10.01 -25.42
C THR C 388 -16.77 9.35 -25.56
N VAL C 389 -16.77 8.04 -25.38
CA VAL C 389 -17.95 7.22 -25.54
C VAL C 389 -18.11 6.38 -24.28
N PRO C 390 -19.15 6.56 -23.48
CA PRO C 390 -19.30 5.76 -22.27
C PRO C 390 -19.60 4.31 -22.63
N VAL C 391 -18.91 3.40 -21.97
CA VAL C 391 -19.16 1.98 -22.12
C VAL C 391 -19.23 1.42 -20.71
N GLU C 392 -20.25 0.62 -20.45
CA GLU C 392 -20.48 0.14 -19.10
C GLU C 392 -19.41 -0.88 -18.71
N GLY C 393 -18.98 -0.82 -17.45
CA GLY C 393 -18.09 -1.82 -16.89
C GLY C 393 -16.62 -1.46 -17.02
N LYS C 394 -15.77 -2.45 -17.30
CA LYS C 394 -14.36 -2.16 -17.51
C LYS C 394 -13.99 -2.48 -18.96
N PRO C 395 -14.20 -1.53 -19.87
CA PRO C 395 -13.89 -1.80 -21.29
C PRO C 395 -12.40 -2.15 -21.41
N TYR C 396 -12.14 -3.24 -22.11
CA TYR C 396 -10.80 -3.79 -22.16
C TYR C 396 -10.36 -3.93 -23.62
N ASN C 397 -10.54 -5.12 -24.21
CA ASN C 397 -10.10 -5.32 -25.58
C ASN C 397 -11.03 -4.64 -26.58
N ILE C 398 -10.49 -4.35 -27.76
CA ILE C 398 -11.22 -3.55 -28.73
C ILE C 398 -10.80 -3.96 -30.13
N ALA C 399 -11.76 -3.84 -31.08
CA ALA C 399 -11.51 -4.05 -32.50
C ALA C 399 -12.43 -3.14 -33.31
N VAL C 400 -12.03 -2.83 -34.55
CA VAL C 400 -12.74 -1.89 -35.41
C VAL C 400 -13.03 -2.55 -36.76
N THR C 401 -14.22 -2.30 -37.31
CA THR C 401 -14.59 -2.76 -38.64
C THR C 401 -15.09 -1.57 -39.46
N GLY C 402 -15.21 -1.76 -40.76
CA GLY C 402 -15.75 -0.73 -41.61
C GLY C 402 -14.69 0.08 -42.34
N GLY C 403 -15.10 1.25 -42.77
CA GLY C 403 -14.28 2.13 -43.59
C GLY C 403 -15.16 2.98 -44.48
N SER C 404 -14.62 3.32 -45.64
CA SER C 404 -15.29 4.18 -46.61
C SER C 404 -15.70 3.36 -47.82
N GLY C 405 -16.88 3.64 -48.37
CA GLY C 405 -17.33 2.90 -49.53
C GLY C 405 -18.41 3.62 -50.30
N VAL C 406 -18.91 2.94 -51.33
CA VAL C 406 -19.96 3.46 -52.20
C VAL C 406 -21.23 2.64 -51.96
N THR C 407 -22.38 3.30 -52.12
CA THR C 407 -23.68 2.64 -52.02
C THR C 407 -24.51 2.67 -53.30
N HIS C 408 -24.56 3.81 -53.98
CA HIS C 408 -25.40 3.91 -55.16
C HIS C 408 -26.87 3.68 -54.79
N HIS D 28 -43.14 -42.45 11.66
CA HIS D 28 -41.73 -42.23 11.34
C HIS D 28 -41.61 -41.12 10.29
N GLU D 29 -41.00 -40.00 10.67
CA GLU D 29 -40.93 -38.83 9.81
C GLU D 29 -39.53 -38.22 9.88
N ASP D 30 -38.93 -38.00 8.71
CA ASP D 30 -37.66 -37.28 8.63
C ASP D 30 -37.92 -35.77 8.67
N VAL D 31 -37.38 -35.10 9.68
CA VAL D 31 -37.56 -33.67 9.89
C VAL D 31 -36.21 -32.99 9.79
N THR D 32 -36.16 -31.88 9.04
CA THR D 32 -34.98 -31.02 9.05
C THR D 32 -35.38 -29.64 9.55
N LEU D 33 -34.59 -29.09 10.48
CA LEU D 33 -34.87 -27.78 11.06
C LEU D 33 -33.55 -27.22 11.57
N TYR D 34 -33.10 -26.14 10.94
CA TYR D 34 -31.93 -25.43 11.40
C TYR D 34 -32.39 -24.17 12.09
N ARG D 35 -31.81 -23.87 13.24
CA ARG D 35 -32.08 -22.64 13.95
C ARG D 35 -30.79 -21.82 14.01
N VAL D 36 -30.83 -20.61 13.44
CA VAL D 36 -29.66 -19.74 13.32
C VAL D 36 -29.67 -18.75 14.48
N PHE D 37 -28.49 -18.51 15.06
CA PHE D 37 -28.28 -17.53 16.13
C PHE D 37 -27.26 -16.51 15.66
N VAL D 38 -27.65 -15.24 15.71
CA VAL D 38 -26.85 -14.14 15.17
C VAL D 38 -26.65 -13.11 16.28
N GLY D 39 -25.40 -12.71 16.50
CA GLY D 39 -25.09 -11.64 17.42
C GLY D 39 -24.98 -10.30 16.71
N ASP D 40 -25.17 -9.23 17.47
CA ASP D 40 -25.01 -7.89 16.90
C ASP D 40 -23.55 -7.49 17.00
N HIS D 41 -23.11 -6.62 16.10
CA HIS D 41 -21.73 -6.18 16.25
C HIS D 41 -21.56 -5.29 17.48
N GLU D 42 -22.59 -4.51 17.81
CA GLU D 42 -22.52 -3.50 18.86
C GLU D 42 -23.38 -3.86 20.06
N LYS D 43 -24.68 -4.07 19.83
CA LYS D 43 -25.63 -4.27 20.91
C LYS D 43 -25.43 -5.65 21.54
N GLY D 44 -25.71 -5.73 22.86
CA GLY D 44 -25.72 -7.02 23.52
C GLY D 44 -27.01 -7.75 23.20
N GLN D 45 -27.07 -8.39 22.03
CA GLN D 45 -28.31 -8.95 21.50
C GLN D 45 -27.98 -10.13 20.59
N VAL D 46 -28.69 -11.23 20.80
CA VAL D 46 -28.65 -12.42 19.95
C VAL D 46 -30.03 -12.59 19.36
N THR D 47 -30.09 -12.73 18.04
CA THR D 47 -31.34 -13.01 17.33
C THR D 47 -31.31 -14.48 16.90
N ALA D 48 -32.40 -15.17 17.15
CA ALA D 48 -32.54 -16.57 16.74
C ALA D 48 -33.71 -16.69 15.77
N PHE D 49 -33.56 -17.53 14.76
CA PHE D 49 -34.69 -17.76 13.86
C PHE D 49 -34.57 -19.12 13.22
N ASP D 50 -35.73 -19.75 12.95
CA ASP D 50 -35.73 -20.98 12.17
C ASP D 50 -35.36 -20.65 10.73
N LEU D 51 -34.32 -21.30 10.20
CA LEU D 51 -33.82 -20.95 8.86
C LEU D 51 -34.93 -21.05 7.81
N ALA D 52 -35.72 -22.11 7.85
CA ALA D 52 -36.73 -22.29 6.81
C ALA D 52 -37.98 -21.44 7.00
N GLU D 53 -38.23 -20.93 8.21
CA GLU D 53 -39.42 -20.12 8.48
C GLU D 53 -38.99 -18.98 9.38
N PRO D 54 -38.33 -17.96 8.82
CA PRO D 54 -37.67 -16.96 9.65
C PRO D 54 -38.60 -16.14 10.50
N ASP D 55 -39.92 -16.25 10.29
CA ASP D 55 -40.79 -15.50 11.18
C ASP D 55 -40.90 -16.14 12.54
N HIS D 56 -40.48 -17.39 12.69
CA HIS D 56 -40.32 -18.01 13.99
C HIS D 56 -38.99 -17.50 14.52
N ARG D 57 -39.00 -16.46 15.34
CA ARG D 57 -37.75 -15.87 15.78
C ARG D 57 -37.86 -15.40 17.22
N TRP D 58 -36.70 -15.19 17.84
CA TRP D 58 -36.58 -14.83 19.25
C TRP D 58 -35.37 -13.93 19.42
N THR D 59 -35.38 -13.12 20.47
CA THR D 59 -34.27 -12.22 20.77
C THR D 59 -33.86 -12.39 22.22
N PHE D 60 -32.55 -12.39 22.46
CA PHE D 60 -32.00 -12.57 23.81
C PHE D 60 -30.99 -11.48 24.12
N PRO D 61 -31.13 -10.82 25.28
CA PRO D 61 -30.18 -9.77 25.65
C PRO D 61 -28.91 -10.34 26.27
N THR D 62 -27.82 -9.63 26.07
CA THR D 62 -26.55 -10.00 26.68
C THR D 62 -25.88 -8.73 27.19
N THR D 63 -24.85 -8.92 28.00
CA THR D 63 -24.16 -7.75 28.52
C THR D 63 -23.48 -6.97 27.40
N GLY D 64 -22.86 -7.66 26.45
CA GLY D 64 -22.12 -7.00 25.39
C GLY D 64 -21.98 -7.85 24.15
N GLN D 65 -21.00 -7.46 23.30
CA GLN D 65 -20.79 -8.11 22.02
C GLN D 65 -20.46 -9.61 22.15
N VAL D 66 -21.18 -10.44 21.42
CA VAL D 66 -21.10 -11.89 21.58
C VAL D 66 -20.26 -12.51 20.47
N LYS D 67 -19.50 -13.54 20.82
CA LYS D 67 -18.99 -14.55 19.90
C LYS D 67 -19.70 -15.85 20.23
N LEU D 68 -20.30 -16.49 19.23
CA LEU D 68 -21.28 -17.54 19.44
C LEU D 68 -20.69 -18.91 19.11
N TYR D 69 -21.04 -19.91 19.93
CA TYR D 69 -20.59 -21.29 19.73
C TYR D 69 -21.74 -22.27 19.95
N SER D 70 -21.99 -23.13 18.98
CA SER D 70 -22.93 -24.21 19.21
C SER D 70 -22.22 -25.30 20.02
N VAL D 71 -22.80 -25.68 21.16
CA VAL D 71 -22.18 -26.67 22.03
C VAL D 71 -23.24 -27.66 22.47
N ALA D 72 -22.80 -28.78 23.06
CA ALA D 72 -23.70 -29.80 23.57
C ALA D 72 -24.62 -30.29 22.45
N GLY D 73 -24.02 -30.65 21.33
CA GLY D 73 -24.77 -31.13 20.17
C GLY D 73 -25.70 -30.11 19.57
N GLY D 74 -25.51 -28.84 19.88
CA GLY D 74 -26.41 -27.83 19.39
C GLY D 74 -27.55 -27.50 20.33
N ALA D 75 -27.64 -28.18 21.48
CA ALA D 75 -28.69 -27.87 22.46
C ALA D 75 -28.45 -26.54 23.15
N VAL D 76 -27.22 -26.03 23.15
CA VAL D 76 -26.88 -24.79 23.83
C VAL D 76 -26.01 -23.94 22.92
N VAL D 77 -26.30 -22.66 22.89
CA VAL D 77 -25.41 -21.67 22.28
C VAL D 77 -24.69 -20.94 23.38
N ALA D 78 -23.35 -20.93 23.30
CA ALA D 78 -22.53 -20.16 24.21
C ALA D 78 -22.25 -18.81 23.56
N ALA D 79 -22.46 -17.75 24.33
CA ALA D 79 -22.26 -16.37 23.88
C ALA D 79 -21.14 -15.78 24.73
N VAL D 80 -19.91 -15.92 24.27
CA VAL D 80 -18.74 -15.37 24.95
C VAL D 80 -18.65 -13.88 24.65
N GLN D 81 -18.48 -13.06 25.68
CA GLN D 81 -18.42 -11.60 25.51
C GLN D 81 -17.09 -11.14 26.12
N SER D 82 -16.03 -11.19 25.31
CA SER D 82 -14.68 -10.97 25.84
C SER D 82 -14.53 -9.57 26.43
N ASP D 83 -14.96 -8.55 25.69
CA ASP D 83 -14.81 -7.15 26.12
C ASP D 83 -15.65 -6.85 27.34
N ALA D 84 -16.74 -7.59 27.54
CA ALA D 84 -17.63 -7.36 28.66
C ALA D 84 -17.44 -8.36 29.80
N ASP D 85 -16.36 -9.14 29.80
CA ASP D 85 -16.02 -10.02 30.95
C ASP D 85 -17.18 -10.94 31.34
N THR D 86 -17.92 -11.41 30.34
CA THR D 86 -19.12 -12.20 30.57
C THR D 86 -19.24 -13.35 29.57
N VAL D 87 -19.87 -14.43 30.02
CA VAL D 87 -20.35 -15.51 29.16
C VAL D 87 -21.77 -15.88 29.59
N GLN D 88 -22.70 -15.88 28.64
CA GLN D 88 -24.06 -16.31 28.87
C GLN D 88 -24.36 -17.47 27.93
N PHE D 89 -25.42 -18.21 28.25
CA PHE D 89 -25.82 -19.38 27.47
C PHE D 89 -27.30 -19.29 27.11
N ILE D 90 -27.64 -19.84 25.95
CA ILE D 90 -29.01 -19.88 25.48
C ILE D 90 -29.30 -21.34 25.15
N ARG D 91 -30.39 -21.86 25.67
CA ARG D 91 -30.81 -23.18 25.25
C ARG D 91 -31.39 -23.08 23.87
N SER D 92 -31.02 -24.03 23.01
CA SER D 92 -31.13 -23.89 21.56
C SER D 92 -32.56 -23.54 21.10
N GLY D 93 -33.58 -24.27 21.55
CA GLY D 93 -33.51 -25.59 22.12
C GLY D 93 -34.03 -26.57 21.07
N ILE D 94 -33.13 -26.97 20.19
CA ILE D 94 -33.27 -28.15 19.36
C ILE D 94 -32.21 -29.12 19.86
N SER D 95 -32.63 -30.31 20.24
CA SER D 95 -31.71 -31.34 20.68
C SER D 95 -31.98 -32.62 19.92
N PHE D 96 -30.93 -33.40 19.71
CA PHE D 96 -31.04 -34.73 19.12
C PHE D 96 -30.80 -35.80 20.19
N HIS D 97 -31.40 -36.97 19.99
CA HIS D 97 -31.26 -38.07 20.94
C HIS D 97 -31.00 -39.35 20.15
N ASP D 98 -29.87 -40.00 20.42
CA ASP D 98 -29.58 -41.27 19.74
C ASP D 98 -30.76 -42.21 19.87
N HIS D 99 -30.99 -43.00 18.81
CA HIS D 99 -32.10 -43.93 18.84
C HIS D 99 -31.75 -45.17 18.02
N GLY D 100 -30.67 -45.86 18.40
CA GLY D 100 -30.22 -47.02 17.64
C GLY D 100 -29.77 -46.72 16.23
N ASP D 101 -30.67 -46.90 15.27
CA ASP D 101 -30.39 -46.66 13.85
C ASP D 101 -30.09 -45.20 13.54
N HIS D 102 -30.65 -44.28 14.32
CA HIS D 102 -30.85 -42.90 13.90
C HIS D 102 -30.89 -42.03 15.15
N ARG D 103 -31.11 -40.73 14.93
CA ARG D 103 -31.33 -39.75 15.98
C ARG D 103 -32.77 -39.25 15.90
N ASP D 104 -33.40 -39.07 17.05
CA ASP D 104 -34.64 -38.34 17.12
C ASP D 104 -34.35 -36.87 17.37
N ILE D 105 -35.19 -35.99 16.81
CA ILE D 105 -35.07 -34.55 16.97
C ILE D 105 -36.16 -34.07 17.91
N GLU D 106 -35.77 -33.25 18.88
CA GLU D 106 -36.67 -32.62 19.83
C GLU D 106 -36.66 -31.12 19.54
N VAL D 107 -37.85 -30.53 19.43
CA VAL D 107 -37.96 -29.11 19.05
C VAL D 107 -38.85 -28.40 20.06
N GLY D 108 -38.35 -27.31 20.62
CA GLY D 108 -39.10 -26.36 21.43
C GLY D 108 -38.55 -24.97 21.16
N ASP D 109 -39.14 -23.98 21.80
CA ASP D 109 -38.61 -22.63 21.69
C ASP D 109 -37.25 -22.53 22.40
N PRO D 110 -36.34 -21.66 21.93
CA PRO D 110 -35.12 -21.39 22.70
C PRO D 110 -35.44 -20.60 23.95
N ALA D 111 -34.51 -20.63 24.90
CA ALA D 111 -34.70 -19.89 26.14
C ALA D 111 -33.36 -19.59 26.81
N ALA D 112 -33.23 -18.39 27.38
CA ALA D 112 -32.00 -18.05 28.09
C ALA D 112 -31.79 -19.00 29.28
N ILE D 113 -30.52 -19.34 29.52
CA ILE D 113 -30.11 -19.95 30.78
C ILE D 113 -29.79 -18.83 31.75
N ASP D 114 -30.38 -18.89 32.95
CA ASP D 114 -30.29 -17.75 33.86
C ASP D 114 -28.90 -17.61 34.45
N ALA D 115 -28.20 -18.72 34.67
CA ALA D 115 -26.84 -18.69 35.20
C ALA D 115 -25.87 -18.13 34.15
N SER D 116 -25.15 -17.08 34.50
CA SER D 116 -24.11 -16.53 33.66
C SER D 116 -22.77 -16.63 34.39
N LEU D 117 -21.70 -16.37 33.65
CA LEU D 117 -20.34 -16.45 34.15
C LEU D 117 -19.66 -15.11 33.96
N THR D 118 -18.83 -14.72 34.92
CA THR D 118 -18.07 -13.48 34.79
C THR D 118 -16.63 -13.72 35.22
N GLY D 119 -15.74 -12.99 34.56
CA GLY D 119 -14.33 -13.13 34.78
C GLY D 119 -13.60 -12.24 33.79
N PRO D 120 -12.32 -12.10 33.97
CA PRO D 120 -11.54 -11.15 33.17
C PRO D 120 -11.22 -11.71 31.78
N ARG D 121 -11.90 -11.19 30.79
CA ARG D 121 -11.70 -11.48 29.35
C ARG D 121 -11.77 -12.96 29.01
N PRO D 122 -12.90 -13.63 29.25
CA PRO D 122 -13.06 -14.97 28.70
C PRO D 122 -13.01 -14.84 27.18
N PHE D 123 -12.34 -15.79 26.53
CA PHE D 123 -12.19 -15.68 25.09
C PHE D 123 -12.40 -17.03 24.42
N HIS D 124 -11.34 -17.82 24.26
N HIS D 124 -11.32 -17.81 24.21
CA HIS D 124 -11.39 -19.01 23.40
CA HIS D 124 -11.42 -19.00 23.37
C HIS D 124 -12.09 -20.17 24.10
C HIS D 124 -12.14 -20.13 24.10
N LEU D 125 -12.93 -20.88 23.34
CA LEU D 125 -13.78 -21.95 23.85
C LEU D 125 -13.43 -23.21 23.08
N VAL D 126 -13.23 -24.30 23.82
CA VAL D 126 -12.96 -25.61 23.24
C VAL D 126 -14.00 -26.59 23.78
N GLU D 127 -14.57 -27.40 22.89
CA GLU D 127 -15.47 -28.47 23.29
C GLU D 127 -14.94 -29.82 22.80
N HIS D 128 -14.81 -30.76 23.71
CA HIS D 128 -14.35 -32.09 23.35
C HIS D 128 -14.63 -33.01 24.52
N ASP D 129 -14.89 -34.28 24.21
CA ASP D 129 -15.13 -35.30 25.23
C ASP D 129 -16.22 -34.89 26.21
N GLY D 130 -17.25 -34.21 25.71
CA GLY D 130 -18.37 -33.79 26.56
C GLY D 130 -18.11 -32.63 27.50
N LYS D 131 -17.00 -31.90 27.34
CA LYS D 131 -16.63 -30.79 28.20
C LYS D 131 -16.50 -29.51 27.37
N VAL D 132 -16.97 -28.39 27.94
CA VAL D 132 -16.81 -27.06 27.36
C VAL D 132 -15.86 -26.28 28.26
N VAL D 133 -14.78 -25.76 27.68
CA VAL D 133 -13.70 -25.16 28.44
C VAL D 133 -13.42 -23.75 27.91
N LEU D 134 -13.47 -22.76 28.82
CA LEU D 134 -13.37 -21.34 28.48
C LEU D 134 -12.11 -20.76 29.10
N ASN D 135 -11.26 -20.14 28.28
CA ASN D 135 -10.01 -19.55 28.73
C ASN D 135 -10.23 -18.10 29.17
N TYR D 136 -9.87 -17.77 30.42
CA TYR D 136 -9.95 -16.37 30.89
C TYR D 136 -8.59 -15.70 30.66
N ASP D 137 -8.53 -14.89 29.60
CA ASP D 137 -7.25 -14.35 29.12
C ASP D 137 -6.55 -13.49 30.16
N GLN D 138 -7.31 -12.75 30.97
CA GLN D 138 -6.70 -11.89 31.97
C GLN D 138 -6.89 -12.42 33.39
N GLY D 139 -7.20 -13.71 33.53
CA GLY D 139 -7.40 -14.30 34.84
C GLY D 139 -6.41 -15.39 35.20
N GLY D 140 -5.71 -15.96 34.22
CA GLY D 140 -4.80 -17.06 34.52
C GLY D 140 -5.48 -18.36 34.92
N TYR D 141 -6.67 -18.63 34.37
CA TYR D 141 -7.35 -19.91 34.56
C TYR D 141 -8.32 -20.11 33.39
N ALA D 142 -8.86 -21.33 33.30
CA ALA D 142 -9.99 -21.65 32.43
C ALA D 142 -11.10 -22.26 33.27
N GLU D 143 -12.33 -22.21 32.75
CA GLU D 143 -13.49 -22.81 33.41
C GLU D 143 -13.95 -24.01 32.59
N ILE D 144 -14.16 -25.13 33.29
CA ILE D 144 -14.57 -26.39 32.69
C ILE D 144 -16.05 -26.59 32.99
N LEU D 145 -16.85 -26.71 31.94
CA LEU D 145 -18.27 -26.95 32.10
C LEU D 145 -18.66 -28.28 31.47
N ASP D 146 -19.57 -28.99 32.13
CA ASP D 146 -20.04 -30.25 31.58
C ASP D 146 -21.11 -30.02 30.52
N GLY D 147 -20.92 -30.60 29.35
CA GLY D 147 -21.86 -30.36 28.27
C GLY D 147 -23.28 -30.77 28.63
N HIS D 148 -23.42 -31.96 29.21
CA HIS D 148 -24.76 -32.44 29.59
C HIS D 148 -25.42 -31.52 30.61
N ALA D 149 -24.66 -31.04 31.61
CA ALA D 149 -25.25 -30.13 32.59
C ALA D 149 -25.72 -28.85 31.91
N LEU D 150 -24.91 -28.34 30.99
CA LEU D 150 -25.33 -27.17 30.21
C LEU D 150 -26.63 -27.45 29.47
N ALA D 151 -26.73 -28.63 28.83
CA ALA D 151 -27.92 -28.98 28.05
C ALA D 151 -29.16 -29.08 28.93
N GLU D 152 -29.00 -29.40 30.20
CA GLU D 152 -30.14 -29.40 31.11
C GLU D 152 -30.23 -28.10 31.91
N GLY D 153 -29.48 -27.07 31.50
CA GLY D 153 -29.69 -25.72 31.97
C GLY D 153 -28.84 -25.24 33.13
N LYS D 154 -27.74 -25.92 33.45
CA LYS D 154 -26.91 -25.52 34.58
C LYS D 154 -25.54 -25.07 34.11
N ALA D 155 -25.05 -24.01 34.72
CA ALA D 155 -23.79 -23.37 34.36
C ALA D 155 -22.89 -23.37 35.59
N GLU D 156 -22.38 -24.55 35.93
CA GLU D 156 -21.54 -24.72 37.11
C GLU D 156 -20.12 -25.00 36.71
N PRO D 157 -19.21 -24.02 36.72
CA PRO D 157 -17.88 -24.26 36.19
C PRO D 157 -17.01 -24.94 37.21
N GLY D 158 -16.08 -25.73 36.68
CA GLY D 158 -14.94 -26.21 37.44
C GLY D 158 -13.72 -25.38 37.05
N ARG D 159 -12.81 -25.22 38.00
N ARG D 159 -12.80 -25.24 37.99
CA ARG D 159 -11.66 -24.35 37.81
CA ARG D 159 -11.65 -24.37 37.82
C ARG D 159 -10.48 -25.16 37.28
C ARG D 159 -10.47 -25.16 37.28
N PHE D 160 -9.83 -24.63 36.25
CA PHE D 160 -8.56 -25.20 35.77
C PHE D 160 -7.51 -24.11 35.90
N PRO D 161 -6.52 -24.25 36.78
CA PRO D 161 -5.57 -23.16 37.01
C PRO D 161 -4.45 -23.16 35.97
N GLN D 162 -4.02 -21.96 35.61
CA GLN D 162 -2.88 -21.78 34.72
C GLN D 162 -1.77 -21.02 35.44
N ALA D 163 -0.53 -21.28 35.02
CA ALA D 163 0.61 -20.61 35.65
C ALA D 163 0.57 -19.11 35.43
N ARG D 164 0.04 -18.65 34.29
CA ARG D 164 0.02 -17.22 34.03
C ARG D 164 -1.09 -16.88 33.03
N ALA D 165 -1.71 -15.71 33.22
CA ALA D 165 -2.74 -15.25 32.32
C ALA D 165 -2.14 -14.97 30.94
N HIS D 166 -2.88 -15.34 29.90
CA HIS D 166 -2.42 -15.17 28.51
C HIS D 166 -3.59 -15.45 27.58
N HIS D 167 -3.39 -15.19 26.29
CA HIS D 167 -4.42 -15.47 25.30
C HIS D 167 -4.22 -16.90 24.83
N GLY D 168 -4.94 -17.82 25.47
CA GLY D 168 -4.74 -19.23 25.24
C GLY D 168 -6.01 -20.06 25.16
N PHE D 169 -5.85 -21.38 25.31
CA PHE D 169 -6.97 -22.30 25.30
C PHE D 169 -6.59 -23.51 26.13
N VAL D 170 -7.59 -24.29 26.49
CA VAL D 170 -7.40 -25.54 27.22
C VAL D 170 -8.33 -26.55 26.55
N ALA D 171 -7.76 -27.65 26.05
CA ALA D 171 -8.49 -28.63 25.28
C ALA D 171 -8.50 -29.97 26.00
N PRO D 172 -9.66 -30.61 26.16
CA PRO D 172 -9.69 -31.97 26.70
C PRO D 172 -9.17 -32.96 25.67
N LEU D 173 -8.34 -33.90 26.12
CA LEU D 173 -7.79 -34.90 25.21
C LEU D 173 -7.28 -36.09 26.02
N GLY D 174 -7.80 -37.28 25.72
CA GLY D 174 -7.24 -38.49 26.30
C GLY D 174 -7.13 -38.48 27.80
N GLY D 175 -8.14 -37.93 28.47
CA GLY D 175 -8.14 -37.84 29.92
C GLY D 175 -7.30 -36.73 30.49
N ASN D 176 -6.54 -36.01 29.67
CA ASN D 176 -5.75 -34.88 30.12
C ASN D 176 -6.41 -33.57 29.72
N TRP D 177 -5.82 -32.47 30.18
CA TRP D 177 -6.19 -31.11 29.83
C TRP D 177 -4.97 -30.48 29.20
N LEU D 178 -5.05 -30.18 27.91
CA LEU D 178 -3.94 -29.58 27.16
C LEU D 178 -4.12 -28.06 27.12
N SER D 179 -3.30 -27.36 27.89
CA SER D 179 -3.36 -25.93 28.01
C SER D 179 -2.21 -25.28 27.24
N THR D 180 -2.49 -24.15 26.59
CA THR D 180 -1.40 -23.30 26.16
C THR D 180 -0.63 -22.81 27.40
N VAL D 181 0.64 -22.44 27.20
CA VAL D 181 1.52 -22.02 28.28
C VAL D 181 2.25 -20.76 27.86
N ALA D 182 2.14 -19.72 28.68
CA ALA D 182 2.84 -18.47 28.43
C ALA D 182 4.20 -18.47 29.13
N SER D 183 5.03 -17.50 28.75
CA SER D 183 6.30 -17.25 29.41
C SER D 183 6.10 -16.40 30.67
N ASP D 184 7.17 -16.30 31.46
CA ASP D 184 7.29 -15.25 32.47
C ASP D 184 8.10 -14.14 31.83
N GLU D 185 7.98 -12.93 32.34
CA GLU D 185 8.68 -11.85 31.64
C GLU D 185 8.43 -10.49 32.26
N LYS D 186 7.93 -9.58 31.42
CA LYS D 186 6.99 -8.51 31.76
C LYS D 186 7.44 -7.19 31.17
N VAL D 193 2.80 -10.58 25.92
CA VAL D 193 3.39 -11.77 26.56
C VAL D 193 3.61 -12.91 25.58
N PRO D 194 4.86 -13.34 25.45
CA PRO D 194 5.17 -14.48 24.58
C PRO D 194 4.57 -15.78 25.11
N ARG D 195 4.13 -16.62 24.18
CA ARG D 195 3.56 -17.92 24.51
C ARG D 195 4.53 -18.96 23.99
N LEU D 196 4.78 -19.98 24.82
CA LEU D 196 5.84 -20.96 24.58
C LEU D 196 5.35 -22.21 23.84
N GLY D 197 4.19 -22.73 24.20
CA GLY D 197 3.68 -23.93 23.55
C GLY D 197 2.47 -24.47 24.26
N LEU D 198 2.35 -25.78 24.22
CA LEU D 198 1.19 -26.50 24.73
C LEU D 198 1.71 -27.57 25.67
N GLN D 199 0.94 -27.86 26.72
CA GLN D 199 1.40 -28.82 27.72
C GLN D 199 0.20 -29.56 28.29
N ALA D 200 0.40 -30.83 28.59
CA ALA D 200 -0.64 -31.67 29.17
C ALA D 200 -0.61 -31.54 30.69
N PHE D 201 -1.80 -31.41 31.29
CA PHE D 201 -1.97 -31.29 32.73
C PHE D 201 -3.11 -32.20 33.17
N ASP D 202 -3.18 -32.45 34.49
CA ASP D 202 -4.38 -33.04 35.05
C ASP D 202 -5.34 -31.90 35.44
N ALA D 203 -6.51 -32.27 35.95
CA ALA D 203 -7.56 -31.30 36.22
C ALA D 203 -7.14 -30.29 37.27
N GLU D 204 -6.16 -30.63 38.11
CA GLU D 204 -5.69 -29.73 39.16
C GLU D 204 -4.63 -28.76 38.65
N GLY D 205 -4.25 -28.86 37.38
CA GLY D 205 -3.21 -28.00 36.87
C GLY D 205 -1.83 -28.52 37.16
N ASN D 206 -1.72 -29.80 37.55
CA ASN D 206 -0.43 -30.45 37.72
C ASN D 206 0.06 -30.94 36.35
N PRO D 207 1.29 -30.62 35.97
CA PRO D 207 1.77 -31.07 34.66
C PRO D 207 1.78 -32.58 34.58
N ALA D 208 1.27 -33.11 33.44
CA ALA D 208 1.28 -34.52 33.17
C ALA D 208 2.25 -34.89 32.06
N GLY D 209 2.97 -33.92 31.51
CA GLY D 209 3.94 -34.16 30.47
C GLY D 209 4.74 -32.89 30.26
N ASN D 210 5.76 -33.00 29.42
CA ASN D 210 6.65 -31.89 29.11
C ASN D 210 5.99 -30.88 28.17
N LEU D 211 6.55 -29.67 28.17
CA LEU D 211 6.08 -28.63 27.28
C LEU D 211 6.47 -28.92 25.83
N ALA D 212 5.49 -28.87 24.93
CA ALA D 212 5.75 -29.01 23.50
C ALA D 212 5.91 -27.63 22.90
N THR D 213 7.07 -27.36 22.31
CA THR D 213 7.32 -26.04 21.76
C THR D 213 6.33 -25.72 20.64
N CYS D 214 5.70 -24.56 20.74
CA CYS D 214 4.80 -24.03 19.72
C CYS D 214 4.75 -22.54 19.98
N THR D 215 5.73 -21.83 19.44
CA THR D 215 5.91 -20.42 19.75
C THR D 215 4.73 -19.61 19.26
N GLY D 216 4.21 -18.72 20.11
CA GLY D 216 3.05 -17.95 19.69
C GLY D 216 1.80 -18.77 19.44
N ILE D 217 1.73 -19.98 20.00
CA ILE D 217 0.68 -20.95 19.76
C ILE D 217 -0.66 -20.22 19.67
N HIS D 218 -1.43 -20.50 18.61
CA HIS D 218 -2.69 -19.80 18.38
C HIS D 218 -3.56 -20.59 17.41
N GLY D 219 -4.84 -20.69 17.72
CA GLY D 219 -5.76 -21.49 16.94
C GLY D 219 -5.72 -22.96 17.29
N GLU D 220 -6.86 -23.64 17.27
CA GLU D 220 -6.91 -25.07 17.54
C GLU D 220 -8.17 -25.64 16.93
N ALA D 221 -8.11 -26.94 16.62
CA ALA D 221 -9.24 -27.67 16.14
C ALA D 221 -8.93 -29.15 16.34
N PHE D 222 -9.98 -29.95 16.28
CA PHE D 222 -9.91 -31.40 16.29
C PHE D 222 -10.35 -31.95 14.96
N SER D 223 -9.69 -33.01 14.52
CA SER D 223 -10.15 -33.84 13.42
C SER D 223 -9.68 -35.25 13.70
N GLY D 224 -10.63 -36.18 13.71
CA GLY D 224 -10.29 -37.57 13.98
C GLY D 224 -9.61 -37.70 15.31
N ALA D 225 -8.43 -38.32 15.30
CA ALA D 225 -7.73 -38.55 16.56
C ALA D 225 -6.89 -37.36 16.98
N TYR D 226 -6.94 -36.25 16.24
CA TYR D 226 -5.93 -35.21 16.36
C TYR D 226 -6.50 -33.90 16.86
N LEU D 227 -5.74 -33.29 17.76
CA LEU D 227 -5.83 -31.87 18.06
C LEU D 227 -4.69 -31.21 17.31
N ALA D 228 -4.95 -30.02 16.78
CA ALA D 228 -3.96 -29.22 16.07
C ALA D 228 -3.99 -27.79 16.59
N ALA D 229 -2.84 -27.14 16.58
CA ALA D 229 -2.71 -25.74 16.97
C ALA D 229 -1.63 -25.07 16.12
N GLY D 230 -1.83 -23.79 15.85
CA GLY D 230 -0.90 -23.05 15.00
C GLY D 230 0.29 -22.53 15.80
N CYS D 231 1.46 -22.57 15.17
CA CYS D 231 2.74 -22.17 15.76
C CYS D 231 3.53 -21.32 14.79
N LYS D 232 4.55 -20.67 15.34
CA LYS D 232 5.51 -19.98 14.51
C LYS D 232 6.29 -20.97 13.64
N GLU D 233 6.58 -22.15 14.19
CA GLU D 233 7.41 -23.13 13.48
C GLU D 233 6.61 -24.03 12.55
N GLY D 234 5.31 -24.02 12.64
CA GLY D 234 4.50 -25.00 11.95
C GLY D 234 3.19 -25.21 12.70
N VAL D 235 2.64 -26.40 12.55
CA VAL D 235 1.38 -26.77 13.18
C VAL D 235 1.64 -27.94 14.10
N LEU D 236 1.28 -27.76 15.37
CA LEU D 236 1.42 -28.82 16.37
C LEU D 236 0.19 -29.73 16.35
N THR D 237 0.41 -31.03 16.27
CA THR D 237 -0.66 -32.01 16.39
C THR D 237 -0.46 -32.90 17.62
N VAL D 238 -1.57 -33.35 18.19
CA VAL D 238 -1.53 -34.20 19.37
C VAL D 238 -2.61 -35.26 19.23
N LYS D 239 -2.27 -36.52 19.52
CA LYS D 239 -3.26 -37.59 19.67
C LYS D 239 -3.12 -38.22 21.05
N ALA D 240 -4.23 -38.69 21.59
CA ALA D 240 -4.21 -39.38 22.88
C ALA D 240 -3.60 -40.78 22.75
N GLY D 241 -2.46 -41.00 23.41
CA GLY D 241 -1.78 -42.28 23.40
C GLY D 241 -1.81 -42.96 24.76
N ALA D 242 -1.32 -44.20 24.77
CA ALA D 242 -1.30 -45.00 26.00
C ALA D 242 -0.34 -44.41 27.04
N ASN D 243 0.77 -43.80 26.59
CA ASN D 243 1.71 -43.16 27.50
C ASN D 243 1.41 -41.67 27.68
N GLY D 244 0.20 -41.24 27.35
CA GLY D 244 -0.11 -39.85 27.45
C GLY D 244 -0.18 -39.20 26.08
N SER D 245 -0.06 -37.88 26.07
CA SER D 245 -0.22 -37.11 24.85
C SER D 245 0.96 -37.35 23.90
N GLU D 246 0.65 -37.60 22.63
CA GLU D 246 1.66 -37.86 21.60
C GLU D 246 1.76 -36.63 20.71
N TYR D 247 2.86 -35.92 20.83
CA TYR D 247 3.10 -34.68 20.09
C TYR D 247 3.85 -34.96 18.80
N LYS D 248 3.47 -34.23 17.75
CA LYS D 248 4.30 -34.18 16.55
C LYS D 248 4.01 -32.85 15.88
N LEU D 249 5.04 -32.03 15.79
CA LEU D 249 4.94 -30.75 15.10
C LEU D 249 5.15 -30.99 13.60
N LEU D 250 4.28 -30.38 12.76
CA LEU D 250 4.39 -30.38 11.32
C LEU D 250 5.08 -29.08 10.90
N PRO D 251 6.38 -29.08 10.65
CA PRO D 251 7.08 -27.83 10.34
C PRO D 251 6.62 -27.31 8.99
N TYR D 252 6.48 -25.99 8.88
CA TYR D 252 6.05 -25.38 7.63
C TYR D 252 7.05 -25.72 6.51
N PRO D 253 6.60 -26.25 5.38
CA PRO D 253 7.55 -26.54 4.30
C PRO D 253 8.20 -25.27 3.77
N ALA D 254 9.43 -25.43 3.27
CA ALA D 254 10.20 -24.31 2.74
C ALA D 254 9.54 -23.68 1.52
N ASP D 255 8.74 -24.45 0.76
CA ASP D 255 8.03 -23.92 -0.41
C ASP D 255 6.93 -22.94 -0.04
N LEU D 256 6.53 -22.88 1.23
CA LEU D 256 5.48 -21.98 1.65
C LEU D 256 6.03 -20.56 1.81
N PRO D 257 5.19 -19.54 1.59
CA PRO D 257 5.62 -18.16 1.84
C PRO D 257 6.22 -18.02 3.22
N GLN D 258 7.29 -17.23 3.31
CA GLN D 258 8.08 -17.18 4.55
C GLN D 258 7.62 -16.10 5.51
N GLY D 259 7.85 -16.34 6.79
CA GLY D 259 7.54 -15.37 7.82
C GLY D 259 6.08 -15.22 8.18
N VAL D 260 5.22 -16.13 7.72
CA VAL D 260 3.79 -16.02 7.96
C VAL D 260 3.38 -17.35 8.58
N THR D 261 2.20 -17.38 9.22
CA THR D 261 1.84 -18.56 10.00
C THR D 261 0.37 -18.92 9.86
N THR D 262 0.05 -20.10 10.38
CA THR D 262 -1.31 -20.57 10.58
C THR D 262 -1.77 -20.18 11.98
N GLY D 263 -2.85 -19.42 12.07
CA GLY D 263 -3.33 -19.05 13.40
C GLY D 263 -4.80 -19.39 13.60
N THR D 264 -5.46 -19.93 12.59
CA THR D 264 -6.87 -20.30 12.67
C THR D 264 -7.07 -21.65 12.01
N LEU D 265 -7.74 -22.59 12.69
CA LEU D 265 -7.86 -23.97 12.22
C LEU D 265 -9.31 -24.46 12.24
N LEU D 266 -9.69 -25.20 11.20
CA LEU D 266 -10.94 -25.96 11.13
C LEU D 266 -10.63 -27.44 10.99
N GLY D 267 -11.40 -28.27 11.68
CA GLY D 267 -11.19 -29.71 11.63
C GLY D 267 -12.30 -30.37 10.84
N SER D 268 -11.90 -31.15 9.84
CA SER D 268 -12.83 -31.89 9.01
C SER D 268 -13.50 -33.04 9.74
N THR D 269 -14.81 -33.23 9.49
CA THR D 269 -15.54 -34.42 9.93
C THR D 269 -15.49 -35.53 8.89
N GLY D 270 -14.95 -35.24 7.71
CA GLY D 270 -14.91 -36.27 6.68
C GLY D 270 -13.51 -36.84 6.57
N ILE D 271 -12.74 -36.45 5.55
CA ILE D 271 -11.37 -36.92 5.58
C ILE D 271 -10.70 -36.32 6.82
N GLN D 272 -9.59 -36.93 7.21
CA GLN D 272 -8.92 -36.52 8.43
C GLN D 272 -7.88 -35.49 8.05
N VAL D 273 -8.29 -34.22 8.10
CA VAL D 273 -7.47 -33.12 7.61
C VAL D 273 -7.97 -31.85 8.30
N PHE D 274 -7.10 -30.86 8.42
CA PHE D 274 -7.46 -29.54 8.93
C PHE D 274 -7.35 -28.53 7.79
N LEU D 275 -8.15 -27.48 7.85
CA LEU D 275 -7.99 -26.32 6.99
C LEU D 275 -7.56 -25.17 7.88
N GLY D 276 -6.42 -24.59 7.57
CA GLY D 276 -5.93 -23.44 8.32
C GLY D 276 -5.71 -22.26 7.39
N ASN D 277 -5.68 -21.05 7.96
CA ASN D 277 -5.14 -19.95 7.18
C ASN D 277 -3.63 -20.13 7.07
N TYR D 278 -3.02 -19.35 6.17
CA TYR D 278 -1.56 -19.25 6.09
C TYR D 278 -1.29 -17.84 5.57
N GLY D 279 -1.07 -16.91 6.49
CA GLY D 279 -1.07 -15.52 6.12
C GLY D 279 -2.48 -15.02 5.88
N PRO D 280 -2.64 -13.73 5.61
CA PRO D 280 -4.00 -13.19 5.41
C PRO D 280 -4.62 -13.61 4.08
N ASP D 281 -3.83 -14.05 3.10
CA ASP D 281 -4.37 -14.36 1.79
C ASP D 281 -4.03 -15.78 1.35
N GLY D 282 -3.81 -16.70 2.29
CA GLY D 282 -3.51 -18.08 1.94
C GLY D 282 -4.24 -19.08 2.82
N LEU D 283 -4.39 -20.31 2.31
CA LEU D 283 -4.92 -21.42 3.07
C LEU D 283 -3.91 -22.57 3.02
N VAL D 284 -3.95 -23.45 4.02
CA VAL D 284 -3.26 -24.74 3.92
C VAL D 284 -4.22 -25.87 4.32
N VAL D 285 -4.29 -26.90 3.48
CA VAL D 285 -4.89 -28.16 3.89
C VAL D 285 -3.80 -28.95 4.61
N ILE D 286 -4.06 -29.33 5.85
CA ILE D 286 -3.06 -29.91 6.73
C ILE D 286 -3.45 -31.38 6.97
N ASP D 287 -2.61 -32.31 6.53
CA ASP D 287 -2.83 -33.73 6.77
C ASP D 287 -1.91 -34.17 7.91
N PRO D 288 -2.46 -34.55 9.06
CA PRO D 288 -1.61 -34.88 10.22
C PRO D 288 -0.93 -36.23 10.12
N VAL D 289 -1.39 -37.12 9.22
CA VAL D 289 -0.84 -38.46 9.13
C VAL D 289 0.16 -38.57 7.98
N ASP D 290 -0.31 -38.34 6.75
CA ASP D 290 0.45 -38.64 5.55
C ASP D 290 0.99 -37.37 4.92
N GLU D 291 2.11 -37.52 4.19
CA GLU D 291 2.63 -36.49 3.32
C GLU D 291 1.83 -36.43 2.02
N PRO D 292 1.69 -35.23 1.41
CA PRO D 292 2.26 -33.99 1.95
C PRO D 292 1.42 -33.45 3.10
N HIS D 293 2.10 -32.97 4.14
CA HIS D 293 1.36 -32.51 5.30
C HIS D 293 0.63 -31.21 4.99
N TYR D 294 1.15 -30.44 4.04
CA TYR D 294 0.66 -29.14 3.64
C TYR D 294 0.36 -29.11 2.15
N ARG D 295 -0.78 -28.51 1.81
CA ARG D 295 -1.07 -28.09 0.44
C ARG D 295 -1.58 -26.66 0.48
N TYR D 296 -0.87 -25.76 -0.19
CA TYR D 296 -1.13 -24.32 -0.10
C TYR D 296 -2.15 -23.85 -1.12
N ILE D 297 -3.00 -22.92 -0.71
CA ILE D 297 -3.96 -22.28 -1.60
C ILE D 297 -3.79 -20.78 -1.49
N LYS D 298 -3.45 -20.13 -2.60
CA LYS D 298 -3.35 -18.68 -2.68
C LYS D 298 -4.75 -18.11 -2.88
N LEU D 299 -5.16 -17.24 -2.03
CA LEU D 299 -6.44 -16.61 -2.22
C LEU D 299 -6.30 -15.36 -3.10
N PRO D 300 -7.31 -15.03 -3.90
CA PRO D 300 -7.21 -13.83 -4.75
C PRO D 300 -7.34 -12.53 -4.00
N PHE D 301 -8.00 -12.54 -2.83
CA PHE D 301 -8.10 -11.42 -1.91
C PHE D 301 -7.96 -11.98 -0.49
N ARG D 302 -7.83 -11.10 0.49
CA ARG D 302 -7.59 -11.58 1.84
C ARG D 302 -8.84 -12.24 2.41
N ARG D 303 -8.62 -13.19 3.34
CA ARG D 303 -9.67 -14.03 3.88
C ARG D 303 -10.48 -13.28 4.93
N VAL D 304 -11.80 -13.39 4.86
CA VAL D 304 -12.72 -12.86 5.88
C VAL D 304 -13.11 -13.91 6.91
N ASP D 305 -13.50 -15.09 6.42
CA ASP D 305 -13.98 -16.19 7.25
C ASP D 305 -13.98 -17.44 6.37
N PHE D 306 -14.10 -18.61 7.00
CA PHE D 306 -14.22 -19.86 6.27
C PHE D 306 -14.97 -20.89 7.11
N ALA D 307 -15.31 -22.02 6.46
CA ALA D 307 -16.05 -23.11 7.09
C ALA D 307 -15.85 -24.38 6.27
N LEU D 308 -16.03 -25.53 6.94
CA LEU D 308 -16.03 -26.84 6.29
C LEU D 308 -17.45 -27.41 6.23
N ASP D 309 -17.74 -28.15 5.17
CA ASP D 309 -19.07 -28.70 4.95
C ASP D 309 -19.13 -30.13 5.48
N PRO D 310 -19.78 -30.39 6.62
CA PRO D 310 -19.87 -31.78 7.15
C PRO D 310 -20.67 -32.76 6.27
N ALA D 311 -21.53 -32.27 5.38
CA ALA D 311 -22.28 -33.13 4.45
C ALA D 311 -21.41 -33.75 3.38
N LYS D 312 -20.17 -33.31 3.23
CA LYS D 312 -19.29 -33.77 2.18
C LYS D 312 -17.98 -34.24 2.77
N PRO D 313 -17.24 -35.11 2.07
CA PRO D 313 -16.00 -35.64 2.66
C PRO D 313 -14.85 -34.65 2.62
N SER D 314 -14.91 -33.64 1.77
CA SER D 314 -13.73 -32.81 1.57
C SER D 314 -14.03 -31.52 0.82
N THR D 315 -14.99 -30.77 1.31
CA THR D 315 -15.39 -29.52 0.69
C THR D 315 -15.43 -28.49 1.80
N GLY D 316 -14.91 -27.31 1.49
CA GLY D 316 -15.03 -26.17 2.38
C GLY D 316 -15.41 -24.92 1.60
N TYR D 317 -15.61 -23.84 2.37
CA TYR D 317 -16.02 -22.55 1.84
C TYR D 317 -15.20 -21.46 2.52
N VAL D 318 -14.76 -20.48 1.73
CA VAL D 318 -13.99 -19.36 2.24
C VAL D 318 -14.55 -18.09 1.62
N LEU D 319 -14.77 -17.09 2.46
CA LEU D 319 -15.24 -15.79 2.01
C LEU D 319 -14.05 -14.83 1.97
N THR D 320 -13.85 -14.16 0.85
CA THR D 320 -12.71 -13.25 0.75
C THR D 320 -13.20 -11.78 0.72
N GLU D 321 -12.24 -10.86 0.93
CA GLU D 321 -12.59 -9.47 1.26
C GLU D 321 -13.26 -8.72 0.13
N ASP D 322 -13.25 -9.25 -1.10
CA ASP D 322 -14.01 -8.67 -2.20
C ASP D 322 -15.50 -9.01 -2.13
N GLY D 323 -15.93 -9.82 -1.17
CA GLY D 323 -17.30 -10.28 -1.13
C GLY D 323 -17.59 -11.58 -1.85
N SER D 324 -16.56 -12.28 -2.33
CA SER D 324 -16.77 -13.57 -3.02
C SER D 324 -16.72 -14.76 -2.05
N LEU D 325 -17.62 -15.70 -2.25
CA LEU D 325 -17.56 -17.00 -1.60
C LEU D 325 -16.96 -18.01 -2.58
N HIS D 326 -15.96 -18.77 -2.11
CA HIS D 326 -15.28 -19.78 -2.92
C HIS D 326 -15.47 -21.16 -2.33
N ARG D 327 -15.76 -22.14 -3.20
CA ARG D 327 -15.76 -23.54 -2.79
C ARG D 327 -14.34 -24.10 -2.91
N ILE D 328 -13.84 -24.70 -1.83
CA ILE D 328 -12.52 -25.32 -1.77
C ILE D 328 -12.67 -26.83 -1.86
N ASP D 329 -11.95 -27.42 -2.80
CA ASP D 329 -11.75 -28.88 -2.85
C ASP D 329 -10.53 -29.19 -1.98
N LEU D 330 -10.75 -29.84 -0.84
CA LEU D 330 -9.64 -30.07 0.09
C LEU D 330 -8.64 -31.11 -0.44
N LEU D 331 -9.09 -32.11 -1.23
CA LEU D 331 -8.13 -33.06 -1.76
C LEU D 331 -7.27 -32.45 -2.86
N LYS D 332 -7.87 -31.67 -3.75
CA LYS D 332 -7.05 -31.06 -4.78
C LYS D 332 -6.34 -29.82 -4.28
N ALA D 333 -6.74 -29.32 -3.11
CA ALA D 333 -6.19 -28.08 -2.58
C ALA D 333 -6.36 -26.97 -3.61
N GLU D 334 -7.61 -26.75 -4.05
CA GLU D 334 -7.83 -25.63 -4.92
C GLU D 334 -9.24 -25.08 -4.80
N ILE D 335 -9.36 -23.82 -5.21
CA ILE D 335 -10.67 -23.21 -5.41
C ILE D 335 -11.27 -23.76 -6.69
N VAL D 336 -12.52 -24.23 -6.59
CA VAL D 336 -13.20 -24.85 -7.72
C VAL D 336 -14.44 -24.09 -8.14
N ALA D 337 -14.88 -23.07 -7.40
CA ALA D 337 -16.03 -22.31 -7.84
C ALA D 337 -16.11 -21.04 -7.02
N SER D 338 -16.63 -19.98 -7.62
CA SER D 338 -16.70 -18.69 -6.94
C SER D 338 -17.98 -17.96 -7.35
N ALA D 339 -18.43 -17.11 -6.44
CA ALA D 339 -19.57 -16.22 -6.66
C ALA D 339 -19.50 -15.06 -5.69
N LYS D 340 -19.95 -13.89 -6.14
CA LYS D 340 -20.06 -12.74 -5.26
C LYS D 340 -21.29 -12.89 -4.38
N VAL D 341 -21.12 -12.72 -3.07
CA VAL D 341 -22.27 -12.89 -2.17
C VAL D 341 -22.53 -11.64 -1.33
N THR D 342 -21.51 -10.85 -1.04
CA THR D 342 -21.73 -9.58 -0.32
C THR D 342 -20.97 -8.45 -1.00
N GLU D 343 -21.24 -7.22 -0.55
CA GLU D 343 -20.38 -6.09 -0.88
C GLU D 343 -18.99 -6.33 -0.26
N PRO D 344 -17.98 -5.61 -0.73
CA PRO D 344 -16.63 -5.78 -0.19
C PRO D 344 -16.52 -5.33 1.27
N TYR D 345 -15.65 -6.00 2.00
CA TYR D 345 -15.37 -5.65 3.40
C TYR D 345 -13.87 -5.80 3.52
N SER D 346 -13.15 -4.71 3.32
CA SER D 346 -11.70 -4.77 3.35
C SER D 346 -11.20 -5.38 4.65
N MET D 347 -10.13 -6.17 4.55
CA MET D 347 -9.48 -6.69 5.74
C MET D 347 -8.51 -5.69 6.34
N ASP D 348 -8.45 -4.48 5.79
CA ASP D 348 -7.72 -3.41 6.45
C ASP D 348 -8.40 -3.04 7.75
N GLY D 349 -7.60 -2.61 8.73
CA GLY D 349 -8.14 -2.18 9.99
C GLY D 349 -8.04 -3.26 11.05
N HIS D 350 -8.93 -3.15 12.02
CA HIS D 350 -8.89 -4.03 13.17
C HIS D 350 -9.67 -5.32 12.87
N TRP D 351 -9.16 -6.44 13.40
CA TRP D 351 -9.76 -7.74 13.11
C TRP D 351 -11.21 -7.83 13.57
N ASN D 352 -11.62 -7.04 14.58
CA ASN D 352 -12.95 -7.18 15.16
C ASN D 352 -13.95 -6.15 14.61
N ASP D 353 -13.64 -5.50 13.48
CA ASP D 353 -14.58 -4.61 12.83
C ASP D 353 -15.76 -5.40 12.23
N PRO D 354 -16.87 -4.71 11.94
CA PRO D 354 -18.04 -5.41 11.38
C PRO D 354 -17.74 -6.00 10.01
N ARG D 355 -17.82 -7.33 9.92
CA ARG D 355 -17.57 -8.07 8.68
C ARG D 355 -18.48 -9.30 8.64
N PRO D 356 -18.72 -9.85 7.46
CA PRO D 356 -19.51 -11.07 7.37
C PRO D 356 -18.85 -12.20 8.15
N ARG D 357 -19.69 -13.13 8.62
CA ARG D 357 -19.30 -14.41 9.19
C ARG D 357 -20.14 -15.50 8.52
N ILE D 358 -19.57 -16.68 8.38
CA ILE D 358 -20.30 -17.74 7.69
C ILE D 358 -20.43 -18.98 8.56
N ALA D 359 -21.46 -19.78 8.27
CA ALA D 359 -21.70 -21.04 8.95
C ALA D 359 -22.51 -21.92 8.02
N MET D 360 -22.48 -23.22 8.28
CA MET D 360 -23.18 -24.18 7.44
C MET D 360 -24.56 -24.49 8.01
N ALA D 361 -25.50 -24.75 7.12
CA ALA D 361 -26.83 -25.21 7.50
C ALA D 361 -27.28 -26.20 6.41
N GLY D 362 -26.83 -27.45 6.56
CA GLY D 362 -27.25 -28.46 5.62
C GLY D 362 -26.73 -28.15 4.23
N ASP D 363 -27.63 -28.03 3.25
CA ASP D 363 -27.23 -27.73 1.88
C ASP D 363 -27.13 -26.24 1.60
N GLU D 364 -27.02 -25.42 2.65
CA GLU D 364 -26.83 -23.98 2.50
C GLU D 364 -25.67 -23.51 3.34
N ILE D 365 -25.07 -22.41 2.92
CA ILE D 365 -24.22 -21.57 3.77
C ILE D 365 -25.02 -20.34 4.15
N VAL D 366 -24.99 -19.98 5.44
CA VAL D 366 -25.56 -18.72 5.91
C VAL D 366 -24.42 -17.72 6.12
N VAL D 367 -24.61 -16.49 5.61
CA VAL D 367 -23.59 -15.47 5.69
C VAL D 367 -24.22 -14.24 6.33
N THR D 368 -23.64 -13.78 7.44
CA THR D 368 -24.12 -12.52 8.00
C THR D 368 -23.55 -11.36 7.19
N ASP D 369 -24.33 -10.28 7.10
CA ASP D 369 -23.98 -9.11 6.30
C ASP D 369 -24.27 -7.88 7.14
N PRO D 370 -23.32 -7.44 7.96
CA PRO D 370 -23.66 -6.39 8.94
C PRO D 370 -24.29 -5.15 8.28
N ASN D 371 -23.69 -4.67 7.19
CA ASN D 371 -24.18 -3.44 6.58
C ASN D 371 -25.56 -3.62 5.96
N ALA D 372 -25.86 -4.79 5.43
CA ALA D 372 -27.15 -5.05 4.80
C ALA D 372 -28.24 -5.43 5.79
N GLY D 373 -27.90 -5.61 7.07
CA GLY D 373 -28.89 -6.00 8.06
C GLY D 373 -29.51 -7.36 7.83
N LEU D 374 -28.77 -8.31 7.27
CA LEU D 374 -29.42 -9.57 6.94
C LEU D 374 -28.45 -10.74 7.07
N VAL D 375 -29.03 -11.93 7.05
CA VAL D 375 -28.29 -13.16 6.87
C VAL D 375 -28.66 -13.69 5.49
N ARG D 376 -27.66 -14.00 4.66
CA ARG D 376 -27.90 -14.50 3.32
C ARG D 376 -27.80 -16.02 3.28
N ARG D 377 -28.70 -16.65 2.53
CA ARG D 377 -28.72 -18.09 2.36
C ARG D 377 -28.14 -18.43 0.99
N ILE D 378 -27.02 -19.17 0.99
CA ILE D 378 -26.32 -19.52 -0.24
C ILE D 378 -26.37 -21.03 -0.40
N ALA D 379 -26.81 -21.49 -1.57
CA ALA D 379 -26.86 -22.91 -1.89
C ALA D 379 -25.45 -23.45 -2.07
N THR D 380 -25.15 -24.58 -1.42
CA THR D 380 -23.84 -25.17 -1.59
C THR D 380 -23.68 -25.81 -2.97
N GLU D 381 -24.77 -26.33 -3.55
CA GLU D 381 -24.66 -27.02 -4.82
C GLU D 381 -24.10 -26.11 -5.91
N ASP D 382 -24.49 -24.83 -5.93
CA ASP D 382 -24.10 -23.97 -7.04
C ASP D 382 -23.80 -22.53 -6.64
N LEU D 383 -23.71 -22.21 -5.35
CA LEU D 383 -23.35 -20.89 -4.84
C LEU D 383 -24.34 -19.78 -5.19
N SER D 384 -25.57 -20.12 -5.55
CA SER D 384 -26.60 -19.13 -5.82
C SER D 384 -27.22 -18.56 -4.53
N GLU D 385 -27.76 -17.35 -4.65
CA GLU D 385 -28.46 -16.68 -3.54
C GLU D 385 -29.88 -17.20 -3.46
N ARG D 386 -30.18 -18.01 -2.44
CA ARG D 386 -31.51 -18.60 -2.27
C ARG D 386 -32.48 -17.77 -1.48
N GLY D 387 -32.03 -16.70 -0.86
CA GLY D 387 -32.92 -15.87 -0.08
C GLY D 387 -32.12 -15.16 0.98
N THR D 388 -32.79 -14.23 1.65
CA THR D 388 -32.19 -13.50 2.74
C THR D 388 -33.18 -13.45 3.91
N VAL D 389 -32.63 -13.22 5.10
CA VAL D 389 -33.42 -13.16 6.31
C VAL D 389 -33.06 -11.85 7.01
N PRO D 390 -33.99 -10.91 7.14
CA PRO D 390 -33.67 -9.65 7.82
C PRO D 390 -33.50 -9.86 9.33
N VAL D 391 -32.47 -9.23 9.87
CA VAL D 391 -32.26 -9.22 11.31
C VAL D 391 -31.92 -7.80 11.71
N GLU D 392 -32.29 -7.46 12.92
CA GLU D 392 -32.09 -6.13 13.48
C GLU D 392 -30.61 -5.81 13.62
N GLY D 393 -30.25 -4.57 13.31
CA GLY D 393 -28.94 -4.08 13.68
C GLY D 393 -27.89 -4.40 12.64
N LYS D 394 -26.68 -4.72 13.12
CA LYS D 394 -25.52 -5.08 12.30
C LYS D 394 -25.16 -6.52 12.62
N PRO D 395 -25.84 -7.49 12.00
CA PRO D 395 -25.55 -8.90 12.30
C PRO D 395 -24.09 -9.26 12.00
N TYR D 396 -23.46 -9.90 12.98
CA TYR D 396 -22.02 -10.14 12.96
C TYR D 396 -21.72 -11.62 13.19
N ASN D 397 -21.43 -12.02 14.43
CA ASN D 397 -21.10 -13.42 14.66
C ASN D 397 -22.31 -14.33 14.55
N ILE D 398 -22.07 -15.59 14.24
CA ILE D 398 -23.16 -16.50 13.90
C ILE D 398 -22.84 -17.90 14.36
N ALA D 399 -23.89 -18.64 14.73
CA ALA D 399 -23.80 -20.06 15.02
C ALA D 399 -25.10 -20.71 14.59
N VAL D 400 -25.02 -22.00 14.28
CA VAL D 400 -26.16 -22.74 13.74
C VAL D 400 -26.39 -23.95 14.62
N THR D 401 -27.66 -24.22 14.92
CA THR D 401 -28.09 -25.40 15.65
C THR D 401 -29.13 -26.14 14.83
N GLY D 402 -29.40 -27.38 15.21
CA GLY D 402 -30.38 -28.18 14.49
C GLY D 402 -29.71 -29.04 13.43
N GLY D 403 -30.54 -29.55 12.53
CA GLY D 403 -30.18 -30.48 11.46
C GLY D 403 -31.35 -31.41 11.16
N SER D 404 -31.00 -32.61 10.71
CA SER D 404 -31.97 -33.63 10.33
C SER D 404 -31.99 -34.70 11.39
N GLY D 405 -33.20 -35.19 11.66
CA GLY D 405 -33.49 -36.22 12.63
C GLY D 405 -34.86 -36.80 12.33
N VAL D 406 -35.32 -37.67 13.23
CA VAL D 406 -36.60 -38.35 13.10
C VAL D 406 -37.58 -37.92 14.18
N THR D 407 -38.86 -37.90 13.81
CA THR D 407 -39.97 -37.78 14.75
C THR D 407 -40.86 -39.00 14.54
N HIS D 408 -41.49 -39.49 15.60
CA HIS D 408 -42.30 -40.70 15.48
C HIS D 408 -43.79 -40.43 15.63
ZN ZN E . -14.67 23.98 24.70
ZN ZN F . 17.13 37.96 3.54
ZN ZN G . 26.26 15.01 0.30
ZN ZN H . 25.82 -19.60 -20.43
ZN ZN I . 0.97 -15.30 -26.87
ZN ZN J . -20.66 0.17 -57.08
C1 PEG K . 12.08 -25.37 -45.39
O1 PEG K . 12.52 -26.61 -45.89
C2 PEG K . 12.56 -25.11 -43.95
O2 PEG K . 13.86 -24.56 -43.91
C3 PEG K . 14.43 -24.39 -42.64
C4 PEG K . 15.92 -24.08 -42.75
O4 PEG K . 16.62 -25.22 -43.21
H11 PEG K . 12.42 -24.67 -45.96
H12 PEG K . 11.12 -25.36 -45.41
HO1 PEG K . 13.34 -26.72 -45.70
H21 PEG K . 11.95 -24.49 -43.53
H22 PEG K . 12.56 -25.93 -43.46
H31 PEG K . 13.98 -23.66 -42.18
H32 PEG K . 14.31 -25.21 -42.13
H41 PEG K . 16.05 -23.36 -43.39
H42 PEG K . 16.26 -23.82 -41.89
HO4 PEG K . 17.42 -25.20 -42.90
ZN ZN L . -36.43 -42.62 16.71
ZN ZN M . -7.31 -15.71 19.52
#